data_6QKK
#
_entry.id   6QKK
#
_cell.length_a   210.995
_cell.length_b   131.583
_cell.length_c   131.825
_cell.angle_alpha   90.00
_cell.angle_beta   102.77
_cell.angle_gamma   90.00
#
_symmetry.space_group_name_H-M   'C 1 2 1'
#
loop_
_entity.id
_entity.type
_entity.pdbx_description
1 polymer 'Soluble acetylcholine receptor'
2 non-polymer 4-[5-[(1~{R},2~{R},4~{S})-7-azabicyclo[2.2.1]heptan-2-yl]-2-fluoranyl-pyridin-3-yl]benzamide
3 non-polymer 'PHOSPHATE ION'
4 non-polymer 1,2-ETHANEDIOL
5 non-polymer 2-acetamido-2-deoxy-beta-D-glucopyranose
6 non-polymer 'OXALATE ION'
7 water water
#
_entity_poly.entity_id   1
_entity_poly.type   'polypeptide(L)'
_entity_poly.pdbx_seq_one_letter_code
;MLVSVYLALLVACVGQAHSQANLMRLKSDLFNRSPMYPGPTKDDPLTVTLGFTLQDIVKVDSSTNEVDLVYYEQQRWKLN
SLMWDPNEYGNITDFRTSAADIWTPDITAYSSTRPVQVLSPQIAVVTHDGSVMFIPAQRLSFMCDPTGVDSEEGVTCAVK
FGSWVYSGFEIDLKTDTDQVDLSSYYASSKYEILSATQTRQVQHYSCCPEPYIDVNLVVKFRERRAGNGFFRNLFDENLY
FQGHHHHHH
;
_entity_poly.pdbx_strand_id   A,B,C,D,E,F,G,H,I,J
#
# COMPACT_ATOMS: atom_id res chain seq x y z
N GLN A 20 -6.17 7.21 25.15
CA GLN A 20 -6.30 5.86 25.78
C GLN A 20 -7.22 4.98 24.93
N ALA A 21 -7.31 3.70 25.33
CA ALA A 21 -7.70 2.60 24.44
C ALA A 21 -9.14 2.73 23.95
N ASN A 22 -10.07 3.09 24.84
CA ASN A 22 -11.50 3.12 24.50
C ASN A 22 -11.77 4.20 23.45
N LEU A 23 -11.11 5.35 23.56
CA LEU A 23 -11.32 6.44 22.62
C LEU A 23 -10.70 6.06 21.26
N MET A 24 -9.53 5.43 21.27
CA MET A 24 -8.88 4.99 20.03
C MET A 24 -9.78 3.96 19.31
N ARG A 25 -10.42 3.08 20.05
CA ARG A 25 -11.39 2.11 19.48
C ARG A 25 -12.56 2.86 18.81
N LEU A 26 -13.15 3.82 19.54
CA LEU A 26 -14.35 4.51 19.06
C LEU A 26 -14.04 5.28 17.77
N LYS A 27 -12.91 5.95 17.73
CA LYS A 27 -12.53 6.75 16.56
C LYS A 27 -12.24 5.85 15.37
N SER A 28 -11.53 4.75 15.61
CA SER A 28 -11.26 3.76 14.56
C SER A 28 -12.58 3.24 13.97
N ASP A 29 -13.57 2.95 14.82
CA ASP A 29 -14.85 2.40 14.37
C ASP A 29 -15.68 3.43 13.59
N LEU A 30 -15.57 4.72 13.95
CA LEU A 30 -16.39 5.78 13.31
C LEU A 30 -15.78 6.22 11.97
N PHE A 31 -14.46 6.21 11.84
CA PHE A 31 -13.79 6.87 10.72
C PHE A 31 -13.11 5.88 9.78
N ASN A 32 -12.48 4.81 10.29
CA ASN A 32 -11.62 3.93 9.47
C ASN A 32 -12.43 2.82 8.79
N ARG A 33 -13.67 2.58 9.20
CA ARG A 33 -14.46 1.49 8.61
C ARG A 33 -15.13 1.97 7.32
N SER A 34 -16.06 2.91 7.47
CA SER A 34 -16.88 3.39 6.36
C SER A 34 -16.15 4.51 5.62
N PRO A 35 -16.51 4.75 4.33
CA PRO A 35 -16.09 5.98 3.63
C PRO A 35 -16.66 7.24 4.29
N MET A 36 -16.09 8.39 3.98
CA MET A 36 -16.48 9.63 4.65
C MET A 36 -17.91 10.00 4.24
N TYR A 37 -18.62 10.66 5.15
CA TYR A 37 -19.93 11.23 4.87
C TYR A 37 -19.81 12.15 3.65
N PRO A 38 -20.61 11.91 2.61
CA PRO A 38 -20.52 12.69 1.37
C PRO A 38 -21.29 14.02 1.38
N GLY A 39 -21.77 14.45 2.54
CA GLY A 39 -22.56 15.67 2.66
C GLY A 39 -24.05 15.38 2.51
N PRO A 40 -24.89 16.39 2.79
CA PRO A 40 -26.34 16.22 2.73
C PRO A 40 -26.88 16.09 1.29
N THR A 41 -28.09 15.55 1.22
CA THR A 41 -28.80 15.29 -0.05
C THR A 41 -30.27 15.68 0.11
N LYS A 42 -31.02 15.58 -0.98
CA LYS A 42 -32.44 15.97 -1.01
C LYS A 42 -33.27 14.98 -0.18
N ASP A 43 -32.88 13.70 -0.22
CA ASP A 43 -33.56 12.64 0.54
C ASP A 43 -33.22 12.76 2.03
N ASP A 44 -31.96 13.10 2.33
CA ASP A 44 -31.46 13.20 3.71
C ASP A 44 -30.88 14.60 3.95
N PRO A 45 -31.75 15.61 4.07
CA PRO A 45 -31.30 16.99 4.29
C PRO A 45 -30.76 17.20 5.72
N LEU A 46 -30.11 18.34 5.93
CA LEU A 46 -29.40 18.63 7.18
C LEU A 46 -29.82 20.02 7.68
N THR A 47 -30.05 20.15 8.97
CA THR A 47 -30.29 21.48 9.56
C THR A 47 -29.09 21.88 10.40
N VAL A 48 -28.49 23.02 10.08
CA VAL A 48 -27.34 23.53 10.79
C VAL A 48 -27.80 24.69 11.70
N THR A 49 -27.47 24.62 12.98
CA THR A 49 -27.76 25.71 13.91
C THR A 49 -26.55 26.66 13.97
N LEU A 50 -26.79 27.95 13.78
CA LEU A 50 -25.73 28.96 13.83
C LEU A 50 -26.00 29.92 14.99
N GLY A 51 -24.92 30.43 15.58
CA GLY A 51 -25.01 31.52 16.56
C GLY A 51 -23.70 32.28 16.62
N PHE A 52 -23.77 33.59 16.89
CA PHE A 52 -22.56 34.41 16.88
C PHE A 52 -22.28 34.96 18.29
N THR A 53 -20.97 35.06 18.57
CA THR A 53 -20.44 35.75 19.72
C THR A 53 -19.45 36.81 19.24
N LEU A 54 -19.85 38.08 19.30
CA LEU A 54 -19.06 39.18 18.74
C LEU A 54 -18.04 39.65 19.77
N GLN A 55 -16.75 39.65 19.40
CA GLN A 55 -15.67 40.01 20.33
C GLN A 55 -15.22 41.46 20.11
N ASP A 56 -15.18 41.93 18.86
CA ASP A 56 -14.63 43.26 18.57
C ASP A 56 -14.99 43.69 17.14
N ILE A 57 -15.38 44.94 17.00
CA ILE A 57 -15.26 45.66 15.74
C ILE A 57 -13.87 46.33 15.76
N VAL A 58 -12.94 45.73 15.03
CA VAL A 58 -11.53 46.09 15.15
C VAL A 58 -11.22 47.33 14.32
N LYS A 59 -11.83 47.42 13.13
CA LYS A 59 -11.37 48.37 12.14
C LYS A 59 -12.54 48.79 11.23
N VAL A 60 -12.50 50.06 10.84
CA VAL A 60 -13.43 50.65 9.91
C VAL A 60 -12.62 51.43 8.87
N ASP A 61 -12.84 51.13 7.59
CA ASP A 61 -12.17 51.87 6.50
C ASP A 61 -13.22 52.66 5.73
N SER A 62 -13.26 53.97 5.97
CA SER A 62 -14.26 54.85 5.32
C SER A 62 -13.90 55.08 3.85
N SER A 63 -12.65 54.87 3.46
CA SER A 63 -12.26 55.11 2.07
C SER A 63 -12.70 53.94 1.17
N THR A 64 -12.86 52.73 1.74
CA THR A 64 -13.18 51.54 0.92
C THR A 64 -14.50 50.88 1.35
N ASN A 65 -15.18 51.42 2.38
CA ASN A 65 -16.43 50.84 2.91
C ASN A 65 -16.24 49.36 3.26
N GLU A 66 -15.17 49.05 3.99
CA GLU A 66 -14.92 47.73 4.57
C GLU A 66 -14.91 47.84 6.11
N VAL A 67 -15.48 46.86 6.80
CA VAL A 67 -15.40 46.77 8.26
C VAL A 67 -14.87 45.38 8.64
N ASP A 68 -14.08 45.33 9.71
CA ASP A 68 -13.43 44.11 10.18
C ASP A 68 -14.02 43.71 11.54
N LEU A 69 -14.63 42.52 11.62
CA LEU A 69 -15.15 41.93 12.88
C LEU A 69 -14.24 40.78 13.33
N VAL A 70 -14.13 40.62 14.64
CA VAL A 70 -13.63 39.40 15.26
C VAL A 70 -14.78 38.79 16.07
N TYR A 71 -15.04 37.51 15.83
CA TYR A 71 -16.16 36.81 16.43
C TYR A 71 -15.83 35.31 16.44
N TYR A 72 -16.62 34.54 17.21
CA TYR A 72 -16.66 33.12 16.98
C TYR A 72 -18.10 32.68 16.73
N GLU A 73 -18.20 31.61 15.95
CA GLU A 73 -19.41 31.20 15.28
C GLU A 73 -19.68 29.75 15.66
N GLN A 74 -20.73 29.52 16.44
CA GLN A 74 -21.12 28.19 16.86
C GLN A 74 -21.91 27.54 15.73
N GLN A 75 -21.42 26.39 15.24
CA GLN A 75 -22.10 25.60 14.22
C GLN A 75 -22.47 24.25 14.84
N ARG A 76 -23.70 23.79 14.62
CA ARG A 76 -24.15 22.52 15.20
C ARG A 76 -25.01 21.76 14.17
N TRP A 77 -24.74 20.47 14.04
CA TRP A 77 -25.52 19.58 13.18
C TRP A 77 -25.47 18.15 13.72
N LYS A 78 -26.24 17.25 13.12
CA LYS A 78 -26.48 15.92 13.69
C LYS A 78 -26.53 14.87 12.56
N LEU A 79 -25.72 13.82 12.68
CA LEU A 79 -25.65 12.74 11.68
C LEU A 79 -25.80 11.37 12.38
N ASN A 80 -26.55 10.47 11.74
CA ASN A 80 -26.76 9.11 12.24
C ASN A 80 -25.46 8.31 12.21
N SER A 81 -24.57 8.62 11.25
CA SER A 81 -23.33 7.86 11.08
C SER A 81 -22.28 8.20 12.15
N LEU A 82 -22.58 9.14 13.07
CA LEU A 82 -21.66 9.47 14.16
C LEU A 82 -22.23 9.04 15.52
N MET A 83 -23.31 8.24 15.52
CA MET A 83 -23.93 7.78 16.77
C MET A 83 -23.13 6.59 17.33
N TRP A 84 -23.14 6.44 18.65
CA TRP A 84 -22.60 5.23 19.31
C TRP A 84 -23.24 5.07 20.69
N ASP A 85 -23.20 3.84 21.21
CA ASP A 85 -23.63 3.53 22.57
C ASP A 85 -22.43 3.69 23.51
N PRO A 86 -22.51 4.63 24.48
CA PRO A 86 -21.43 4.84 25.45
C PRO A 86 -20.97 3.55 26.18
N ASN A 87 -21.90 2.64 26.46
CA ASN A 87 -21.60 1.45 27.26
C ASN A 87 -20.62 0.55 26.50
N GLU A 88 -20.63 0.59 25.18
CA GLU A 88 -19.72 -0.24 24.39
C GLU A 88 -18.33 0.42 24.26
N TYR A 89 -18.14 1.62 24.83
CA TYR A 89 -16.86 2.33 24.68
C TYR A 89 -16.51 3.07 25.99
N GLY A 90 -16.58 2.37 27.12
CA GLY A 90 -16.05 2.87 28.40
C GLY A 90 -16.73 4.14 28.91
N ASN A 91 -18.02 4.30 28.60
CA ASN A 91 -18.86 5.43 29.06
C ASN A 91 -18.39 6.77 28.46
N ILE A 92 -17.77 6.72 27.28
CA ILE A 92 -17.42 7.96 26.58
C ILE A 92 -18.70 8.54 25.98
N THR A 93 -19.04 9.77 26.33
CA THR A 93 -20.26 10.42 25.82
C THR A 93 -19.93 11.46 24.74
N ASP A 94 -18.65 11.89 24.65
CA ASP A 94 -18.24 12.84 23.61
C ASP A 94 -16.71 12.81 23.45
N PHE A 95 -16.21 13.36 22.35
CA PHE A 95 -14.78 13.43 22.10
C PHE A 95 -14.43 14.59 21.16
N ARG A 96 -13.19 15.06 21.30
CA ARG A 96 -12.60 16.09 20.46
C ARG A 96 -11.89 15.40 19.29
N THR A 97 -12.01 15.96 18.10
CA THR A 97 -11.32 15.42 16.93
C THR A 97 -11.05 16.56 15.93
N SER A 98 -9.99 16.39 15.16
CA SER A 98 -9.62 17.33 14.10
C SER A 98 -10.80 17.53 13.13
N ALA A 99 -11.07 18.78 12.75
CA ALA A 99 -12.17 19.09 11.83
C ALA A 99 -11.91 18.50 10.43
N ALA A 100 -10.66 18.13 10.13
CA ALA A 100 -10.34 17.45 8.85
C ALA A 100 -10.84 16.00 8.86
N ASP A 101 -10.99 15.39 10.03
CA ASP A 101 -11.46 14.00 10.15
C ASP A 101 -12.94 13.87 9.76
N ILE A 102 -13.67 14.98 9.71
CA ILE A 102 -15.11 14.93 9.50
C ILE A 102 -15.52 15.92 8.40
N TRP A 103 -16.74 15.77 7.94
CA TRP A 103 -17.38 16.76 7.11
C TRP A 103 -17.79 17.95 7.98
N THR A 104 -17.67 19.17 7.44
CA THR A 104 -18.17 20.37 8.11
C THR A 104 -18.93 21.21 7.08
N PRO A 105 -19.94 21.97 7.52
CA PRO A 105 -20.75 22.76 6.58
C PRO A 105 -19.96 23.95 5.99
N ASP A 106 -20.25 24.27 4.74
CA ASP A 106 -19.53 25.28 3.93
C ASP A 106 -20.12 26.68 4.16
N ILE A 107 -20.27 27.08 5.42
CA ILE A 107 -20.90 28.36 5.72
C ILE A 107 -19.97 29.48 5.27
N THR A 108 -20.54 30.45 4.55
CA THR A 108 -19.79 31.47 3.83
C THR A 108 -20.44 32.84 4.09
N ALA A 109 -19.63 33.85 4.35
CA ALA A 109 -20.13 35.23 4.39
C ALA A 109 -20.33 35.71 2.95
N TYR A 110 -21.49 36.28 2.66
CA TYR A 110 -21.89 36.57 1.28
C TYR A 110 -21.36 37.93 0.82
N SER A 111 -20.81 38.75 1.72
CA SER A 111 -20.30 40.05 1.31
C SER A 111 -18.87 40.29 1.87
N SER A 112 -18.06 39.24 1.91
CA SER A 112 -16.67 39.37 2.36
C SER A 112 -15.83 40.04 1.27
N THR A 113 -14.75 40.71 1.67
CA THR A 113 -13.84 41.37 0.72
C THR A 113 -12.43 40.78 0.83
N ARG A 114 -12.23 39.90 1.79
CA ARG A 114 -10.95 39.22 2.00
C ARG A 114 -11.26 37.78 2.46
N PRO A 115 -10.30 36.87 2.25
CA PRO A 115 -10.45 35.55 2.87
C PRO A 115 -10.57 35.70 4.40
N VAL A 116 -11.40 34.87 5.01
CA VAL A 116 -11.56 34.89 6.46
C VAL A 116 -10.26 34.39 7.11
N GLN A 117 -9.82 35.04 8.17
CA GLN A 117 -8.65 34.58 8.92
C GLN A 117 -9.11 33.71 10.10
N VAL A 118 -8.50 32.54 10.24
CA VAL A 118 -8.86 31.56 11.27
C VAL A 118 -8.04 31.87 12.53
N LEU A 119 -8.71 32.07 13.67
CA LEU A 119 -8.02 32.48 14.89
C LEU A 119 -8.09 31.39 15.97
N SER A 120 -8.71 30.24 15.68
CA SER A 120 -8.80 29.17 16.66
C SER A 120 -8.45 27.83 16.01
N PRO A 121 -8.09 26.83 16.82
CA PRO A 121 -7.71 25.50 16.30
C PRO A 121 -8.90 24.78 15.62
N GLN A 122 -8.61 24.06 14.56
CA GLN A 122 -9.64 23.40 13.77
C GLN A 122 -9.98 22.05 14.43
N ILE A 123 -10.69 22.14 15.55
CA ILE A 123 -11.07 20.97 16.33
C ILE A 123 -12.56 21.09 16.64
N ALA A 124 -13.29 19.99 16.49
CA ALA A 124 -14.71 19.92 16.79
C ALA A 124 -14.96 18.91 17.91
N VAL A 125 -16.18 18.91 18.44
CA VAL A 125 -16.62 17.98 19.47
C VAL A 125 -17.82 17.18 18.96
N VAL A 126 -17.68 15.85 18.96
CA VAL A 126 -18.73 14.91 18.57
C VAL A 126 -19.33 14.30 19.84
N THR A 127 -20.66 14.28 19.94
CA THR A 127 -21.39 13.70 21.07
C THR A 127 -22.08 12.40 20.61
N HIS A 128 -22.40 11.51 21.56
CA HIS A 128 -22.83 10.12 21.29
C HIS A 128 -24.15 10.06 20.52
N ASP A 129 -24.99 11.09 20.57
CA ASP A 129 -26.25 11.09 19.81
C ASP A 129 -26.00 11.41 18.34
N GLY A 130 -24.74 11.62 17.94
CA GLY A 130 -24.40 11.96 16.56
C GLY A 130 -24.36 13.47 16.32
N SER A 131 -24.50 14.29 17.35
CA SER A 131 -24.43 15.74 17.16
C SER A 131 -22.97 16.20 17.17
N VAL A 132 -22.68 17.21 16.35
CA VAL A 132 -21.36 17.76 16.19
C VAL A 132 -21.42 19.26 16.48
N MET A 133 -20.40 19.77 17.16
CA MET A 133 -20.32 21.20 17.42
C MET A 133 -18.92 21.70 17.05
N PHE A 134 -18.89 22.77 16.27
CA PHE A 134 -17.65 23.37 15.78
C PHE A 134 -17.75 24.89 15.94
N ILE A 135 -16.78 25.51 16.60
CA ILE A 135 -16.89 26.92 17.00
C ILE A 135 -15.62 27.66 16.57
N PRO A 136 -15.47 27.91 15.25
CA PRO A 136 -14.32 28.69 14.73
C PRO A 136 -14.35 30.18 15.12
N ALA A 137 -13.23 30.68 15.64
CA ALA A 137 -13.00 32.11 15.79
C ALA A 137 -12.41 32.65 14.49
N GLN A 138 -12.89 33.81 14.06
CA GLN A 138 -12.64 34.31 12.72
C GLN A 138 -12.47 35.83 12.76
N ARG A 139 -11.63 36.35 11.86
CA ARG A 139 -11.67 37.77 11.53
C ARG A 139 -12.16 37.92 10.07
N LEU A 140 -13.17 38.76 9.91
CA LEU A 140 -13.88 38.95 8.64
C LEU A 140 -13.84 40.43 8.24
N SER A 141 -13.39 40.70 7.02
CA SER A 141 -13.59 41.99 6.36
C SER A 141 -14.81 41.90 5.44
N PHE A 142 -15.78 42.80 5.59
CA PHE A 142 -17.00 42.74 4.78
C PHE A 142 -17.48 44.16 4.40
N MET A 143 -18.41 44.20 3.46
CA MET A 143 -18.89 45.44 2.85
C MET A 143 -19.83 46.16 3.81
N CYS A 144 -19.47 47.39 4.17
CA CYS A 144 -20.20 48.19 5.15
C CYS A 144 -19.78 49.65 5.03
N ASP A 145 -20.76 50.54 4.89
CA ASP A 145 -20.52 51.98 4.81
C ASP A 145 -20.62 52.56 6.22
N PRO A 146 -19.48 53.00 6.78
CA PRO A 146 -19.44 53.50 8.15
C PRO A 146 -19.69 55.01 8.31
N THR A 147 -20.15 55.70 7.26
CA THR A 147 -20.48 57.13 7.35
C THR A 147 -21.59 57.33 8.39
N GLY A 148 -21.30 58.11 9.43
CA GLY A 148 -22.26 58.37 10.50
C GLY A 148 -21.92 57.64 11.79
N VAL A 149 -20.86 56.82 11.78
CA VAL A 149 -20.49 56.02 12.96
C VAL A 149 -20.15 56.95 14.14
N ASP A 150 -19.66 58.15 13.86
CA ASP A 150 -19.22 59.10 14.90
C ASP A 150 -20.41 59.89 15.47
N SER A 151 -21.64 59.55 15.10
CA SER A 151 -22.83 60.26 15.60
C SER A 151 -23.55 59.44 16.68
N GLU A 152 -24.55 60.06 17.31
CA GLU A 152 -25.34 59.44 18.37
C GLU A 152 -26.17 58.29 17.79
N GLU A 153 -26.69 58.47 16.58
CA GLU A 153 -27.56 57.48 15.93
C GLU A 153 -26.73 56.25 15.52
N GLY A 154 -25.49 56.49 15.09
CA GLY A 154 -24.59 55.41 14.70
C GLY A 154 -24.85 54.92 13.30
N VAL A 155 -24.47 53.67 13.04
CA VAL A 155 -24.61 53.10 11.71
C VAL A 155 -24.99 51.63 11.86
N THR A 156 -25.75 51.14 10.88
CA THR A 156 -26.17 49.75 10.83
C THR A 156 -25.46 49.04 9.66
N CYS A 157 -25.03 47.82 9.91
CA CYS A 157 -24.37 47.02 8.89
C CYS A 157 -24.79 45.56 9.03
N ALA A 158 -24.75 44.85 7.90
CA ALA A 158 -25.34 43.53 7.77
C ALA A 158 -24.45 42.62 6.92
N VAL A 159 -24.43 41.34 7.28
CA VAL A 159 -23.76 40.34 6.47
C VAL A 159 -24.50 39.01 6.63
N LYS A 160 -24.76 38.37 5.50
CA LYS A 160 -25.45 37.07 5.47
C LYS A 160 -24.43 35.93 5.50
N PHE A 161 -24.72 34.93 6.33
CA PHE A 161 -23.94 33.71 6.39
C PHE A 161 -24.82 32.54 5.91
N GLY A 162 -24.34 31.80 4.92
CA GLY A 162 -25.09 30.64 4.44
C GLY A 162 -24.20 29.70 3.63
N SER A 163 -24.74 28.53 3.31
CA SER A 163 -24.04 27.61 2.40
C SER A 163 -23.84 28.30 1.05
N TRP A 164 -22.66 28.11 0.47
CA TRP A 164 -22.34 28.63 -0.85
C TRP A 164 -22.97 27.72 -1.93
N VAL A 165 -22.92 26.39 -1.73
CA VAL A 165 -23.21 25.45 -2.81
C VAL A 165 -24.51 24.67 -2.57
N TYR A 166 -25.04 24.65 -1.35
CA TYR A 166 -26.25 23.85 -1.07
C TYR A 166 -27.48 24.77 -0.94
N SER A 167 -28.54 24.44 -1.66
CA SER A 167 -29.83 25.13 -1.53
C SER A 167 -30.56 24.66 -0.27
N GLY A 168 -31.74 25.24 -0.03
CA GLY A 168 -32.61 24.88 1.10
C GLY A 168 -33.13 23.45 1.03
N PHE A 169 -33.00 22.80 -0.12
CA PHE A 169 -33.42 21.40 -0.24
C PHE A 169 -32.38 20.45 0.37
N GLU A 170 -31.14 20.90 0.59
CA GLU A 170 -30.10 20.06 1.24
C GLU A 170 -29.68 20.65 2.59
N ILE A 171 -29.56 21.97 2.71
CA ILE A 171 -29.18 22.57 4.00
C ILE A 171 -30.16 23.68 4.38
N ASP A 172 -30.79 23.47 5.53
CA ASP A 172 -31.58 24.48 6.20
C ASP A 172 -30.75 25.05 7.35
N LEU A 173 -31.04 26.27 7.76
CA LEU A 173 -30.36 26.89 8.90
C LEU A 173 -31.41 27.31 9.94
N LYS A 174 -30.95 27.44 11.18
CA LYS A 174 -31.74 28.05 12.24
C LYS A 174 -30.82 28.65 13.30
N THR A 175 -31.40 29.45 14.18
CA THR A 175 -30.72 29.96 15.36
C THR A 175 -31.48 29.49 16.61
N ASP A 176 -30.77 29.38 17.74
CA ASP A 176 -31.44 29.09 19.02
C ASP A 176 -32.01 30.37 19.61
N THR A 177 -31.45 31.52 19.24
CA THR A 177 -31.90 32.83 19.68
C THR A 177 -31.59 33.87 18.60
N ASP A 178 -32.35 34.96 18.59
CA ASP A 178 -32.15 36.02 17.62
C ASP A 178 -31.15 37.07 18.14
N GLN A 179 -30.69 36.94 19.39
CA GLN A 179 -29.77 37.90 19.97
C GLN A 179 -28.33 37.37 19.87
N VAL A 180 -27.44 38.22 19.34
CA VAL A 180 -26.02 37.93 19.29
C VAL A 180 -25.47 38.03 20.72
N ASP A 181 -24.60 37.09 21.07
CA ASP A 181 -23.98 37.06 22.40
C ASP A 181 -22.91 38.17 22.47
N LEU A 182 -23.10 39.12 23.39
CA LEU A 182 -22.20 40.27 23.52
C LEU A 182 -21.45 40.24 24.86
N SER A 183 -21.48 39.12 25.58
CA SER A 183 -20.90 39.08 26.94
C SER A 183 -19.36 39.01 26.90
N SER A 184 -18.79 38.76 25.71
CA SER A 184 -17.33 38.75 25.55
C SER A 184 -16.86 39.97 24.73
N TYR A 185 -17.74 40.93 24.47
CA TYR A 185 -17.33 42.07 23.63
C TYR A 185 -16.29 42.90 24.37
N TYR A 186 -15.23 43.27 23.64
CA TYR A 186 -14.10 44.02 24.18
C TYR A 186 -14.56 45.37 24.73
N ALA A 187 -14.31 45.60 26.01
CA ALA A 187 -14.86 46.74 26.74
C ALA A 187 -14.15 48.04 26.34
N SER A 188 -12.94 47.97 25.77
CA SER A 188 -12.20 49.17 25.37
C SER A 188 -12.11 49.27 23.83
N SER A 189 -13.05 48.65 23.12
CA SER A 189 -13.15 48.82 21.67
C SER A 189 -13.41 50.29 21.33
N LYS A 190 -12.99 50.71 20.14
CA LYS A 190 -13.33 52.04 19.62
C LYS A 190 -14.84 52.16 19.40
N TYR A 191 -15.54 51.04 19.25
CA TYR A 191 -16.96 51.06 18.91
C TYR A 191 -17.77 50.31 19.96
N GLU A 192 -18.90 50.89 20.37
CA GLU A 192 -19.85 50.21 21.25
C GLU A 192 -21.01 49.71 20.39
N ILE A 193 -21.62 48.61 20.82
CA ILE A 193 -22.71 47.97 20.10
C ILE A 193 -24.05 48.51 20.64
N LEU A 194 -24.91 48.98 19.73
CA LEU A 194 -26.24 49.46 20.10
C LEU A 194 -27.26 48.31 20.00
N SER A 195 -27.07 47.42 19.02
CA SER A 195 -27.83 46.18 18.93
C SER A 195 -27.13 45.21 17.97
N ALA A 196 -27.40 43.92 18.17
CA ALA A 196 -26.82 42.86 17.34
C ALA A 196 -27.77 41.66 17.30
N THR A 197 -28.32 41.38 16.13
CA THR A 197 -29.29 40.30 15.93
C THR A 197 -28.79 39.33 14.85
N GLN A 198 -29.29 38.10 14.95
CA GLN A 198 -29.00 36.99 14.03
C GLN A 198 -30.33 36.33 13.64
N THR A 199 -30.69 36.40 12.36
CA THR A 199 -32.04 36.02 11.94
C THR A 199 -31.98 35.20 10.64
N ARG A 200 -32.70 34.08 10.65
CA ARG A 200 -32.88 33.23 9.47
C ARG A 200 -33.66 34.01 8.40
N GLN A 201 -33.27 33.83 7.14
CA GLN A 201 -34.07 34.36 6.03
C GLN A 201 -33.85 33.51 4.77
N VAL A 202 -34.84 33.57 3.88
CA VAL A 202 -34.87 32.85 2.63
C VAL A 202 -34.50 33.82 1.52
N GLN A 203 -33.65 33.38 0.59
CA GLN A 203 -33.09 34.25 -0.42
C GLN A 203 -33.23 33.56 -1.80
N HIS A 204 -33.47 34.38 -2.82
CA HIS A 204 -33.45 33.93 -4.21
C HIS A 204 -32.38 34.73 -4.97
N TYR A 205 -31.47 34.02 -5.62
CA TYR A 205 -30.41 34.64 -6.42
C TYR A 205 -30.73 34.41 -7.90
N SER A 206 -30.35 35.36 -8.75
CA SER A 206 -30.65 35.29 -10.18
C SER A 206 -29.92 34.12 -10.85
N CYS A 207 -28.83 33.62 -10.26
CA CYS A 207 -28.09 32.46 -10.82
C CYS A 207 -28.95 31.19 -10.81
N CYS A 208 -29.87 31.08 -9.86
CA CYS A 208 -30.32 29.78 -9.38
C CYS A 208 -31.81 29.82 -9.01
N PRO A 209 -32.62 28.83 -9.45
CA PRO A 209 -34.08 28.83 -9.17
C PRO A 209 -34.49 28.34 -7.77
N GLU A 210 -33.61 27.67 -7.03
CA GLU A 210 -33.95 27.14 -5.70
C GLU A 210 -33.72 28.21 -4.62
N PRO A 211 -34.44 28.13 -3.50
CA PRO A 211 -34.18 29.01 -2.36
C PRO A 211 -32.86 28.68 -1.64
N TYR A 212 -32.15 29.70 -1.16
CA TYR A 212 -30.98 29.52 -0.32
C TYR A 212 -31.23 30.16 1.05
N ILE A 213 -30.80 29.47 2.11
CA ILE A 213 -31.03 29.94 3.47
C ILE A 213 -29.76 30.63 3.97
N ASP A 214 -29.94 31.71 4.71
CA ASP A 214 -28.82 32.38 5.35
C ASP A 214 -29.26 32.84 6.74
N VAL A 215 -28.28 33.11 7.60
CA VAL A 215 -28.51 33.83 8.85
C VAL A 215 -27.93 35.23 8.67
N ASN A 216 -28.79 36.23 8.81
CA ASN A 216 -28.43 37.62 8.59
C ASN A 216 -27.94 38.21 9.92
N LEU A 217 -26.66 38.59 9.97
CA LEU A 217 -26.07 39.22 11.15
C LEU A 217 -26.17 40.74 10.97
N VAL A 218 -26.97 41.39 11.81
CA VAL A 218 -27.21 42.85 11.71
C VAL A 218 -26.67 43.51 12.99
N VAL A 219 -25.70 44.41 12.83
CA VAL A 219 -25.06 45.06 13.97
C VAL A 219 -25.18 46.59 13.79
N LYS A 220 -25.75 47.24 14.81
CA LYS A 220 -25.78 48.69 14.89
C LYS A 220 -24.73 49.13 15.92
N PHE A 221 -23.89 50.08 15.54
CA PHE A 221 -22.76 50.46 16.38
C PHE A 221 -22.40 51.93 16.15
N ARG A 222 -21.64 52.49 17.10
CA ARG A 222 -21.17 53.88 17.01
C ARG A 222 -19.82 53.98 17.72
N GLU A 223 -19.12 55.11 17.52
CA GLU A 223 -17.86 55.36 18.22
C GLU A 223 -18.12 55.49 19.72
N ARG A 224 -17.19 54.97 20.52
CA ARG A 224 -17.26 55.03 21.97
C ARG A 224 -16.81 56.41 22.44
N GLN B 20 -25.00 9.01 2.89
CA GLN B 20 -26.06 8.06 2.43
C GLN B 20 -25.50 7.16 1.32
N ALA B 21 -26.01 5.93 1.30
CA ALA B 21 -25.38 4.80 0.62
C ALA B 21 -25.28 5.04 -0.89
N ASN B 22 -26.32 5.60 -1.48
CA ASN B 22 -26.40 5.72 -2.94
C ASN B 22 -25.33 6.69 -3.45
N LEU B 23 -25.19 7.84 -2.79
CA LEU B 23 -24.23 8.85 -3.23
C LEU B 23 -22.80 8.33 -3.04
N MET B 24 -22.55 7.61 -1.95
CA MET B 24 -21.23 7.04 -1.69
C MET B 24 -20.85 6.06 -2.80
N ARG B 25 -21.80 5.22 -3.24
CA ARG B 25 -21.58 4.30 -4.37
C ARG B 25 -21.22 5.08 -5.63
N LEU B 26 -22.02 6.11 -5.93
CA LEU B 26 -21.87 6.90 -7.15
C LEU B 26 -20.47 7.52 -7.20
N LYS B 27 -20.08 8.18 -6.11
CA LYS B 27 -18.80 8.89 -6.06
C LYS B 27 -17.63 7.89 -6.15
N SER B 28 -17.77 6.74 -5.49
CA SER B 28 -16.78 5.67 -5.59
C SER B 28 -16.67 5.18 -7.04
N ASP B 29 -17.80 5.00 -7.73
CA ASP B 29 -17.79 4.50 -9.12
C ASP B 29 -17.19 5.56 -10.07
N LEU B 30 -17.41 6.84 -9.79
CA LEU B 30 -16.94 7.88 -10.71
C LEU B 30 -15.45 8.17 -10.49
N PHE B 31 -14.93 8.06 -9.26
CA PHE B 31 -13.61 8.64 -8.94
C PHE B 31 -12.57 7.57 -8.58
N ASN B 32 -12.96 6.38 -8.14
CA ASN B 32 -11.98 5.40 -7.65
C ASN B 32 -11.70 4.31 -8.69
N ARG B 33 -12.50 4.21 -9.75
CA ARG B 33 -12.39 3.09 -10.71
C ARG B 33 -11.51 3.45 -11.91
N SER B 34 -10.94 4.65 -11.94
CA SER B 34 -10.27 5.14 -13.16
C SER B 34 -9.20 6.17 -12.79
N PRO B 35 -8.27 6.47 -13.73
CA PRO B 35 -7.32 7.58 -13.53
C PRO B 35 -8.05 8.92 -13.73
N MET B 36 -7.46 10.01 -13.24
CA MET B 36 -8.10 11.30 -13.33
C MET B 36 -8.15 11.75 -14.79
N TYR B 37 -9.18 12.52 -15.13
CA TYR B 37 -9.30 13.15 -16.44
C TYR B 37 -8.04 13.99 -16.69
N PRO B 38 -7.36 13.77 -17.82
CA PRO B 38 -6.10 14.47 -18.12
C PRO B 38 -6.27 15.85 -18.78
N GLY B 39 -7.50 16.32 -18.89
CA GLY B 39 -7.77 17.61 -19.52
C GLY B 39 -8.11 17.45 -20.99
N PRO B 40 -8.55 18.52 -21.64
CA PRO B 40 -8.95 18.44 -23.03
C PRO B 40 -7.77 18.23 -23.99
N THR B 41 -8.10 17.77 -25.20
CA THR B 41 -7.13 17.59 -26.28
C THR B 41 -7.76 18.08 -27.59
N LYS B 42 -6.99 18.08 -28.67
CA LYS B 42 -7.48 18.47 -30.00
C LYS B 42 -8.59 17.52 -30.45
N ASP B 43 -8.45 16.24 -30.14
CA ASP B 43 -9.43 15.21 -30.56
C ASP B 43 -10.67 15.25 -29.65
N ASP B 44 -10.51 15.67 -28.40
CA ASP B 44 -11.63 15.73 -27.45
C ASP B 44 -11.63 17.09 -26.75
N PRO B 45 -12.02 18.14 -27.49
CA PRO B 45 -12.00 19.50 -26.96
C PRO B 45 -13.21 19.78 -26.07
N LEU B 46 -13.21 20.96 -25.45
CA LEU B 46 -14.15 21.30 -24.40
C LEU B 46 -14.60 22.76 -24.60
N THR B 47 -15.86 23.04 -24.31
CA THR B 47 -16.37 24.41 -24.28
C THR B 47 -16.69 24.79 -22.83
N VAL B 48 -16.06 25.85 -22.33
CA VAL B 48 -16.34 26.37 -21.00
C VAL B 48 -17.19 27.63 -21.13
N THR B 49 -18.36 27.61 -20.50
CA THR B 49 -19.21 28.80 -20.44
C THR B 49 -18.79 29.63 -19.22
N LEU B 50 -18.57 30.93 -19.44
CA LEU B 50 -18.24 31.87 -18.36
C LEU B 50 -19.31 32.94 -18.25
N GLY B 51 -19.55 33.38 -17.02
CA GLY B 51 -20.34 34.57 -16.75
C GLY B 51 -19.90 35.18 -15.43
N PHE B 52 -20.03 36.48 -15.29
CA PHE B 52 -19.56 37.18 -14.11
C PHE B 52 -20.74 37.84 -13.40
N THR B 53 -20.67 37.83 -12.07
CA THR B 53 -21.56 38.55 -11.19
C THR B 53 -20.71 39.49 -10.33
N LEU B 54 -20.82 40.80 -10.59
CA LEU B 54 -19.94 41.76 -9.96
C LEU B 54 -20.57 42.22 -8.64
N GLN B 55 -19.82 42.08 -7.55
CA GLN B 55 -20.35 42.42 -6.21
C GLN B 55 -19.89 43.82 -5.78
N ASP B 56 -18.65 44.19 -6.06
CA ASP B 56 -18.12 45.44 -5.55
C ASP B 56 -16.82 45.81 -6.27
N ILE B 57 -16.69 47.09 -6.60
CA ILE B 57 -15.38 47.70 -6.80
C ILE B 57 -14.94 48.25 -5.45
N VAL B 58 -14.00 47.56 -4.82
CA VAL B 58 -13.66 47.81 -3.42
C VAL B 58 -12.74 49.03 -3.33
N LYS B 59 -11.70 49.03 -4.16
CA LYS B 59 -10.57 49.92 -3.98
C LYS B 59 -10.01 50.30 -5.36
N VAL B 60 -9.51 51.53 -5.43
CA VAL B 60 -8.83 52.08 -6.58
C VAL B 60 -7.52 52.69 -6.08
N ASP B 61 -6.38 52.40 -6.72
CA ASP B 61 -5.08 53.00 -6.35
C ASP B 61 -4.54 53.81 -7.54
N SER B 62 -4.68 55.14 -7.45
CA SER B 62 -4.27 56.03 -8.53
C SER B 62 -2.74 56.25 -8.48
N SER B 63 -2.05 55.77 -7.44
CA SER B 63 -0.59 55.89 -7.43
C SER B 63 0.06 54.69 -8.15
N THR B 64 -0.67 53.60 -8.34
CA THR B 64 -0.11 52.39 -9.00
C THR B 64 -0.94 51.96 -10.22
N ASN B 65 -2.10 52.58 -10.44
CA ASN B 65 -3.05 52.18 -11.50
C ASN B 65 -3.40 50.70 -11.33
N GLU B 66 -3.86 50.36 -10.13
CA GLU B 66 -4.45 49.06 -9.80
C GLU B 66 -5.87 49.29 -9.29
N VAL B 67 -6.80 48.41 -9.67
CA VAL B 67 -8.17 48.42 -9.16
C VAL B 67 -8.51 47.02 -8.65
N ASP B 68 -9.35 46.96 -7.61
CA ASP B 68 -9.71 45.71 -6.92
C ASP B 68 -11.21 45.44 -7.08
N LEU B 69 -11.57 44.31 -7.71
CA LEU B 69 -12.96 43.87 -7.84
C LEU B 69 -13.21 42.66 -6.93
N VAL B 70 -14.46 42.55 -6.48
CA VAL B 70 -14.98 41.34 -5.88
C VAL B 70 -16.14 40.87 -6.76
N TYR B 71 -16.11 39.60 -7.15
CA TYR B 71 -17.09 39.04 -8.06
C TYR B 71 -17.14 37.52 -7.88
N TYR B 72 -18.17 36.89 -8.40
CA TYR B 72 -18.08 35.46 -8.62
C TYR B 72 -18.30 35.17 -10.10
N GLU B 73 -17.71 34.04 -10.48
CA GLU B 73 -17.48 33.67 -11.86
C GLU B 73 -18.06 32.27 -12.07
N GLN B 74 -19.20 32.19 -12.73
CA GLN B 74 -19.83 30.92 -13.05
C GLN B 74 -19.04 30.24 -14.17
N GLN B 75 -18.54 29.03 -13.90
CA GLN B 75 -17.86 28.20 -14.89
C GLN B 75 -18.68 26.92 -15.11
N ARG B 76 -18.85 26.54 -16.37
CA ARG B 76 -19.65 25.35 -16.70
C ARG B 76 -19.02 24.61 -17.88
N TRP B 77 -18.85 23.30 -17.74
CA TRP B 77 -18.38 22.46 -18.84
C TRP B 77 -19.02 21.08 -18.72
N LYS B 78 -18.68 20.18 -19.64
CA LYS B 78 -19.35 18.89 -19.75
C LYS B 78 -18.36 17.79 -20.16
N LEU B 79 -18.35 16.69 -19.42
CA LEU B 79 -17.49 15.53 -19.68
C LEU B 79 -18.34 14.25 -19.73
N ASN B 80 -18.07 13.40 -20.73
CA ASN B 80 -18.73 12.09 -20.85
C ASN B 80 -18.33 11.18 -19.67
N SER B 81 -17.12 11.35 -19.16
CA SER B 81 -16.60 10.50 -18.08
C SER B 81 -17.29 10.78 -16.74
N LEU B 82 -18.14 11.82 -16.64
CA LEU B 82 -18.86 12.09 -15.40
C LEU B 82 -20.37 11.83 -15.57
N MET B 83 -20.75 11.06 -16.58
CA MET B 83 -22.18 10.72 -16.79
C MET B 83 -22.56 9.52 -15.90
N TRP B 84 -23.84 9.46 -15.53
CA TRP B 84 -24.38 8.28 -14.87
C TRP B 84 -25.89 8.21 -15.10
N ASP B 85 -26.44 7.02 -14.93
CA ASP B 85 -27.87 6.76 -14.98
C ASP B 85 -28.46 6.95 -13.58
N PRO B 86 -29.36 7.93 -13.39
CA PRO B 86 -29.97 8.17 -12.07
C PRO B 86 -30.71 6.97 -11.46
N ASN B 87 -31.28 6.09 -12.29
CA ASN B 87 -32.11 4.99 -11.78
C ASN B 87 -31.23 3.91 -11.13
N GLU B 88 -29.94 3.91 -11.44
CA GLU B 88 -29.00 2.95 -10.84
C GLU B 88 -28.36 3.52 -9.56
N TYR B 89 -28.73 4.74 -9.17
CA TYR B 89 -28.17 5.37 -7.97
C TYR B 89 -29.28 6.13 -7.22
N GLY B 90 -30.45 5.51 -7.10
CA GLY B 90 -31.53 6.03 -6.25
C GLY B 90 -32.08 7.37 -6.70
N ASN B 91 -32.08 7.61 -8.02
CA ASN B 91 -32.68 8.82 -8.62
C ASN B 91 -31.85 10.09 -8.28
N ILE B 92 -30.57 9.93 -7.95
CA ILE B 92 -29.68 11.08 -7.74
C ILE B 92 -29.42 11.76 -9.10
N THR B 93 -29.73 13.04 -9.21
CA THR B 93 -29.58 13.77 -10.48
C THR B 93 -28.35 14.69 -10.45
N ASP B 94 -27.86 15.05 -9.26
CA ASP B 94 -26.65 15.87 -9.16
C ASP B 94 -26.02 15.67 -7.78
N PHE B 95 -24.77 16.08 -7.62
CA PHE B 95 -24.13 16.05 -6.31
C PHE B 95 -23.03 17.10 -6.20
N ARG B 96 -22.79 17.53 -4.96
CA ARG B 96 -21.73 18.46 -4.61
C ARG B 96 -20.44 17.68 -4.33
N THR B 97 -19.32 18.18 -4.84
CA THR B 97 -18.03 17.52 -4.62
C THR B 97 -16.92 18.57 -4.55
N SER B 98 -15.91 18.24 -3.76
CA SER B 98 -14.67 19.01 -3.68
C SER B 98 -14.10 19.23 -5.08
N ALA B 99 -13.68 20.47 -5.36
CA ALA B 99 -13.08 20.81 -6.65
C ALA B 99 -11.72 20.12 -6.83
N ALA B 100 -11.12 19.63 -5.75
CA ALA B 100 -9.85 18.87 -5.82
C ALA B 100 -10.09 17.43 -6.33
N ASP B 101 -11.34 16.95 -6.33
CA ASP B 101 -11.67 15.60 -6.82
C ASP B 101 -11.79 15.59 -8.35
N ILE B 102 -11.91 16.76 -8.99
CA ILE B 102 -12.19 16.83 -10.42
C ILE B 102 -11.14 17.74 -11.09
N TRP B 103 -11.06 17.61 -12.39
CA TRP B 103 -10.38 18.60 -13.22
C TRP B 103 -11.22 19.88 -13.26
N THR B 104 -10.55 21.03 -13.21
CA THR B 104 -11.21 22.33 -13.40
C THR B 104 -10.40 23.16 -14.40
N PRO B 105 -11.06 24.03 -15.16
CA PRO B 105 -10.37 24.83 -16.17
C PRO B 105 -9.44 25.88 -15.56
N ASP B 106 -8.31 26.11 -16.21
CA ASP B 106 -7.25 27.01 -15.72
C ASP B 106 -7.53 28.45 -16.18
N ILE B 107 -8.71 28.96 -15.84
CA ILE B 107 -9.15 30.29 -16.30
C ILE B 107 -8.32 31.33 -15.54
N THR B 108 -7.71 32.25 -16.28
CA THR B 108 -6.71 33.16 -15.72
C THR B 108 -7.00 34.59 -16.18
N ALA B 109 -6.91 35.54 -15.25
CA ALA B 109 -6.94 36.96 -15.59
C ALA B 109 -5.58 37.37 -16.17
N TYR B 110 -5.60 38.04 -17.31
CA TYR B 110 -4.39 38.27 -18.11
C TYR B 110 -3.68 39.56 -17.68
N SER B 111 -4.29 40.40 -16.84
CA SER B 111 -3.66 41.65 -16.44
C SER B 111 -3.70 41.83 -14.92
N SER B 112 -3.68 40.72 -14.17
CA SER B 112 -3.65 40.77 -12.71
C SER B 112 -2.28 41.28 -12.23
N THR B 113 -2.27 41.90 -11.04
CA THR B 113 -1.04 42.42 -10.43
C THR B 113 -0.75 41.71 -9.09
N ARG B 114 -1.66 40.88 -8.62
CA ARG B 114 -1.48 40.09 -7.41
C ARG B 114 -2.15 38.73 -7.63
N PRO B 115 -1.75 37.71 -6.86
CA PRO B 115 -2.50 36.46 -6.90
C PRO B 115 -3.98 36.72 -6.55
N VAL B 116 -4.87 35.99 -7.21
CA VAL B 116 -6.29 36.10 -6.92
C VAL B 116 -6.57 35.49 -5.54
N GLN B 117 -7.45 36.12 -4.77
CA GLN B 117 -7.83 35.61 -3.45
C GLN B 117 -9.19 34.92 -3.57
N VAL B 118 -9.30 33.74 -2.95
CA VAL B 118 -10.49 32.91 -3.00
C VAL B 118 -11.38 33.25 -1.81
N LEU B 119 -12.66 33.55 -2.06
CA LEU B 119 -13.59 33.98 -1.00
C LEU B 119 -14.74 32.98 -0.84
N SER B 120 -14.69 31.84 -1.52
CA SER B 120 -15.76 30.85 -1.40
C SER B 120 -15.16 29.44 -1.38
N PRO B 121 -15.90 28.48 -0.79
CA PRO B 121 -15.45 27.08 -0.67
C PRO B 121 -15.20 26.46 -2.05
N GLN B 122 -14.19 25.61 -2.14
CA GLN B 122 -13.80 25.03 -3.42
C GLN B 122 -14.63 23.76 -3.66
N ILE B 123 -15.90 23.97 -3.95
CA ILE B 123 -16.85 22.91 -4.15
C ILE B 123 -17.61 23.17 -5.46
N ALA B 124 -17.76 22.12 -6.27
CA ALA B 124 -18.47 22.17 -7.55
C ALA B 124 -19.70 21.25 -7.50
N VAL B 125 -20.60 21.41 -8.47
CA VAL B 125 -21.79 20.57 -8.59
C VAL B 125 -21.75 19.82 -9.93
N VAL B 126 -21.80 18.49 -9.83
CA VAL B 126 -21.80 17.60 -11.01
C VAL B 126 -23.23 17.10 -11.23
N THR B 127 -23.68 17.12 -12.48
CA THR B 127 -25.03 16.68 -12.87
C THR B 127 -24.91 15.40 -13.71
N HIS B 128 -25.99 14.62 -13.76
CA HIS B 128 -25.98 13.25 -14.33
C HIS B 128 -25.65 13.24 -15.82
N ASP B 129 -25.86 14.35 -16.51
CA ASP B 129 -25.53 14.45 -17.94
C ASP B 129 -24.02 14.65 -18.13
N GLY B 130 -23.25 14.74 -17.05
CA GLY B 130 -21.81 14.96 -17.15
C GLY B 130 -21.42 16.42 -17.06
N SER B 131 -22.40 17.32 -16.91
CA SER B 131 -22.08 18.75 -16.79
C SER B 131 -21.60 19.08 -15.38
N VAL B 132 -20.68 20.04 -15.31
CA VAL B 132 -20.09 20.47 -14.05
C VAL B 132 -20.27 21.99 -13.95
N MET B 133 -20.66 22.47 -12.77
CA MET B 133 -20.76 23.90 -12.51
C MET B 133 -19.93 24.25 -11.26
N PHE B 134 -19.02 25.21 -11.42
CA PHE B 134 -18.14 25.69 -10.36
C PHE B 134 -18.22 27.23 -10.34
N ILE B 135 -18.48 27.82 -9.17
CA ILE B 135 -18.77 29.26 -9.08
C ILE B 135 -17.92 29.90 -7.97
N PRO B 136 -16.62 30.04 -8.21
CA PRO B 136 -15.74 30.67 -7.22
C PRO B 136 -15.93 32.19 -7.08
N ALA B 137 -16.05 32.65 -5.84
CA ALA B 137 -15.97 34.07 -5.53
C ALA B 137 -14.49 34.45 -5.38
N GLN B 138 -14.12 35.59 -5.94
CA GLN B 138 -12.72 35.99 -6.04
C GLN B 138 -12.56 37.49 -5.75
N ARG B 139 -11.39 37.85 -5.24
CA ARG B 139 -10.95 39.24 -5.26
C ARG B 139 -9.71 39.35 -6.15
N LEU B 140 -9.78 40.28 -7.11
CA LEU B 140 -8.75 40.47 -8.12
C LEU B 140 -8.25 41.92 -8.11
N SER B 141 -6.93 42.10 -8.05
CA SER B 141 -6.26 43.35 -8.36
C SER B 141 -5.75 43.29 -9.80
N PHE B 142 -6.05 44.28 -10.62
CA PHE B 142 -5.65 44.25 -12.02
C PHE B 142 -5.34 45.68 -12.52
N MET B 143 -4.71 45.75 -13.69
CA MET B 143 -4.19 46.99 -14.23
C MET B 143 -5.35 47.85 -14.76
N CYS B 144 -5.47 49.06 -14.21
CA CYS B 144 -6.56 49.96 -14.56
C CYS B 144 -6.22 51.38 -14.09
N ASP B 145 -6.29 52.34 -15.00
CA ASP B 145 -6.01 53.74 -14.68
C ASP B 145 -7.34 54.42 -14.29
N PRO B 146 -7.50 54.75 -13.02
CA PRO B 146 -8.75 55.33 -12.52
C PRO B 146 -8.87 56.86 -12.64
N THR B 147 -7.90 57.51 -13.27
CA THR B 147 -7.95 58.96 -13.47
C THR B 147 -9.26 59.33 -14.19
N GLY B 148 -10.04 60.19 -13.55
CA GLY B 148 -11.30 60.68 -14.11
C GLY B 148 -12.50 60.02 -13.48
N VAL B 149 -12.26 59.09 -12.54
CA VAL B 149 -13.35 58.33 -11.93
C VAL B 149 -14.28 59.29 -11.18
N ASP B 150 -13.77 60.44 -10.73
CA ASP B 150 -14.57 61.40 -9.95
C ASP B 150 -15.37 62.33 -10.87
N SER B 151 -15.55 61.99 -12.15
CA SER B 151 -16.32 62.82 -13.07
C SER B 151 -17.63 62.13 -13.45
N GLU B 152 -18.44 62.80 -14.26
CA GLU B 152 -19.77 62.30 -14.64
C GLU B 152 -19.63 61.20 -15.70
N GLU B 153 -18.62 61.30 -16.56
CA GLU B 153 -18.39 60.32 -17.63
C GLU B 153 -17.74 59.06 -17.03
N GLY B 154 -17.08 59.22 -15.89
CA GLY B 154 -16.45 58.09 -15.21
C GLY B 154 -15.25 57.57 -15.98
N VAL B 155 -14.92 56.30 -15.77
CA VAL B 155 -13.73 55.72 -16.35
C VAL B 155 -14.06 54.29 -16.81
N THR B 156 -13.36 53.82 -17.84
CA THR B 156 -13.54 52.46 -18.35
C THR B 156 -12.27 51.64 -18.07
N CYS B 157 -12.48 50.38 -17.70
CA CYS B 157 -11.37 49.46 -17.52
C CYS B 157 -11.77 48.06 -18.00
N ALA B 158 -10.76 47.24 -18.30
CA ALA B 158 -10.99 45.97 -18.96
C ALA B 158 -9.98 44.93 -18.47
N VAL B 159 -10.41 43.67 -18.40
CA VAL B 159 -9.49 42.57 -18.11
C VAL B 159 -9.97 41.31 -18.85
N LYS B 160 -9.03 40.62 -19.47
CA LYS B 160 -9.31 39.40 -20.23
C LYS B 160 -9.17 38.17 -19.33
N PHE B 161 -10.14 37.27 -19.40
CA PHE B 161 -10.09 35.98 -18.72
C PHE B 161 -10.03 34.85 -19.77
N GLY B 162 -9.06 33.96 -19.65
CA GLY B 162 -8.99 32.79 -20.52
C GLY B 162 -8.04 31.73 -19.99
N SER B 163 -7.99 30.59 -20.67
CA SER B 163 -7.01 29.57 -20.37
C SER B 163 -5.60 30.14 -20.55
N TRP B 164 -4.71 29.79 -19.63
CA TRP B 164 -3.32 30.19 -19.73
C TRP B 164 -2.57 29.29 -20.72
N VAL B 165 -2.88 27.99 -20.76
CA VAL B 165 -2.02 27.02 -21.50
C VAL B 165 -2.76 26.34 -22.66
N TYR B 166 -4.07 26.49 -22.79
CA TYR B 166 -4.81 25.74 -23.80
C TYR B 166 -5.25 26.71 -24.91
N SER B 167 -4.99 26.33 -26.15
CA SER B 167 -5.42 27.14 -27.30
C SER B 167 -6.90 26.90 -27.59
N GLY B 168 -7.41 27.59 -28.62
CA GLY B 168 -8.79 27.44 -29.09
C GLY B 168 -9.06 26.06 -29.65
N PHE B 169 -8.02 25.28 -29.95
CA PHE B 169 -8.20 23.92 -30.46
C PHE B 169 -8.45 22.91 -29.31
N GLU B 170 -8.29 23.31 -28.05
CA GLU B 170 -8.57 22.41 -26.90
C GLU B 170 -9.66 23.00 -25.99
N ILE B 171 -9.64 24.30 -25.75
CA ILE B 171 -10.68 24.97 -24.95
C ILE B 171 -11.23 26.17 -25.73
N ASP B 172 -12.52 26.12 -26.03
CA ASP B 172 -13.27 27.28 -26.48
C ASP B 172 -14.03 27.86 -25.29
N LEU B 173 -14.30 29.15 -25.32
CA LEU B 173 -15.12 29.79 -24.30
C LEU B 173 -16.38 30.35 -24.95
N LYS B 174 -17.43 30.49 -24.16
CA LYS B 174 -18.59 31.26 -24.56
C LYS B 174 -19.27 31.86 -23.34
N THR B 175 -20.22 32.76 -23.59
CA THR B 175 -21.06 33.32 -22.55
C THR B 175 -22.52 33.04 -22.91
N ASP B 176 -23.41 33.04 -21.92
CA ASP B 176 -24.84 32.90 -22.14
C ASP B 176 -25.47 34.28 -22.39
N THR B 177 -24.81 35.33 -21.91
CA THR B 177 -25.24 36.71 -22.12
C THR B 177 -24.00 37.61 -22.13
N ASP B 178 -24.08 38.75 -22.78
CA ASP B 178 -22.97 39.70 -22.78
C ASP B 178 -23.11 40.69 -21.62
N GLN B 179 -24.21 40.62 -20.85
CA GLN B 179 -24.45 41.53 -19.74
C GLN B 179 -23.97 40.88 -18.43
N VAL B 180 -23.03 41.57 -17.77
CA VAL B 180 -22.59 41.21 -16.42
C VAL B 180 -23.78 41.34 -15.47
N ASP B 181 -23.98 40.35 -14.61
CA ASP B 181 -25.05 40.39 -13.60
C ASP B 181 -24.68 41.41 -12.52
N LEU B 182 -25.50 42.46 -12.38
CA LEU B 182 -25.30 43.50 -11.36
C LEU B 182 -26.39 43.42 -10.28
N SER B 183 -27.14 42.32 -10.22
CA SER B 183 -28.26 42.24 -9.27
C SER B 183 -27.76 42.06 -7.82
N SER B 184 -26.48 41.72 -7.62
CA SER B 184 -25.90 41.62 -6.27
C SER B 184 -24.91 42.75 -5.99
N TYR B 185 -24.86 43.79 -6.82
CA TYR B 185 -23.83 44.82 -6.65
C TYR B 185 -24.12 45.63 -5.38
N TYR B 186 -23.09 45.85 -4.57
CA TYR B 186 -23.21 46.51 -3.27
C TYR B 186 -23.73 47.95 -3.43
N ALA B 187 -24.90 48.21 -2.86
CA ALA B 187 -25.65 49.45 -3.07
C ALA B 187 -24.96 50.65 -2.41
N SER B 188 -24.10 50.42 -1.41
CA SER B 188 -23.39 51.53 -0.77
C SER B 188 -21.89 51.52 -1.13
N SER B 189 -21.55 50.94 -2.28
CA SER B 189 -20.17 51.01 -2.79
C SER B 189 -19.77 52.47 -3.02
N LYS B 190 -18.48 52.75 -2.94
CA LYS B 190 -17.94 54.06 -3.31
C LYS B 190 -18.15 54.32 -4.81
N TYR B 191 -18.30 53.26 -5.61
CA TYR B 191 -18.40 53.40 -7.06
C TYR B 191 -19.73 52.82 -7.55
N GLU B 192 -20.34 53.50 -8.52
CA GLU B 192 -21.53 53.00 -9.18
C GLU B 192 -21.17 52.59 -10.61
N ILE B 193 -21.85 51.57 -11.12
CA ILE B 193 -21.55 50.98 -12.41
C ILE B 193 -22.44 51.66 -13.47
N LEU B 194 -21.82 52.14 -14.54
CA LEU B 194 -22.57 52.72 -15.65
C LEU B 194 -22.85 51.63 -16.70
N SER B 195 -21.89 50.73 -16.91
CA SER B 195 -22.13 49.55 -17.73
C SER B 195 -21.07 48.49 -17.42
N ALA B 196 -21.41 47.24 -17.75
CA ALA B 196 -20.56 46.10 -17.48
C ALA B 196 -20.91 44.97 -18.46
N THR B 197 -19.96 44.63 -19.32
CA THR B 197 -20.16 43.65 -20.38
C THR B 197 -19.10 42.55 -20.30
N GLN B 198 -19.43 41.41 -20.90
CA GLN B 198 -18.56 40.23 -20.96
C GLN B 198 -18.64 39.65 -22.38
N THR B 199 -17.52 39.64 -23.09
CA THR B 199 -17.49 39.41 -24.54
C THR B 199 -16.35 38.46 -24.93
N ARG B 200 -16.69 37.42 -25.69
CA ARG B 200 -15.73 36.46 -26.22
C ARG B 200 -14.83 37.15 -27.25
N GLN B 201 -13.52 36.92 -27.16
CA GLN B 201 -12.55 37.44 -28.13
C GLN B 201 -11.57 36.32 -28.52
N VAL B 202 -10.92 36.51 -29.67
CA VAL B 202 -9.89 35.61 -30.16
C VAL B 202 -8.64 36.44 -30.43
N GLN B 203 -7.47 35.94 -30.07
CA GLN B 203 -6.25 36.59 -30.53
C GLN B 203 -5.08 35.62 -30.55
N HIS B 204 -4.00 36.09 -31.15
CA HIS B 204 -2.75 35.38 -31.26
C HIS B 204 -1.72 36.04 -30.35
N TYR B 205 -0.84 35.23 -29.79
CA TYR B 205 0.28 35.71 -29.00
C TYR B 205 1.59 35.32 -29.71
N SER B 206 2.63 36.11 -29.51
CA SER B 206 3.91 35.91 -30.19
C SER B 206 4.56 34.58 -29.78
N CYS B 207 4.27 34.08 -28.58
CA CYS B 207 4.85 32.82 -28.09
C CYS B 207 4.43 31.63 -28.95
N CYS B 208 3.27 31.72 -29.60
CA CYS B 208 2.47 30.52 -29.87
C CYS B 208 1.73 30.62 -31.21
N PRO B 209 1.71 29.53 -31.99
CA PRO B 209 1.11 29.50 -33.35
C PRO B 209 -0.43 29.46 -33.42
N GLU B 210 -1.11 29.05 -32.35
CA GLU B 210 -2.56 28.84 -32.41
C GLU B 210 -3.28 30.02 -31.76
N PRO B 211 -4.54 30.26 -32.13
CA PRO B 211 -5.34 31.31 -31.49
C PRO B 211 -5.80 30.89 -30.08
N TYR B 212 -5.94 31.88 -29.21
CA TYR B 212 -6.37 31.71 -27.83
C TYR B 212 -7.68 32.49 -27.63
N ILE B 213 -8.60 31.90 -26.88
CA ILE B 213 -9.91 32.49 -26.63
C ILE B 213 -9.90 33.12 -25.24
N ASP B 214 -10.49 34.31 -25.12
CA ASP B 214 -10.68 34.95 -23.83
C ASP B 214 -12.09 35.54 -23.75
N VAL B 215 -12.53 35.83 -22.53
CA VAL B 215 -13.71 36.64 -22.30
C VAL B 215 -13.24 37.97 -21.68
N ASN B 216 -13.63 39.07 -22.32
CA ASN B 216 -13.20 40.40 -21.95
C ASN B 216 -14.25 41.06 -21.04
N LEU B 217 -13.88 41.27 -19.77
CA LEU B 217 -14.75 41.94 -18.81
C LEU B 217 -14.48 43.45 -18.90
N VAL B 218 -15.48 44.21 -19.35
CA VAL B 218 -15.32 45.65 -19.53
C VAL B 218 -16.31 46.37 -18.59
N VAL B 219 -15.78 47.16 -17.68
CA VAL B 219 -16.62 47.85 -16.69
C VAL B 219 -16.36 49.36 -16.77
N LYS B 220 -17.46 50.10 -16.84
CA LYS B 220 -17.42 51.54 -16.80
C LYS B 220 -18.06 52.00 -15.49
N PHE B 221 -17.36 52.82 -14.73
CA PHE B 221 -17.80 53.19 -13.39
C PHE B 221 -17.36 54.62 -13.06
N ARG B 222 -18.02 55.20 -12.08
CA ARG B 222 -17.69 56.51 -11.55
C ARG B 222 -17.96 56.55 -10.04
N GLU B 223 -17.39 57.54 -9.36
CA GLU B 223 -17.67 57.74 -7.93
C GLU B 223 -19.18 57.99 -7.74
N ARG B 224 -19.73 57.44 -6.67
CA ARG B 224 -21.16 57.49 -6.39
C ARG B 224 -21.57 58.93 -6.05
N ARG B 225 -22.70 59.36 -6.61
CA ARG B 225 -23.16 60.76 -6.53
C ARG B 225 -24.45 60.83 -5.68
N GLN C 20 -7.99 11.91 -23.13
CA GLN C 20 -8.83 10.69 -23.13
C GLN C 20 -7.92 9.46 -22.99
N ALA C 21 -8.38 8.31 -23.47
CA ALA C 21 -7.70 7.02 -23.25
C ALA C 21 -6.22 7.11 -23.65
N ASN C 22 -5.94 7.63 -24.85
CA ASN C 22 -4.58 7.61 -25.37
C ASN C 22 -3.67 8.51 -24.52
N LEU C 23 -4.16 9.66 -24.08
CA LEU C 23 -3.35 10.58 -23.27
C LEU C 23 -3.10 9.97 -21.88
N MET C 24 -4.14 9.41 -21.27
CA MET C 24 -4.01 8.77 -19.95
C MET C 24 -2.90 7.71 -20.02
N ARG C 25 -2.90 6.95 -21.12
CA ARG C 25 -1.92 5.88 -21.34
C ARG C 25 -0.50 6.48 -21.45
N LEU C 26 -0.36 7.55 -22.21
CA LEU C 26 0.94 8.20 -22.39
C LEU C 26 1.45 8.74 -21.05
N LYS C 27 0.60 9.40 -20.30
CA LYS C 27 1.04 10.01 -19.03
C LYS C 27 1.40 8.91 -18.03
N SER C 28 0.68 7.80 -18.04
CA SER C 28 1.01 6.68 -17.17
C SER C 28 2.38 6.09 -17.53
N ASP C 29 2.68 5.97 -18.83
CA ASP C 29 3.94 5.37 -19.27
C ASP C 29 5.12 6.30 -18.95
N LEU C 30 4.94 7.62 -19.01
CA LEU C 30 6.04 8.57 -18.80
C LEU C 30 6.35 8.74 -17.31
N PHE C 31 5.33 8.74 -16.47
CA PHE C 31 5.48 9.23 -15.08
C PHE C 31 5.41 8.09 -14.04
N ASN C 32 4.63 7.05 -14.29
CA ASN C 32 4.39 6.01 -13.27
C ASN C 32 5.47 4.93 -13.34
N ARG C 33 6.01 4.64 -14.53
CA ARG C 33 6.92 3.50 -14.73
C ARG C 33 8.31 3.80 -14.17
N SER C 34 8.83 5.00 -14.42
CA SER C 34 10.19 5.37 -14.07
C SER C 34 10.20 6.28 -12.85
N PRO C 35 11.36 6.43 -12.14
CA PRO C 35 11.51 7.49 -11.13
C PRO C 35 11.62 8.86 -11.82
N MET C 36 11.40 9.95 -11.08
CA MET C 36 11.48 11.28 -11.69
C MET C 36 12.94 11.57 -12.10
N TYR C 37 13.07 12.41 -13.11
CA TYR C 37 14.37 12.93 -13.56
C TYR C 37 15.04 13.65 -12.38
N PRO C 38 16.31 13.33 -12.09
CA PRO C 38 17.04 13.89 -10.95
C PRO C 38 17.76 15.22 -11.23
N GLY C 39 17.43 15.86 -12.34
CA GLY C 39 18.08 17.11 -12.74
C GLY C 39 19.34 16.83 -13.55
N PRO C 40 19.95 17.90 -14.07
CA PRO C 40 21.16 17.79 -14.89
C PRO C 40 22.41 17.44 -14.09
N THR C 41 23.44 17.02 -14.81
CA THR C 41 24.73 16.63 -14.26
C THR C 41 25.84 17.09 -15.21
N LYS C 42 27.10 16.88 -14.82
CA LYS C 42 28.24 17.26 -15.66
C LYS C 42 28.30 16.38 -16.91
N ASP C 43 27.91 15.12 -16.79
CA ASP C 43 27.95 14.16 -17.91
C ASP C 43 26.76 14.38 -18.86
N ASP C 44 25.65 14.91 -18.33
CA ASP C 44 24.44 15.17 -19.13
C ASP C 44 23.91 16.57 -18.83
N PRO C 45 24.63 17.60 -19.29
CA PRO C 45 24.24 18.98 -19.00
C PRO C 45 23.00 19.41 -19.79
N LEU C 46 22.49 20.59 -19.46
CA LEU C 46 21.20 21.05 -19.97
C LEU C 46 21.33 22.54 -20.32
N THR C 47 20.78 22.94 -21.47
CA THR C 47 20.67 24.35 -21.82
C THR C 47 19.21 24.78 -21.69
N VAL C 48 18.97 25.85 -20.95
CA VAL C 48 17.62 26.41 -20.80
C VAL C 48 17.55 27.72 -21.59
N THR C 49 16.53 27.85 -22.44
CA THR C 49 16.27 29.11 -23.14
C THR C 49 15.29 29.95 -22.33
N LEU C 50 15.66 31.21 -22.07
CA LEU C 50 14.83 32.17 -21.33
C LEU C 50 14.44 33.33 -22.24
N GLY C 51 13.24 33.87 -22.00
CA GLY C 51 12.78 35.09 -22.67
C GLY C 51 11.71 35.78 -21.84
N PHE C 52 11.69 37.10 -21.88
CA PHE C 52 10.82 37.88 -21.01
C PHE C 52 9.80 38.68 -21.84
N THR C 53 8.58 38.73 -21.32
CA THR C 53 7.54 39.60 -21.84
C THR C 53 7.10 40.50 -20.68
N LEU C 54 7.42 41.79 -20.78
CA LEU C 54 7.20 42.70 -19.66
C LEU C 54 5.80 43.34 -19.78
N GLN C 55 4.99 43.17 -18.75
CA GLN C 55 3.60 43.62 -18.77
C GLN C 55 3.45 44.99 -18.07
N ASP C 56 4.13 45.20 -16.95
CA ASP C 56 3.89 46.40 -16.15
C ASP C 56 5.01 46.61 -15.12
N ILE C 57 5.47 47.85 -15.01
CA ILE C 57 6.14 48.32 -13.82
C ILE C 57 5.05 48.91 -12.93
N VAL C 58 4.68 48.17 -11.89
CA VAL C 58 3.50 48.51 -11.08
C VAL C 58 3.84 49.69 -10.17
N LYS C 59 4.94 49.59 -9.43
CA LYS C 59 5.33 50.70 -8.60
C LYS C 59 6.82 50.69 -8.29
N VAL C 60 7.21 51.82 -7.75
CA VAL C 60 8.56 52.17 -7.41
C VAL C 60 8.55 52.67 -5.96
N ASP C 61 9.52 52.26 -5.15
CA ASP C 61 9.63 52.71 -3.76
C ASP C 61 10.98 53.41 -3.58
N SER C 62 10.94 54.74 -3.57
CA SER C 62 12.16 55.54 -3.58
C SER C 62 12.79 55.58 -2.19
N SER C 63 12.06 55.21 -1.14
CA SER C 63 12.65 55.19 0.20
C SER C 63 13.38 53.86 0.46
N THR C 64 13.06 52.78 -0.28
CA THR C 64 13.72 51.47 -0.06
C THR C 64 14.49 50.98 -1.29
N ASN C 65 14.45 51.72 -2.40
CA ASN C 65 15.08 51.31 -3.65
C ASN C 65 14.63 49.88 -4.02
N GLU C 66 13.31 49.73 -4.11
CA GLU C 66 12.66 48.52 -4.58
C GLU C 66 11.75 48.90 -5.77
N VAL C 67 11.76 48.07 -6.81
CA VAL C 67 10.85 48.22 -7.97
C VAL C 67 10.06 46.91 -8.15
N ASP C 68 8.79 47.02 -8.52
CA ASP C 68 7.90 45.86 -8.71
C ASP C 68 7.56 45.69 -10.20
N LEU C 69 7.96 44.54 -10.80
CA LEU C 69 7.66 44.19 -12.20
C LEU C 69 6.62 43.08 -12.27
N VAL C 70 5.70 43.18 -13.23
CA VAL C 70 4.85 42.06 -13.65
C VAL C 70 5.27 41.69 -15.08
N TYR C 71 5.54 40.40 -15.28
CA TYR C 71 6.06 39.89 -16.55
C TYR C 71 5.73 38.40 -16.64
N TYR C 72 5.87 37.82 -17.83
CA TYR C 72 5.92 36.38 -17.92
C TYR C 72 7.22 35.95 -18.62
N GLU C 73 7.68 34.79 -18.19
CA GLU C 73 9.02 34.32 -18.46
C GLU C 73 8.92 32.97 -19.18
N GLN C 74 9.31 32.94 -20.44
CA GLN C 74 9.27 31.72 -21.23
C GLN C 74 10.51 30.87 -20.90
N GLN C 75 10.31 29.66 -20.41
CA GLN C 75 11.40 28.72 -20.12
C GLN C 75 11.28 27.51 -21.05
N ARG C 76 12.38 27.06 -21.63
CA ARG C 76 12.35 25.96 -22.59
C ARG C 76 13.62 25.10 -22.43
N TRP C 77 13.43 23.79 -22.34
CA TRP C 77 14.54 22.84 -22.25
C TRP C 77 14.10 21.52 -22.88
N LYS C 78 15.03 20.56 -23.01
CA LYS C 78 14.72 19.29 -23.69
C LYS C 78 15.38 18.11 -22.96
N LEU C 79 14.60 17.06 -22.75
CA LEU C 79 15.05 15.84 -22.08
C LEU C 79 14.75 14.61 -22.95
N ASN C 80 15.69 13.69 -23.02
CA ASN C 80 15.49 12.42 -23.73
C ASN C 80 14.39 11.60 -23.04
N SER C 81 14.30 11.70 -21.71
CA SER C 81 13.39 10.85 -20.93
C SER C 81 11.92 11.25 -21.11
N LEU C 82 11.61 12.34 -21.81
CA LEU C 82 10.20 12.70 -22.07
C LEU C 82 9.85 12.50 -23.55
N MET C 83 10.70 11.78 -24.29
CA MET C 83 10.41 11.47 -25.70
C MET C 83 9.35 10.37 -25.79
N TRP C 84 8.58 10.37 -26.87
CA TRP C 84 7.71 9.26 -27.21
C TRP C 84 7.42 9.26 -28.71
N ASP C 85 7.06 8.09 -29.24
CA ASP C 85 6.64 7.93 -30.63
C ASP C 85 5.12 8.20 -30.70
N PRO C 86 4.69 9.25 -31.41
CA PRO C 86 3.26 9.58 -31.49
C PRO C 86 2.36 8.47 -32.06
N ASN C 87 2.92 7.60 -32.91
CA ASN C 87 2.15 6.53 -33.53
C ASN C 87 1.62 5.56 -32.47
N GLU C 88 2.39 5.36 -31.40
CA GLU C 88 2.02 4.43 -30.32
C GLU C 88 0.97 5.02 -29.38
N TYR C 89 0.60 6.30 -29.54
CA TYR C 89 -0.29 6.96 -28.59
C TYR C 89 -1.30 7.85 -29.33
N GLY C 90 -1.92 7.31 -30.37
CA GLY C 90 -3.05 7.97 -31.05
C GLY C 90 -2.66 9.28 -31.72
N ASN C 91 -1.39 9.42 -32.09
CA ASN C 91 -0.86 10.58 -32.83
C ASN C 91 -0.84 11.85 -31.97
N ILE C 92 -0.83 11.71 -30.63
CA ILE C 92 -0.61 12.86 -29.74
C ILE C 92 0.83 13.37 -29.94
N THR C 93 0.98 14.65 -30.27
CA THR C 93 2.32 15.23 -30.48
C THR C 93 2.73 16.10 -29.29
N ASP C 94 1.79 16.46 -28.40
CA ASP C 94 2.14 17.21 -27.17
C ASP C 94 1.02 17.10 -26.13
N PHE C 95 1.31 17.48 -24.88
CA PHE C 95 0.27 17.52 -23.86
C PHE C 95 0.60 18.55 -22.77
N ARG C 96 -0.46 19.05 -22.13
CA ARG C 96 -0.36 19.91 -20.96
C ARG C 96 -0.28 19.04 -19.70
N THR C 97 0.52 19.46 -18.73
CA THR C 97 0.66 18.71 -17.49
C THR C 97 1.07 19.67 -16.35
N SER C 98 0.66 19.32 -15.13
CA SER C 98 1.09 20.05 -13.96
C SER C 98 2.62 20.07 -13.88
N ALA C 99 3.16 21.22 -13.49
CA ALA C 99 4.61 21.38 -13.35
C ALA C 99 5.14 20.57 -12.16
N ALA C 100 4.24 20.06 -11.30
CA ALA C 100 4.63 19.15 -10.21
C ALA C 100 4.99 17.76 -10.75
N ASP C 101 4.45 17.39 -11.92
CA ASP C 101 4.69 16.06 -12.51
C ASP C 101 6.09 15.97 -13.11
N ILE C 102 6.79 17.10 -13.29
CA ILE C 102 8.07 17.11 -14.01
C ILE C 102 9.10 17.95 -13.25
N TRP C 103 10.35 17.76 -13.62
CA TRP C 103 11.43 18.62 -13.17
C TRP C 103 11.30 19.98 -13.87
N THR C 104 11.56 21.05 -13.13
CA THR C 104 11.65 22.40 -13.70
C THR C 104 12.95 23.06 -13.22
N PRO C 105 13.55 23.94 -14.04
CA PRO C 105 14.79 24.61 -13.65
C PRO C 105 14.57 25.64 -12.53
N ASP C 106 15.56 25.73 -11.64
CA ASP C 106 15.49 26.55 -10.42
C ASP C 106 15.92 27.99 -10.73
N ILE C 107 15.26 28.62 -11.71
CA ILE C 107 15.64 29.96 -12.17
C ILE C 107 15.27 30.97 -11.08
N THR C 108 16.24 31.77 -10.68
CA THR C 108 16.14 32.63 -9.50
C THR C 108 16.64 34.04 -9.84
N ALA C 109 15.88 35.04 -9.41
CA ALA C 109 16.32 36.44 -9.49
C ALA C 109 17.36 36.69 -8.39
N TYR C 110 18.48 37.30 -8.74
CA TYR C 110 19.63 37.35 -7.83
C TYR C 110 19.58 38.58 -6.92
N SER C 111 18.65 39.50 -7.15
CA SER C 111 18.56 40.71 -6.33
C SER C 111 17.10 40.97 -5.93
N SER C 112 16.35 39.92 -5.69
CA SER C 112 14.97 40.05 -5.21
C SER C 112 14.98 40.44 -3.73
N THR C 113 13.91 41.13 -3.32
CA THR C 113 13.77 41.57 -1.92
C THR C 113 12.51 40.97 -1.28
N ARG C 114 11.68 40.31 -2.08
CA ARG C 114 10.52 39.58 -1.60
C ARG C 114 10.43 38.26 -2.38
N PRO C 115 9.71 37.27 -1.82
CA PRO C 115 9.40 36.08 -2.62
C PRO C 115 8.59 36.46 -3.87
N VAL C 116 8.86 35.78 -4.98
CA VAL C 116 8.14 36.02 -6.22
C VAL C 116 6.69 35.56 -6.04
N GLN C 117 5.74 36.34 -6.56
CA GLN C 117 4.33 35.95 -6.54
C GLN C 117 3.97 35.32 -7.89
N VAL C 118 3.30 34.17 -7.83
CA VAL C 118 2.91 33.42 -9.03
C VAL C 118 1.53 33.91 -9.48
N LEU C 119 1.40 34.29 -10.75
CA LEU C 119 0.16 34.88 -11.26
C LEU C 119 -0.51 33.98 -12.30
N SER C 120 0.03 32.79 -12.55
CA SER C 120 -0.52 31.91 -13.59
C SER C 120 -0.45 30.45 -13.12
N PRO C 121 -1.30 29.58 -13.69
CA PRO C 121 -1.35 28.17 -13.33
C PRO C 121 -0.01 27.46 -13.60
N GLN C 122 0.37 26.59 -12.68
CA GLN C 122 1.66 25.90 -12.74
C GLN C 122 1.52 24.70 -13.69
N ILE C 123 1.40 24.99 -14.98
CA ILE C 123 1.18 23.98 -16.01
C ILE C 123 2.17 24.22 -17.14
N ALA C 124 2.79 23.13 -17.63
CA ALA C 124 3.74 23.18 -18.76
C ALA C 124 3.21 22.34 -19.94
N VAL C 125 3.81 22.53 -21.11
CA VAL C 125 3.49 21.74 -22.30
C VAL C 125 4.70 20.90 -22.70
N VAL C 126 4.47 19.59 -22.87
CA VAL C 126 5.53 18.65 -23.26
C VAL C 126 5.28 18.21 -24.71
N THR C 127 6.33 18.22 -25.52
CA THR C 127 6.26 17.82 -26.94
C THR C 127 7.00 16.48 -27.11
N HIS C 128 6.60 15.71 -28.12
CA HIS C 128 7.02 14.31 -28.32
C HIS C 128 8.54 14.17 -28.50
N ASP C 129 9.24 15.22 -28.89
CA ASP C 129 10.70 15.17 -29.01
C ASP C 129 11.36 15.38 -27.64
N GLY C 130 10.56 15.53 -26.57
CA GLY C 130 11.10 15.67 -25.22
C GLY C 130 11.29 17.12 -24.81
N SER C 131 10.93 18.06 -25.67
CA SER C 131 11.07 19.48 -25.33
C SER C 131 9.90 19.91 -24.42
N VAL C 132 10.21 20.81 -23.49
CA VAL C 132 9.25 21.31 -22.51
C VAL C 132 9.20 22.84 -22.61
N MET C 133 8.01 23.41 -22.56
CA MET C 133 7.87 24.86 -22.46
C MET C 133 7.00 25.18 -21.24
N PHE C 134 7.46 26.14 -20.45
CA PHE C 134 6.80 26.57 -19.22
C PHE C 134 6.88 28.09 -19.14
N ILE C 135 5.73 28.77 -19.02
CA ILE C 135 5.68 30.23 -19.14
C ILE C 135 4.98 30.82 -17.90
N PRO C 136 5.66 30.80 -16.74
CA PRO C 136 5.12 31.40 -15.51
C PRO C 136 5.00 32.93 -15.59
N ALA C 137 3.83 33.45 -15.28
CA ALA C 137 3.65 34.88 -15.04
C ALA C 137 3.98 35.19 -13.58
N GLN C 138 4.72 36.27 -13.32
CA GLN C 138 5.28 36.55 -11.99
C GLN C 138 5.21 38.05 -11.67
N ARG C 139 5.13 38.35 -10.39
CA ARG C 139 5.41 39.69 -9.89
C ARG C 139 6.68 39.64 -9.02
N LEU C 140 7.65 40.49 -9.34
CA LEU C 140 8.94 40.50 -8.67
C LEU C 140 9.22 41.89 -8.06
N SER C 141 9.64 41.90 -6.79
CA SER C 141 10.26 43.09 -6.18
C SER C 141 11.78 42.91 -6.18
N PHE C 142 12.52 43.86 -6.74
CA PHE C 142 13.98 43.76 -6.76
C PHE C 142 14.63 45.12 -6.54
N MET C 143 15.95 45.07 -6.31
CA MET C 143 16.73 46.22 -5.91
C MET C 143 17.00 47.12 -7.13
N CYS C 144 16.54 48.37 -7.03
CA CYS C 144 16.65 49.34 -8.11
C CYS C 144 16.50 50.76 -7.53
N ASP C 145 17.44 51.65 -7.84
CA ASP C 145 17.40 53.04 -7.40
C ASP C 145 16.64 53.86 -8.45
N PRO C 146 15.42 54.30 -8.12
CA PRO C 146 14.58 55.05 -9.05
C PRO C 146 14.79 56.58 -9.05
N THR C 147 15.86 57.06 -8.45
CA THR C 147 16.22 58.50 -8.49
C THR C 147 16.39 58.94 -9.94
N GLY C 148 15.60 59.93 -10.36
CA GLY C 148 15.67 60.47 -11.73
C GLY C 148 14.64 59.84 -12.66
N VAL C 149 13.74 59.02 -12.11
CA VAL C 149 12.70 58.38 -12.92
C VAL C 149 11.76 59.45 -13.47
N ASP C 150 11.61 60.57 -12.75
CA ASP C 150 10.75 61.68 -13.19
C ASP C 150 11.45 62.59 -14.20
N SER C 151 12.65 62.23 -14.68
CA SER C 151 13.35 63.02 -15.70
C SER C 151 13.00 62.50 -17.09
N GLU C 152 13.41 63.26 -18.10
CA GLU C 152 13.22 62.90 -19.51
C GLU C 152 14.08 61.67 -19.85
N GLU C 153 15.30 61.67 -19.33
CA GLU C 153 16.30 60.62 -19.57
C GLU C 153 15.84 59.30 -18.92
N GLY C 154 15.17 59.40 -17.78
CA GLY C 154 14.70 58.23 -17.04
C GLY C 154 15.82 57.55 -16.27
N VAL C 155 15.57 56.32 -15.85
CA VAL C 155 16.51 55.55 -15.04
C VAL C 155 16.70 54.16 -15.66
N THR C 156 17.83 53.55 -15.37
CA THR C 156 18.14 52.21 -15.81
C THR C 156 18.26 51.30 -14.58
N CYS C 157 17.75 50.08 -14.69
CA CYS C 157 17.92 49.09 -13.63
C CYS C 157 18.06 47.70 -14.24
N ALA C 158 18.59 46.76 -13.44
CA ALA C 158 18.96 45.45 -13.94
C ALA C 158 18.73 44.38 -12.87
N VAL C 159 18.37 43.18 -13.32
CA VAL C 159 18.27 42.03 -12.42
C VAL C 159 18.71 40.79 -13.19
N LYS C 160 19.56 39.99 -12.56
CA LYS C 160 20.11 38.77 -13.15
C LYS C 160 19.23 37.56 -12.79
N PHE C 161 18.87 36.77 -13.80
CA PHE C 161 18.12 35.54 -13.62
C PHE C 161 19.02 34.34 -13.96
N GLY C 162 19.13 33.39 -13.04
CA GLY C 162 19.93 32.19 -13.28
C GLY C 162 19.68 31.13 -12.22
N SER C 163 20.25 29.94 -12.45
CA SER C 163 20.17 28.88 -11.47
C SER C 163 20.82 29.32 -10.16
N TRP C 164 20.22 28.93 -9.05
CA TRP C 164 20.80 29.19 -7.74
C TRP C 164 21.88 28.14 -7.41
N VAL C 165 21.64 26.88 -7.77
CA VAL C 165 22.44 25.78 -7.21
C VAL C 165 23.35 25.14 -8.27
N TYR C 166 23.05 25.32 -9.57
CA TYR C 166 23.79 24.64 -10.64
C TYR C 166 24.74 25.61 -11.33
N SER C 167 26.01 25.21 -11.44
CA SER C 167 27.02 25.99 -12.16
C SER C 167 26.85 25.83 -13.67
N GLY C 168 27.73 26.45 -14.44
CA GLY C 168 27.72 26.35 -15.91
C GLY C 168 28.03 24.95 -16.44
N PHE C 169 28.52 24.06 -15.58
CA PHE C 169 28.85 22.70 -16.00
C PHE C 169 27.60 21.81 -16.01
N GLU C 170 26.52 22.23 -15.35
CA GLU C 170 25.26 21.48 -15.36
C GLU C 170 24.17 22.24 -16.11
N ILE C 171 24.06 23.55 -15.89
CA ILE C 171 23.04 24.36 -16.56
C ILE C 171 23.70 25.55 -17.27
N ASP C 172 23.45 25.63 -18.58
CA ASP C 172 23.79 26.77 -19.40
C ASP C 172 22.49 27.47 -19.80
N LEU C 173 22.54 28.76 -20.06
CA LEU C 173 21.37 29.52 -20.47
C LEU C 173 21.63 30.18 -21.83
N LYS C 174 20.56 30.51 -22.53
CA LYS C 174 20.65 31.35 -23.71
C LYS C 174 19.31 32.07 -23.93
N THR C 175 19.33 33.08 -24.80
CA THR C 175 18.11 33.72 -25.28
C THR C 175 18.03 33.52 -26.79
N ASP C 176 16.82 33.48 -27.33
CA ASP C 176 16.60 33.44 -28.79
C ASP C 176 16.81 34.84 -29.38
N THR C 177 16.61 35.87 -28.56
CA THR C 177 16.80 37.26 -28.96
C THR C 177 17.20 38.08 -27.72
N ASP C 178 17.95 39.16 -27.93
CA ASP C 178 18.35 40.03 -26.83
C ASP C 178 17.31 41.14 -26.63
N GLN C 179 16.28 41.19 -27.48
CA GLN C 179 15.23 42.19 -27.37
C GLN C 179 14.07 41.62 -26.53
N VAL C 180 13.79 42.29 -25.42
CA VAL C 180 12.64 41.95 -24.58
C VAL C 180 11.35 42.30 -25.33
N ASP C 181 10.35 41.43 -25.22
CA ASP C 181 9.03 41.70 -25.81
C ASP C 181 8.30 42.76 -24.96
N LEU C 182 8.01 43.90 -25.59
CA LEU C 182 7.29 45.00 -24.93
C LEU C 182 5.95 45.27 -25.64
N SER C 183 5.51 44.36 -26.50
CA SER C 183 4.30 44.58 -27.31
C SER C 183 3.02 44.42 -26.47
N SER C 184 3.12 43.84 -25.28
CA SER C 184 1.97 43.65 -24.38
C SER C 184 2.06 44.60 -23.17
N TYR C 185 2.98 45.54 -23.19
CA TYR C 185 3.18 46.42 -22.03
C TYR C 185 1.91 47.26 -21.82
N TYR C 186 1.52 47.41 -20.57
CA TYR C 186 0.31 48.12 -20.21
C TYR C 186 0.44 49.60 -20.60
N ALA C 187 -0.43 50.03 -21.51
CA ALA C 187 -0.32 51.35 -22.15
C ALA C 187 -0.63 52.49 -21.16
N SER C 188 -1.38 52.23 -20.09
CA SER C 188 -1.72 53.29 -19.12
C SER C 188 -0.96 53.11 -17.80
N SER C 189 0.17 52.42 -17.86
CA SER C 189 1.06 52.27 -16.70
C SER C 189 1.56 53.64 -16.25
N LYS C 190 1.93 53.74 -14.97
CA LYS C 190 2.54 54.95 -14.41
C LYS C 190 3.94 55.18 -15.01
N TYR C 191 4.57 54.10 -15.50
CA TYR C 191 5.92 54.19 -16.05
C TYR C 191 5.90 53.71 -17.52
N GLU C 192 6.54 54.47 -18.40
CA GLU C 192 6.70 54.01 -19.78
C GLU C 192 8.11 53.41 -19.93
N ILE C 193 8.21 52.39 -20.77
CA ILE C 193 9.47 51.72 -21.03
C ILE C 193 10.09 52.35 -22.27
N LEU C 194 11.34 52.78 -22.14
CA LEU C 194 12.08 53.29 -23.28
C LEU C 194 12.68 52.11 -24.04
N SER C 195 13.41 51.23 -23.34
CA SER C 195 13.94 50.02 -23.96
C SER C 195 14.19 48.95 -22.89
N ALA C 196 14.42 47.72 -23.33
CA ALA C 196 14.72 46.62 -22.44
C ALA C 196 15.46 45.52 -23.20
N THR C 197 16.52 44.99 -22.59
CA THR C 197 17.33 43.92 -23.18
C THR C 197 17.39 42.73 -22.22
N GLN C 198 17.70 41.57 -22.79
CA GLN C 198 17.91 40.32 -22.06
C GLN C 198 19.17 39.65 -22.62
N THR C 199 20.23 39.57 -21.82
CA THR C 199 21.54 39.14 -22.32
C THR C 199 22.17 38.08 -21.42
N ARG C 200 22.63 37.00 -22.04
CA ARG C 200 23.42 35.97 -21.36
C ARG C 200 24.72 36.58 -20.85
N GLN C 201 25.16 36.16 -19.66
CA GLN C 201 26.48 36.55 -19.16
C GLN C 201 26.99 35.49 -18.16
N VAL C 202 28.31 35.51 -17.98
CA VAL C 202 29.03 34.57 -17.13
C VAL C 202 29.50 35.32 -15.87
N GLN C 203 29.29 34.70 -14.72
CA GLN C 203 29.53 35.33 -13.43
C GLN C 203 30.47 34.45 -12.60
N HIS C 204 31.33 35.09 -11.81
CA HIS C 204 32.12 34.42 -10.79
C HIS C 204 31.79 35.02 -9.43
N TYR C 205 31.20 34.22 -8.55
CA TYR C 205 30.87 34.65 -7.20
C TYR C 205 32.00 34.21 -6.25
N SER C 206 32.20 34.96 -5.17
CA SER C 206 33.32 34.72 -4.26
C SER C 206 33.09 33.44 -3.44
N CYS C 207 31.85 32.97 -3.32
CA CYS C 207 31.55 31.72 -2.60
C CYS C 207 32.16 30.50 -3.31
N CYS C 208 32.28 30.57 -4.63
CA CYS C 208 32.26 29.38 -5.46
C CYS C 208 33.24 29.53 -6.64
N PRO C 209 34.06 28.50 -6.91
CA PRO C 209 35.07 28.60 -7.99
C PRO C 209 34.54 28.40 -9.41
N GLU C 210 33.39 27.75 -9.59
CA GLU C 210 32.86 27.45 -10.94
C GLU C 210 32.11 28.67 -11.50
N PRO C 211 32.12 28.84 -12.82
CA PRO C 211 31.32 29.92 -13.46
C PRO C 211 29.81 29.65 -13.37
N TYR C 212 29.03 30.69 -13.10
CA TYR C 212 27.57 30.60 -13.09
C TYR C 212 27.00 31.45 -14.22
N ILE C 213 25.97 30.93 -14.89
CA ILE C 213 25.37 31.60 -16.06
C ILE C 213 24.07 32.28 -15.64
N ASP C 214 23.86 33.51 -16.11
CA ASP C 214 22.60 34.20 -15.91
C ASP C 214 22.17 34.92 -17.19
N VAL C 215 20.89 35.28 -17.23
CA VAL C 215 20.39 36.22 -18.21
C VAL C 215 20.08 37.53 -17.48
N ASN C 216 20.65 38.61 -18.00
CA ASN C 216 20.57 39.92 -17.37
C ASN C 216 19.46 40.74 -18.04
N LEU C 217 18.40 41.00 -17.28
CA LEU C 217 17.30 41.81 -17.73
C LEU C 217 17.59 43.27 -17.37
N VAL C 218 17.76 44.12 -18.38
CA VAL C 218 18.01 45.54 -18.21
C VAL C 218 16.78 46.30 -18.71
N VAL C 219 16.23 47.18 -17.88
CA VAL C 219 15.06 47.96 -18.27
C VAL C 219 15.39 49.43 -18.05
N LYS C 220 15.15 50.22 -19.09
CA LYS C 220 15.23 51.68 -19.02
C LYS C 220 13.81 52.24 -19.07
N PHE C 221 13.44 53.05 -18.06
CA PHE C 221 12.06 53.53 -17.93
C PHE C 221 12.02 54.91 -17.26
N ARG C 222 10.84 55.52 -17.30
CA ARG C 222 10.61 56.84 -16.69
C ARG C 222 9.12 57.03 -16.43
N GLU C 223 8.78 58.02 -15.60
CA GLU C 223 7.38 58.35 -15.31
C GLU C 223 6.69 58.76 -16.62
N ARG C 224 5.48 58.25 -16.83
CA ARG C 224 4.71 58.58 -18.04
C ARG C 224 4.46 60.10 -18.08
N ARG C 225 4.91 60.71 -19.18
CA ARG C 225 4.78 62.15 -19.40
C ARG C 225 3.58 62.42 -20.33
N GLY C 227 4.47 64.32 -23.41
CA GLY C 227 5.87 63.94 -23.19
C GLY C 227 6.77 64.35 -24.35
N ASN C 228 8.05 63.99 -24.27
CA ASN C 228 9.04 64.33 -25.30
C ASN C 228 9.73 63.05 -25.79
N GLY C 229 10.81 62.66 -25.11
CA GLY C 229 11.70 61.59 -25.56
C GLY C 229 13.12 61.81 -25.08
N GLN D 20 20.01 10.98 -14.94
CA GLN D 20 20.52 9.75 -15.59
C GLN D 20 20.63 8.61 -14.56
N ALA D 21 20.90 7.43 -15.11
CA ALA D 21 20.73 6.14 -14.44
C ALA D 21 21.56 6.08 -13.15
N ASN D 22 22.83 6.49 -13.22
CA ASN D 22 23.75 6.38 -12.07
C ASN D 22 23.28 7.27 -10.91
N LEU D 23 22.93 8.53 -11.21
CA LEU D 23 22.47 9.44 -10.16
C LEU D 23 21.16 8.91 -9.56
N MET D 24 20.28 8.34 -10.39
CA MET D 24 18.99 7.81 -9.92
C MET D 24 19.22 6.62 -8.97
N ARG D 25 20.21 5.77 -9.26
CA ARG D 25 20.58 4.64 -8.37
C ARG D 25 21.10 5.17 -7.03
N LEU D 26 22.01 6.14 -7.09
CA LEU D 26 22.64 6.70 -5.89
C LEU D 26 21.58 7.32 -4.96
N LYS D 27 20.69 8.13 -5.53
CA LYS D 27 19.64 8.79 -4.72
C LYS D 27 18.73 7.74 -4.09
N SER D 28 18.39 6.71 -4.87
CA SER D 28 17.54 5.63 -4.39
C SER D 28 18.23 4.86 -3.24
N ASP D 29 19.53 4.59 -3.37
CA ASP D 29 20.27 3.82 -2.36
C ASP D 29 20.45 4.64 -1.07
N LEU D 30 20.45 5.98 -1.14
CA LEU D 30 20.70 6.82 0.04
C LEU D 30 19.40 7.12 0.79
N PHE D 31 18.29 7.28 0.06
CA PHE D 31 17.10 7.89 0.65
C PHE D 31 15.96 6.87 0.84
N ASN D 32 15.87 5.84 -0.01
CA ASN D 32 14.73 4.92 0.04
C ASN D 32 15.05 3.69 0.90
N ARG D 33 16.33 3.38 1.13
CA ARG D 33 16.70 2.16 1.88
C ARG D 33 16.57 2.37 3.39
N SER D 34 17.29 3.36 3.91
CA SER D 34 17.36 3.63 5.34
C SER D 34 16.25 4.60 5.76
N PRO D 35 15.89 4.62 7.06
CA PRO D 35 15.09 5.73 7.62
C PRO D 35 15.90 7.04 7.65
N MET D 36 15.22 8.18 7.67
CA MET D 36 15.91 9.48 7.64
C MET D 36 16.78 9.62 8.88
N TYR D 37 17.87 10.37 8.72
CA TYR D 37 18.73 10.75 9.82
C TYR D 37 17.90 11.52 10.86
N PRO D 38 17.89 11.06 12.13
CA PRO D 38 17.05 11.63 13.20
C PRO D 38 17.66 12.87 13.89
N GLY D 39 18.78 13.36 13.37
CA GLY D 39 19.42 14.54 13.93
C GLY D 39 20.56 14.16 14.86
N PRO D 40 21.32 15.16 15.32
CA PRO D 40 22.48 14.90 16.17
C PRO D 40 22.09 14.50 17.59
N THR D 41 23.00 13.79 18.26
CA THR D 41 22.83 13.32 19.63
C THR D 41 24.08 13.67 20.43
N LYS D 42 24.07 13.38 21.72
CA LYS D 42 25.23 13.66 22.58
C LYS D 42 26.39 12.73 22.22
N ASP D 43 26.08 11.51 21.77
CA ASP D 43 27.10 10.52 21.39
C ASP D 43 27.62 10.79 19.98
N ASP D 44 26.79 11.40 19.12
CA ASP D 44 27.16 11.70 17.73
C ASP D 44 26.81 13.17 17.43
N PRO D 45 27.59 14.11 18.03
CA PRO D 45 27.33 15.54 17.84
C PRO D 45 27.72 16.03 16.44
N LEU D 46 27.30 17.24 16.11
CA LEU D 46 27.45 17.79 14.76
C LEU D 46 28.00 19.22 14.87
N THR D 47 28.96 19.56 14.02
CA THR D 47 29.45 20.93 13.91
C THR D 47 28.95 21.52 12.58
N VAL D 48 28.19 22.61 12.68
CA VAL D 48 27.69 23.33 11.50
C VAL D 48 28.56 24.56 11.27
N THR D 49 29.12 24.70 10.06
CA THR D 49 29.83 25.92 9.69
C THR D 49 28.84 26.94 9.12
N LEU D 50 28.89 28.18 9.60
CA LEU D 50 28.01 29.28 9.15
C LEU D 50 28.84 30.42 8.56
N GLY D 51 28.28 31.07 7.55
CA GLY D 51 28.84 32.30 6.97
C GLY D 51 27.75 33.12 6.29
N PHE D 52 27.89 34.44 6.33
CA PHE D 52 26.88 35.35 5.79
C PHE D 52 27.47 36.14 4.63
N THR D 53 26.65 36.31 3.59
CA THR D 53 26.90 37.24 2.51
C THR D 53 25.76 38.27 2.53
N LEU D 54 26.07 39.52 2.89
CA LEU D 54 25.04 40.55 3.06
C LEU D 54 24.81 41.29 1.73
N GLN D 55 23.56 41.31 1.27
CA GLN D 55 23.23 41.90 -0.04
C GLN D 55 22.65 43.32 0.13
N ASP D 56 21.84 43.54 1.15
CA ASP D 56 21.17 44.83 1.26
C ASP D 56 20.58 45.02 2.66
N ILE D 57 20.73 46.22 3.19
CA ILE D 57 19.86 46.70 4.25
C ILE D 57 18.72 47.44 3.55
N VAL D 58 17.57 46.79 3.46
CA VAL D 58 16.50 47.25 2.58
C VAL D 58 15.73 48.39 3.28
N LYS D 59 15.48 48.22 4.57
CA LYS D 59 14.49 49.04 5.24
C LYS D 59 14.82 49.17 6.74
N VAL D 60 14.60 50.38 7.23
CA VAL D 60 14.76 50.74 8.62
C VAL D 60 13.43 51.35 9.08
N ASP D 61 12.90 50.91 10.22
CA ASP D 61 11.66 51.46 10.75
C ASP D 61 11.95 52.08 12.12
N SER D 62 11.98 53.41 12.15
CA SER D 62 12.34 54.13 13.37
C SER D 62 11.17 54.17 14.35
N SER D 63 9.95 53.81 13.94
CA SER D 63 8.79 53.85 14.83
C SER D 63 8.57 52.51 15.55
N THR D 64 9.22 51.43 15.09
CA THR D 64 9.11 50.12 15.75
C THR D 64 10.49 49.53 16.10
N ASN D 65 11.58 50.16 15.69
CA ASN D 65 12.95 49.64 15.88
C ASN D 65 13.06 48.23 15.27
N GLU D 66 12.61 48.12 14.03
CA GLU D 66 12.82 46.92 13.21
C GLU D 66 13.72 47.29 12.03
N VAL D 67 14.63 46.39 11.67
CA VAL D 67 15.45 46.53 10.46
C VAL D 67 15.33 45.26 9.63
N ASP D 68 15.35 45.44 8.30
CA ASP D 68 15.15 44.35 7.33
C ASP D 68 16.45 44.11 6.56
N LEU D 69 16.97 42.88 6.61
CA LEU D 69 18.18 42.50 5.85
C LEU D 69 17.83 41.49 4.76
N VAL D 70 18.53 41.61 3.63
CA VAL D 70 18.58 40.56 2.63
C VAL D 70 20.01 40.03 2.57
N TYR D 71 20.16 38.72 2.74
CA TYR D 71 21.45 38.06 2.80
C TYR D 71 21.31 36.61 2.33
N TYR D 72 22.41 35.94 2.07
CA TYR D 72 22.36 34.49 1.99
C TYR D 72 23.39 33.87 2.95
N GLU D 73 22.98 32.72 3.48
CA GLU D 73 23.61 32.10 4.63
C GLU D 73 24.15 30.73 4.20
N GLN D 74 25.48 30.58 4.22
CA GLN D 74 26.11 29.31 3.84
C GLN D 74 26.11 28.39 5.06
N GLN D 75 25.48 27.22 4.95
CA GLN D 75 25.43 26.21 6.01
C GLN D 75 26.17 24.96 5.53
N ARG D 76 27.01 24.37 6.38
CA ARG D 76 27.81 23.20 5.97
C ARG D 76 27.96 22.25 7.16
N TRP D 77 27.68 20.97 6.92
CA TRP D 77 27.86 19.91 7.92
C TRP D 77 28.19 18.60 7.20
N LYS D 78 28.50 17.55 7.96
CA LYS D 78 28.91 16.26 7.37
C LYS D 78 28.28 15.10 8.14
N LEU D 79 27.74 14.13 7.40
CA LEU D 79 27.17 12.90 7.98
C LEU D 79 27.81 11.66 7.34
N ASN D 80 27.98 10.61 8.14
CA ASN D 80 28.49 9.32 7.66
C ASN D 80 27.45 8.68 6.74
N SER D 81 26.17 8.82 7.08
CA SER D 81 25.08 8.13 6.40
C SER D 81 24.86 8.64 4.96
N LEU D 82 25.58 9.69 4.54
CA LEU D 82 25.44 10.24 3.18
C LEU D 82 26.73 9.99 2.37
N MET D 83 27.62 9.15 2.88
CA MET D 83 28.84 8.81 2.13
C MET D 83 28.50 7.80 1.03
N TRP D 84 29.26 7.84 -0.06
CA TRP D 84 29.24 6.79 -1.08
C TRP D 84 30.60 6.72 -1.77
N ASP D 85 30.85 5.60 -2.43
CA ASP D 85 32.05 5.40 -3.23
C ASP D 85 31.77 5.86 -4.67
N PRO D 86 32.47 6.89 -5.16
CA PRO D 86 32.20 7.41 -6.52
C PRO D 86 32.26 6.34 -7.63
N ASN D 87 33.14 5.35 -7.50
CA ASN D 87 33.38 4.39 -8.60
C ASN D 87 32.20 3.42 -8.73
N GLU D 88 31.42 3.24 -7.68
CA GLU D 88 30.23 2.38 -7.75
C GLU D 88 29.03 3.12 -8.35
N TYR D 89 29.18 4.42 -8.64
CA TYR D 89 28.09 5.24 -9.17
C TYR D 89 28.58 6.17 -10.27
N GLY D 90 29.39 5.63 -11.19
CA GLY D 90 29.78 6.33 -12.42
C GLY D 90 30.61 7.58 -12.17
N ASN D 91 31.42 7.58 -11.11
CA ASN D 91 32.34 8.69 -10.78
C ASN D 91 31.59 9.97 -10.38
N ILE D 92 30.34 9.85 -9.90
CA ILE D 92 29.63 11.01 -9.36
C ILE D 92 30.28 11.40 -8.03
N THR D 93 30.68 12.66 -7.89
CA THR D 93 31.34 13.14 -6.66
C THR D 93 30.39 14.02 -5.82
N ASP D 94 29.34 14.55 -6.44
CA ASP D 94 28.33 15.35 -5.70
C ASP D 94 27.01 15.36 -6.48
N PHE D 95 25.93 15.78 -5.83
CA PHE D 95 24.65 15.93 -6.53
C PHE D 95 23.77 16.96 -5.81
N ARG D 96 22.88 17.58 -6.59
CA ARG D 96 21.89 18.51 -6.08
C ARG D 96 20.65 17.72 -5.63
N THR D 97 20.04 18.10 -4.52
CA THR D 97 18.84 17.41 -4.05
C THR D 97 17.96 18.38 -3.26
N SER D 98 16.66 18.12 -3.27
CA SER D 98 15.70 18.91 -2.52
C SER D 98 16.03 18.84 -1.02
N ALA D 99 15.94 19.98 -0.35
CA ALA D 99 16.23 20.04 1.08
C ALA D 99 15.19 19.25 1.89
N ALA D 100 14.05 18.91 1.29
CA ALA D 100 13.03 18.05 1.96
C ALA D 100 13.48 16.58 2.02
N ASP D 101 14.41 16.17 1.16
CA ASP D 101 14.91 14.78 1.13
C ASP D 101 15.91 14.53 2.27
N ILE D 102 16.43 15.58 2.92
CA ILE D 102 17.50 15.42 3.90
C ILE D 102 17.17 16.21 5.16
N TRP D 103 17.86 15.86 6.24
CA TRP D 103 17.85 16.65 7.46
C TRP D 103 18.63 17.95 7.21
N THR D 104 18.15 19.05 7.79
CA THR D 104 18.87 20.33 7.78
C THR D 104 18.83 20.93 9.19
N PRO D 105 19.86 21.69 9.56
CA PRO D 105 19.93 22.26 10.89
C PRO D 105 18.89 23.38 11.10
N ASP D 106 18.35 23.45 12.32
CA ASP D 106 17.27 24.36 12.69
C ASP D 106 17.83 25.73 13.13
N ILE D 107 18.60 26.37 12.24
CA ILE D 107 19.25 27.62 12.58
C ILE D 107 18.19 28.73 12.60
N THR D 108 18.24 29.57 13.63
CA THR D 108 17.19 30.52 13.94
C THR D 108 17.80 31.85 14.37
N ALA D 109 17.27 32.95 13.83
CA ALA D 109 17.58 34.29 14.31
C ALA D 109 16.86 34.50 15.64
N TYR D 110 17.60 34.92 16.67
CA TYR D 110 17.06 34.94 18.04
C TYR D 110 16.29 36.25 18.32
N SER D 111 16.34 37.23 17.44
CA SER D 111 15.63 38.49 17.70
C SER D 111 14.82 38.92 16.47
N SER D 112 14.28 37.94 15.73
CA SER D 112 13.40 38.22 14.60
C SER D 112 12.04 38.73 15.10
N THR D 113 11.37 39.54 14.27
CA THR D 113 10.05 40.09 14.60
C THR D 113 8.99 39.62 13.60
N ARG D 114 9.41 38.88 12.57
CA ARG D 114 8.53 38.33 11.56
C ARG D 114 9.11 36.99 11.11
N PRO D 115 8.28 36.10 10.54
CA PRO D 115 8.80 34.89 9.92
C PRO D 115 9.80 35.23 8.81
N VAL D 116 10.89 34.48 8.73
CA VAL D 116 11.90 34.69 7.69
C VAL D 116 11.24 34.40 6.33
N GLN D 117 11.54 35.22 5.32
CA GLN D 117 11.04 34.96 3.96
C GLN D 117 12.14 34.32 3.13
N VAL D 118 11.78 33.25 2.43
CA VAL D 118 12.72 32.46 1.63
C VAL D 118 12.79 33.06 0.22
N LEU D 119 13.99 33.39 -0.24
CA LEU D 119 14.19 34.04 -1.54
C LEU D 119 14.91 33.11 -2.52
N SER D 120 15.17 31.85 -2.17
CA SER D 120 15.92 30.97 -3.08
C SER D 120 15.36 29.53 -3.02
N PRO D 121 15.58 28.75 -4.08
CA PRO D 121 15.13 27.35 -4.12
C PRO D 121 15.67 26.51 -2.96
N GLN D 122 14.82 25.68 -2.37
CA GLN D 122 15.20 24.88 -1.21
C GLN D 122 15.95 23.64 -1.70
N ILE D 123 17.19 23.84 -2.17
CA ILE D 123 17.97 22.78 -2.78
C ILE D 123 19.39 22.83 -2.19
N ALA D 124 19.91 21.67 -1.83
CA ALA D 124 21.23 21.55 -1.21
C ALA D 124 22.14 20.69 -2.10
N VAL D 125 23.43 20.70 -1.79
CA VAL D 125 24.42 19.91 -2.53
C VAL D 125 25.14 18.97 -1.55
N VAL D 126 25.13 17.69 -1.90
CA VAL D 126 25.74 16.62 -1.12
C VAL D 126 26.98 16.13 -1.85
N THR D 127 28.10 15.99 -1.12
CA THR D 127 29.36 15.50 -1.68
C THR D 127 29.64 14.10 -1.13
N HIS D 128 30.44 13.33 -1.86
CA HIS D 128 30.65 11.87 -1.62
C HIS D 128 31.28 11.59 -0.26
N ASP D 129 31.99 12.56 0.32
CA ASP D 129 32.59 12.40 1.66
C ASP D 129 31.51 12.54 2.75
N GLY D 130 30.26 12.86 2.38
CA GLY D 130 29.18 12.98 3.35
C GLY D 130 28.88 14.43 3.71
N SER D 131 29.66 15.38 3.19
CA SER D 131 29.44 16.79 3.50
C SER D 131 28.21 17.29 2.72
N VAL D 132 27.51 18.23 3.33
CA VAL D 132 26.33 18.85 2.76
C VAL D 132 26.49 20.37 2.83
N MET D 133 26.07 21.06 1.77
CA MET D 133 26.08 22.52 1.77
C MET D 133 24.71 23.04 1.31
N PHE D 134 24.19 24.00 2.05
CA PHE D 134 22.86 24.58 1.82
C PHE D 134 22.98 26.10 2.01
N ILE D 135 22.57 26.88 1.01
CA ILE D 135 22.84 28.34 1.00
C ILE D 135 21.54 29.11 0.75
N PRO D 136 20.65 29.13 1.74
CA PRO D 136 19.36 29.83 1.60
C PRO D 136 19.51 31.36 1.58
N ALA D 137 18.91 32.01 0.58
CA ALA D 137 18.76 33.47 0.57
C ALA D 137 17.50 33.82 1.38
N GLN D 138 17.59 34.85 2.21
CA GLN D 138 16.55 35.16 3.18
C GLN D 138 16.36 36.67 3.30
N ARG D 139 15.14 37.09 3.62
CA ARG D 139 14.89 38.44 4.13
C ARG D 139 14.43 38.31 5.60
N LEU D 140 15.10 39.04 6.48
CA LEU D 140 14.87 38.96 7.93
C LEU D 140 14.53 40.36 8.49
N SER D 141 13.41 40.46 9.21
CA SER D 141 13.12 41.61 10.08
C SER D 141 13.56 41.27 11.52
N PHE D 142 14.38 42.12 12.13
CA PHE D 142 14.85 41.86 13.50
C PHE D 142 14.95 43.18 14.30
N MET D 143 15.07 43.03 15.61
CA MET D 143 15.05 44.15 16.57
C MET D 143 16.34 44.96 16.46
N CYS D 144 16.21 46.25 16.17
CA CYS D 144 17.37 47.12 15.96
C CYS D 144 16.93 48.59 16.04
N ASP D 145 17.63 49.36 16.86
CA ASP D 145 17.36 50.79 17.03
C ASP D 145 18.19 51.58 16.01
N PRO D 146 17.53 52.19 15.01
CA PRO D 146 18.25 52.92 13.97
C PRO D 146 18.49 54.41 14.27
N THR D 147 18.16 54.88 15.47
CA THR D 147 18.42 56.27 15.84
C THR D 147 19.92 56.58 15.71
N GLY D 148 20.26 57.58 14.91
CA GLY D 148 21.64 57.99 14.68
C GLY D 148 22.20 57.47 13.37
N VAL D 149 21.39 56.77 12.58
CA VAL D 149 21.84 56.17 11.32
C VAL D 149 22.20 57.28 10.33
N ASP D 150 21.53 58.43 10.43
CA ASP D 150 21.77 59.57 9.52
C ASP D 150 23.00 60.37 9.94
N SER D 151 23.77 59.90 10.91
CA SER D 151 24.97 60.63 11.37
C SER D 151 26.22 59.99 10.76
N GLU D 152 27.36 60.62 10.99
CA GLU D 152 28.65 60.18 10.47
C GLU D 152 29.10 58.89 11.17
N GLU D 153 28.90 58.81 12.48
CA GLU D 153 29.34 57.66 13.29
C GLU D 153 28.51 56.41 12.94
N GLY D 154 27.25 56.59 12.53
CA GLY D 154 26.39 55.49 12.11
C GLY D 154 25.69 54.84 13.29
N VAL D 155 25.31 53.58 13.13
CA VAL D 155 24.66 52.81 14.19
C VAL D 155 25.08 51.33 14.09
N THR D 156 25.09 50.67 15.24
CA THR D 156 25.46 49.25 15.31
C THR D 156 24.21 48.44 15.70
N CYS D 157 24.08 47.29 15.07
CA CYS D 157 23.02 46.34 15.43
C CYS D 157 23.54 44.91 15.32
N ALA D 158 22.91 44.00 16.06
CA ALA D 158 23.37 42.62 16.16
C ALA D 158 22.17 41.67 16.14
N VAL D 159 22.39 40.49 15.58
CA VAL D 159 21.42 39.42 15.67
C VAL D 159 22.18 38.09 15.80
N LYS D 160 21.74 37.25 16.73
CA LYS D 160 22.38 35.96 17.00
C LYS D 160 21.65 34.86 16.21
N PHE D 161 22.44 34.02 15.53
CA PHE D 161 21.92 32.87 14.79
C PHE D 161 22.41 31.58 15.44
N GLY D 162 21.49 30.72 15.84
CA GLY D 162 21.85 29.42 16.38
C GLY D 162 20.68 28.46 16.39
N SER D 163 20.95 27.21 16.77
CA SER D 163 19.92 26.22 16.93
C SER D 163 18.93 26.67 18.01
N TRP D 164 17.66 26.41 17.76
CA TRP D 164 16.61 26.73 18.70
C TRP D 164 16.54 25.64 19.79
N VAL D 165 16.71 24.38 19.42
CA VAL D 165 16.32 23.27 20.30
C VAL D 165 17.54 22.45 20.74
N TYR D 166 18.69 22.63 20.10
CA TYR D 166 19.87 21.79 20.38
C TYR D 166 20.91 22.61 21.15
N SER D 167 21.33 22.11 22.31
CA SER D 167 22.41 22.70 23.09
C SER D 167 23.76 22.44 22.40
N GLY D 168 24.81 22.99 23.00
CA GLY D 168 26.19 22.77 22.57
C GLY D 168 26.62 21.31 22.65
N PHE D 169 25.86 20.47 23.38
CA PHE D 169 26.20 19.04 23.51
C PHE D 169 25.78 18.26 22.25
N GLU D 170 24.93 18.84 21.40
CA GLU D 170 24.51 18.19 20.15
C GLU D 170 24.96 18.98 18.93
N ILE D 171 24.86 20.31 18.96
CA ILE D 171 25.26 21.13 17.82
C ILE D 171 26.26 22.20 18.28
N ASP D 172 27.45 22.15 17.70
CA ASP D 172 28.42 23.23 17.81
C ASP D 172 28.40 24.01 16.48
N LEU D 173 28.80 25.26 16.53
CA LEU D 173 28.88 26.10 15.34
C LEU D 173 30.30 26.63 15.21
N LYS D 174 30.68 26.99 13.99
CA LYS D 174 31.89 27.77 13.80
C LYS D 174 31.78 28.56 12.49
N THR D 175 32.78 29.41 12.26
CA THR D 175 32.89 30.20 11.04
C THR D 175 34.27 29.96 10.43
N ASP D 176 34.37 30.06 9.11
CA ASP D 176 35.66 29.96 8.41
C ASP D 176 36.41 31.29 8.50
N THR D 177 35.66 32.37 8.72
CA THR D 177 36.22 33.72 8.82
C THR D 177 35.24 34.58 9.65
N ASP D 178 35.76 35.59 10.34
CA ASP D 178 34.93 36.46 11.15
C ASP D 178 34.48 37.67 10.33
N GLN D 179 34.91 37.78 9.08
CA GLN D 179 34.49 38.86 8.20
C GLN D 179 33.28 38.40 7.36
N VAL D 180 32.20 39.19 7.41
CA VAL D 180 31.03 38.99 6.55
C VAL D 180 31.43 39.35 5.11
N ASP D 181 30.98 38.54 4.15
CA ASP D 181 31.25 38.78 2.74
C ASP D 181 30.38 39.96 2.26
N LEU D 182 31.03 41.02 1.78
CA LEU D 182 30.36 42.24 1.34
C LEU D 182 30.54 42.45 -0.16
N SER D 183 31.05 41.45 -0.87
CA SER D 183 31.37 41.59 -2.29
C SER D 183 30.10 41.66 -3.15
N SER D 184 28.95 41.23 -2.62
CA SER D 184 27.68 41.32 -3.36
C SER D 184 26.78 42.43 -2.78
N TYR D 185 27.30 43.34 -1.96
CA TYR D 185 26.43 44.33 -1.31
C TYR D 185 25.96 45.35 -2.35
N TYR D 186 24.66 45.63 -2.36
CA TYR D 186 24.03 46.50 -3.35
C TYR D 186 24.63 47.90 -3.27
N ALA D 187 25.25 48.35 -4.38
CA ALA D 187 26.04 49.59 -4.41
C ALA D 187 25.15 50.83 -4.29
N SER D 188 23.87 50.74 -4.64
CA SER D 188 22.96 51.90 -4.55
C SER D 188 21.98 51.72 -3.38
N SER D 189 22.37 50.95 -2.36
CA SER D 189 21.56 50.86 -1.14
C SER D 189 21.46 52.25 -0.48
N LYS D 190 20.40 52.46 0.27
CA LYS D 190 20.28 53.67 1.09
C LYS D 190 21.34 53.68 2.19
N TYR D 191 21.87 52.52 2.57
CA TYR D 191 22.81 52.44 3.67
C TYR D 191 24.14 51.86 3.19
N GLU D 192 25.23 52.38 3.74
CA GLU D 192 26.54 51.82 3.48
C GLU D 192 27.04 51.14 4.76
N ILE D 193 27.80 50.06 4.57
CA ILE D 193 28.32 49.26 5.67
C ILE D 193 29.69 49.82 6.08
N LEU D 194 29.89 50.00 7.37
CA LEU D 194 31.18 50.43 7.91
C LEU D 194 31.96 49.22 8.44
N SER D 195 31.24 48.26 9.02
CA SER D 195 31.81 46.95 9.32
C SER D 195 30.69 45.92 9.47
N ALA D 196 31.05 44.67 9.23
CA ALA D 196 30.13 43.55 9.38
C ALA D 196 30.92 42.29 9.75
N THR D 197 30.67 41.75 10.94
CA THR D 197 31.42 40.61 11.48
C THR D 197 30.46 39.49 11.90
N GLN D 198 31.03 38.28 11.95
CA GLN D 198 30.30 37.07 12.28
C GLN D 198 31.17 36.24 13.23
N THR D 199 30.75 36.15 14.49
CA THR D 199 31.58 35.61 15.57
C THR D 199 30.81 34.58 16.39
N ARG D 200 31.42 33.41 16.56
CA ARG D 200 30.92 32.36 17.45
C ARG D 200 30.90 32.86 18.89
N GLN D 201 29.84 32.55 19.62
CA GLN D 201 29.82 32.83 21.05
C GLN D 201 28.96 31.77 21.77
N VAL D 202 29.17 31.69 23.08
CA VAL D 202 28.47 30.74 23.95
C VAL D 202 27.47 31.55 24.78
N GLN D 203 26.26 31.03 24.91
CA GLN D 203 25.19 31.75 25.60
C GLN D 203 24.58 30.82 26.66
N HIS D 204 24.19 31.42 27.77
CA HIS D 204 23.42 30.72 28.81
C HIS D 204 22.07 31.44 28.94
N TYR D 205 20.99 30.69 28.79
CA TYR D 205 19.64 31.25 28.88
C TYR D 205 19.02 30.85 30.21
N SER D 206 18.08 31.67 30.68
CA SER D 206 17.40 31.45 31.97
C SER D 206 16.57 30.16 31.94
N CYS D 207 16.01 29.85 30.77
CA CYS D 207 15.15 28.68 30.59
C CYS D 207 15.90 27.37 30.83
N CYS D 208 17.21 27.37 30.58
CA CYS D 208 17.90 26.15 30.18
C CYS D 208 19.34 26.13 30.76
N PRO D 209 19.69 25.07 31.51
CA PRO D 209 21.02 25.02 32.17
C PRO D 209 22.21 24.65 31.25
N GLU D 210 21.94 24.23 30.01
CA GLU D 210 23.02 23.85 29.08
C GLU D 210 23.47 25.09 28.28
N PRO D 211 24.73 25.12 27.82
CA PRO D 211 25.19 26.17 26.92
C PRO D 211 24.65 26.01 25.47
N TYR D 212 24.25 27.13 24.87
CA TYR D 212 23.84 27.16 23.47
C TYR D 212 24.84 27.99 22.66
N ILE D 213 25.18 27.51 21.47
CA ILE D 213 26.13 28.18 20.60
C ILE D 213 25.34 29.01 19.57
N ASP D 214 25.88 30.17 19.23
CA ASP D 214 25.35 30.98 18.15
C ASP D 214 26.50 31.69 17.43
N VAL D 215 26.19 32.22 16.25
CA VAL D 215 27.06 33.12 15.55
C VAL D 215 26.41 34.50 15.59
N ASN D 216 27.14 35.48 16.12
CA ASN D 216 26.65 36.84 16.30
C ASN D 216 26.98 37.67 15.06
N LEU D 217 25.95 38.10 14.35
CA LEU D 217 26.11 38.97 13.18
C LEU D 217 26.01 40.42 13.66
N VAL D 218 27.11 41.16 13.53
CA VAL D 218 27.20 42.53 14.03
C VAL D 218 27.49 43.47 12.86
N VAL D 219 26.54 44.35 12.55
CA VAL D 219 26.65 45.22 11.38
C VAL D 219 26.56 46.68 11.84
N LYS D 220 27.58 47.45 11.48
CA LYS D 220 27.62 48.88 11.67
C LYS D 220 27.37 49.56 10.32
N PHE D 221 26.44 50.50 10.27
CA PHE D 221 26.03 51.08 9.00
C PHE D 221 25.53 52.52 9.20
N ARG D 222 25.40 53.25 8.09
CA ARG D 222 24.86 54.62 8.13
C ARG D 222 24.22 54.95 6.77
N GLU D 223 23.44 56.02 6.75
CA GLU D 223 22.85 56.52 5.50
C GLU D 223 23.98 56.93 4.56
N ARG D 224 23.83 56.56 3.29
CA ARG D 224 24.88 56.76 2.28
C ARG D 224 25.00 58.26 1.93
N ARG D 225 25.94 58.93 2.58
CA ARG D 225 26.43 60.28 2.21
C ARG D 225 27.42 60.76 3.28
N GLN E 20 21.33 8.00 14.23
CA GLN E 20 22.05 6.78 14.71
C GLN E 20 21.06 5.74 15.25
N ALA E 21 21.57 4.51 15.36
CA ALA E 21 20.78 3.28 15.41
C ALA E 21 19.76 3.32 16.57
N ASN E 22 20.23 3.64 17.77
CA ASN E 22 19.39 3.55 18.97
C ASN E 22 18.26 4.59 18.91
N LEU E 23 18.54 5.81 18.49
CA LEU E 23 17.49 6.83 18.40
C LEU E 23 16.46 6.44 17.33
N MET E 24 16.92 5.90 16.21
CA MET E 24 16.01 5.48 15.13
C MET E 24 15.11 4.33 15.62
N ARG E 25 15.64 3.41 16.44
CA ARG E 25 14.82 2.34 17.02
C ARG E 25 13.75 2.94 17.94
N LEU E 26 14.18 3.79 18.87
CA LEU E 26 13.29 4.39 19.86
C LEU E 26 12.15 5.14 19.16
N LYS E 27 12.46 5.96 18.15
CA LYS E 27 11.42 6.78 17.48
C LYS E 27 10.44 5.85 16.74
N SER E 28 10.97 4.83 16.09
CA SER E 28 10.16 3.81 15.42
C SER E 28 9.23 3.11 16.43
N ASP E 29 9.75 2.79 17.61
CA ASP E 29 8.98 2.06 18.63
C ASP E 29 7.89 2.95 19.22
N LEU E 30 8.12 4.27 19.30
CA LEU E 30 7.14 5.17 19.92
C LEU E 30 6.08 5.60 18.91
N PHE E 31 6.45 5.79 17.64
CA PHE E 31 5.56 6.48 16.68
C PHE E 31 5.03 5.53 15.60
N ASN E 32 5.70 4.42 15.29
CA ASN E 32 5.27 3.54 14.19
C ASN E 32 4.48 2.34 14.72
N ARG E 33 4.77 1.88 15.94
CA ARG E 33 4.08 0.70 16.50
C ARG E 33 2.63 1.04 16.83
N SER E 34 2.45 2.09 17.63
CA SER E 34 1.15 2.41 18.21
C SER E 34 0.42 3.46 17.34
N PRO E 35 -0.92 3.52 17.45
CA PRO E 35 -1.67 4.66 16.92
C PRO E 35 -1.35 5.94 17.70
N MET E 36 -1.57 7.11 17.10
CA MET E 36 -1.23 8.38 17.76
C MET E 36 -2.19 8.62 18.94
N TYR E 37 -1.66 9.28 19.96
CA TYR E 37 -2.43 9.74 21.11
C TYR E 37 -3.63 10.57 20.61
N PRO E 38 -4.86 10.23 21.06
CA PRO E 38 -6.07 10.95 20.64
C PRO E 38 -6.43 12.15 21.54
N GLY E 39 -5.49 12.59 22.37
CA GLY E 39 -5.70 13.71 23.26
C GLY E 39 -6.24 13.26 24.60
N PRO E 40 -6.34 14.20 25.56
CA PRO E 40 -6.80 13.87 26.89
C PRO E 40 -8.31 13.61 26.97
N THR E 41 -8.70 12.89 28.02
CA THR E 41 -10.10 12.56 28.31
C THR E 41 -10.40 12.91 29.77
N LYS E 42 -11.66 12.74 30.18
CA LYS E 42 -12.06 12.97 31.57
C LYS E 42 -11.45 11.91 32.50
N ASP E 43 -11.25 10.69 32.01
CA ASP E 43 -10.67 9.60 32.81
C ASP E 43 -9.13 9.69 32.79
N ASP E 44 -8.56 10.35 31.79
CA ASP E 44 -7.09 10.52 31.69
C ASP E 44 -6.77 11.98 31.36
N PRO E 45 -7.02 12.89 32.31
CA PRO E 45 -6.80 14.31 32.09
C PRO E 45 -5.30 14.65 32.09
N LEU E 46 -4.99 15.82 31.55
CA LEU E 46 -3.62 16.24 31.33
C LEU E 46 -3.43 17.62 31.95
N THR E 47 -2.29 17.85 32.60
CA THR E 47 -1.93 19.20 33.08
C THR E 47 -0.76 19.75 32.25
N VAL E 48 -0.96 20.94 31.69
CA VAL E 48 0.05 21.63 30.87
C VAL E 48 0.63 22.79 31.69
N THR E 49 1.94 22.82 31.85
CA THR E 49 2.63 23.96 32.48
C THR E 49 2.95 25.00 31.41
N LEU E 50 2.60 26.27 31.67
CA LEU E 50 2.92 27.39 30.76
C LEU E 50 3.83 28.40 31.44
N GLY E 51 4.72 28.99 30.67
CA GLY E 51 5.52 30.13 31.10
C GLY E 51 5.93 30.98 29.92
N PHE E 52 5.96 32.30 30.11
CA PHE E 52 6.24 33.23 29.04
C PHE E 52 7.61 33.90 29.24
N THR E 53 8.30 34.11 28.14
CA THR E 53 9.50 34.93 28.09
C THR E 53 9.26 36.06 27.07
N LEU E 54 9.04 37.28 27.57
CA LEU E 54 8.68 38.40 26.70
C LEU E 54 9.95 39.05 26.13
N GLN E 55 10.02 39.15 24.80
CA GLN E 55 11.21 39.68 24.12
C GLN E 55 11.00 41.14 23.68
N ASP E 56 9.80 41.48 23.24
CA ASP E 56 9.60 42.83 22.72
C ASP E 56 8.10 43.15 22.61
N ILE E 57 7.74 44.36 23.02
CA ILE E 57 6.53 44.99 22.55
C ILE E 57 6.93 45.78 21.30
N VAL E 58 6.56 45.25 20.13
CA VAL E 58 7.10 45.75 18.87
C VAL E 58 6.30 46.97 18.43
N LYS E 59 4.98 46.92 18.60
CA LYS E 59 4.11 47.85 17.91
C LYS E 59 2.84 48.06 18.74
N VAL E 60 2.34 49.29 18.65
CA VAL E 60 1.09 49.70 19.27
C VAL E 60 0.27 50.42 18.18
N ASP E 61 -1.03 50.14 18.07
CA ASP E 61 -1.91 50.82 17.11
C ASP E 61 -3.09 51.45 17.86
N SER E 62 -3.01 52.77 18.06
CA SER E 62 -3.98 53.48 18.88
C SER E 62 -5.28 53.76 18.12
N SER E 63 -5.33 53.52 16.81
CA SER E 63 -6.57 53.73 16.06
C SER E 63 -7.42 52.45 16.02
N THR E 64 -6.80 51.28 16.23
CA THR E 64 -7.56 50.01 16.27
C THR E 64 -7.47 49.33 17.65
N ASN E 65 -6.66 49.85 18.57
CA ASN E 65 -6.45 49.21 19.88
C ASN E 65 -5.95 47.77 19.68
N GLU E 66 -4.87 47.62 18.90
CA GLU E 66 -4.16 46.34 18.78
C GLU E 66 -2.71 46.56 19.25
N VAL E 67 -2.16 45.58 19.97
CA VAL E 67 -0.74 45.60 20.36
C VAL E 67 -0.07 44.31 19.89
N ASP E 68 1.21 44.42 19.52
CA ASP E 68 1.99 43.32 18.97
C ASP E 68 3.12 42.92 19.94
N LEU E 69 3.10 41.68 20.43
CA LEU E 69 4.15 41.15 21.30
C LEU E 69 4.98 40.12 20.54
N VAL E 70 6.28 40.08 20.83
CA VAL E 70 7.12 38.93 20.49
C VAL E 70 7.56 38.28 21.80
N TYR E 71 7.38 36.97 21.89
CA TYR E 71 7.66 36.21 23.11
C TYR E 71 7.92 34.74 22.74
N TYR E 72 8.45 33.96 23.69
CA TYR E 72 8.34 32.53 23.55
C TYR E 72 7.68 31.93 24.80
N GLU E 73 6.95 30.84 24.54
CA GLU E 73 6.00 30.24 25.45
C GLU E 73 6.43 28.79 25.73
N GLN E 74 6.90 28.53 26.94
CA GLN E 74 7.27 27.18 27.35
C GLN E 74 5.99 26.38 27.68
N GLN E 75 5.78 25.29 26.94
CA GLN E 75 4.70 24.34 27.21
C GLN E 75 5.31 23.00 27.63
N ARG E 76 4.81 22.43 28.74
CA ARG E 76 5.29 21.14 29.23
C ARG E 76 4.09 20.30 29.67
N TRP E 77 4.10 19.02 29.28
CA TRP E 77 3.11 18.05 29.69
C TRP E 77 3.75 16.67 29.73
N LYS E 78 3.00 15.65 30.16
CA LYS E 78 3.58 14.31 30.34
C LYS E 78 2.56 13.22 29.97
N LEU E 79 3.03 12.24 29.19
CA LEU E 79 2.20 11.12 28.74
C LEU E 79 2.91 9.80 29.05
N ASN E 80 2.14 8.83 29.55
CA ASN E 80 2.66 7.48 29.81
C ASN E 80 3.09 6.81 28.49
N SER E 81 2.35 7.06 27.41
CA SER E 81 2.63 6.42 26.11
C SER E 81 3.96 6.91 25.51
N LEU E 82 4.63 7.91 26.10
CA LEU E 82 5.93 8.37 25.59
C LEU E 82 7.06 7.96 26.54
N MET E 83 6.81 7.01 27.44
CA MET E 83 7.82 6.57 28.41
C MET E 83 8.72 5.51 27.78
N TRP E 84 9.99 5.45 28.20
CA TRP E 84 10.88 4.35 27.80
C TRP E 84 12.00 4.17 28.82
N ASP E 85 12.59 2.98 28.79
CA ASP E 85 13.74 2.63 29.65
C ASP E 85 15.04 2.97 28.91
N PRO E 86 15.81 3.95 29.41
CA PRO E 86 17.07 4.34 28.74
C PRO E 86 18.05 3.19 28.48
N ASN E 87 18.09 2.20 29.37
CA ASN E 87 19.07 1.09 29.27
C ASN E 87 18.78 0.24 28.03
N GLU E 88 17.52 0.22 27.59
CA GLU E 88 17.10 -0.55 26.42
C GLU E 88 17.37 0.23 25.11
N TYR E 89 17.84 1.47 25.21
CA TYR E 89 18.04 2.30 24.02
C TYR E 89 19.35 3.11 24.13
N GLY E 90 20.42 2.44 24.56
CA GLY E 90 21.76 3.01 24.53
C GLY E 90 21.92 4.22 25.45
N ASN E 91 21.13 4.27 26.52
CA ASN E 91 21.23 5.30 27.57
C ASN E 91 20.70 6.66 27.08
N ILE E 92 19.88 6.68 26.03
CA ILE E 92 19.25 7.92 25.58
C ILE E 92 18.22 8.36 26.64
N THR E 93 18.38 9.58 27.15
CA THR E 93 17.48 10.13 28.19
C THR E 93 16.45 11.10 27.56
N ASP E 94 16.73 11.65 26.39
CA ASP E 94 15.80 12.56 25.70
C ASP E 94 16.14 12.64 24.21
N PHE E 95 15.22 13.20 23.41
CA PHE E 95 15.47 13.40 21.99
C PHE E 95 14.58 14.53 21.44
N ARG E 96 15.07 15.14 20.36
CA ARG E 96 14.37 16.18 19.63
C ARG E 96 13.52 15.53 18.53
N THR E 97 12.28 15.98 18.38
CA THR E 97 11.42 15.47 17.32
C THR E 97 10.48 16.58 16.81
N SER E 98 10.10 16.43 15.54
CA SER E 98 9.13 17.29 14.89
C SER E 98 7.81 17.28 15.69
N ALA E 99 7.21 18.47 15.85
CA ALA E 99 5.96 18.63 16.61
C ALA E 99 4.79 17.97 15.88
N ALA E 100 4.91 17.70 14.57
CA ALA E 100 3.87 16.99 13.81
C ALA E 100 3.83 15.50 14.15
N ASP E 101 4.92 14.95 14.72
CA ASP E 101 4.99 13.52 15.04
C ASP E 101 4.28 13.23 16.37
N ILE E 102 3.90 14.27 17.12
CA ILE E 102 3.31 14.11 18.44
C ILE E 102 2.06 14.99 18.55
N TRP E 103 1.21 14.65 19.51
CA TRP E 103 0.11 15.51 19.92
C TRP E 103 0.70 16.70 20.68
N THR E 104 0.14 17.89 20.42
CA THR E 104 0.47 19.09 21.19
C THR E 104 -0.83 19.77 21.61
N PRO E 105 -0.80 20.48 22.75
CA PRO E 105 -2.01 21.13 23.23
C PRO E 105 -2.40 22.34 22.37
N ASP E 106 -3.71 22.58 22.29
CA ASP E 106 -4.31 23.62 21.45
C ASP E 106 -4.40 24.95 22.22
N ILE E 107 -3.28 25.42 22.78
CA ILE E 107 -3.27 26.66 23.57
C ILE E 107 -3.53 27.85 22.64
N THR E 108 -4.52 28.67 22.99
CA THR E 108 -5.02 29.75 22.14
C THR E 108 -5.09 31.07 22.93
N ALA E 109 -4.65 32.15 22.31
CA ALA E 109 -4.90 33.49 22.85
C ALA E 109 -6.36 33.87 22.63
N TYR E 110 -7.05 34.29 23.68
CA TYR E 110 -8.51 34.46 23.59
C TYR E 110 -8.89 35.84 23.05
N SER E 111 -7.95 36.75 22.83
CA SER E 111 -8.30 38.09 22.34
C SER E 111 -7.37 38.51 21.20
N SER E 112 -6.90 37.53 20.42
CA SER E 112 -6.08 37.82 19.25
C SER E 112 -6.95 38.48 18.17
N THR E 113 -6.30 39.30 17.34
CA THR E 113 -6.97 39.96 16.22
C THR E 113 -6.41 39.48 14.88
N ARG E 114 -5.32 38.71 14.90
CA ARG E 114 -4.71 38.15 13.70
C ARG E 114 -4.20 36.75 14.04
N PRO E 115 -4.08 35.87 13.04
CA PRO E 115 -3.40 34.59 13.29
C PRO E 115 -2.00 34.83 13.86
N VAL E 116 -1.60 33.98 14.80
CA VAL E 116 -0.29 34.08 15.42
C VAL E 116 0.77 33.71 14.36
N GLN E 117 1.90 34.40 14.38
CA GLN E 117 2.99 34.09 13.46
C GLN E 117 4.05 33.27 14.19
N VAL E 118 4.53 32.21 13.55
CA VAL E 118 5.47 31.27 14.15
C VAL E 118 6.89 31.76 13.84
N LEU E 119 7.73 31.93 14.86
CA LEU E 119 9.08 32.49 14.66
C LEU E 119 10.17 31.47 14.98
N SER E 120 9.82 30.25 15.38
CA SER E 120 10.85 29.25 15.68
C SER E 120 10.47 27.90 15.06
N PRO E 121 11.46 27.00 14.88
CA PRO E 121 11.24 25.65 14.35
C PRO E 121 10.24 24.83 15.19
N GLN E 122 9.34 24.12 14.54
CA GLN E 122 8.31 23.36 15.22
C GLN E 122 8.87 21.99 15.64
N ILE E 123 9.73 22.04 16.65
CA ILE E 123 10.45 20.87 17.16
C ILE E 123 10.32 20.88 18.69
N ALA E 124 9.97 19.73 19.26
CA ALA E 124 9.84 19.55 20.72
C ALA E 124 10.90 18.55 21.22
N VAL E 125 11.07 18.51 22.54
CA VAL E 125 12.00 17.59 23.21
C VAL E 125 11.20 16.67 24.12
N VAL E 126 11.38 15.36 23.90
CA VAL E 126 10.72 14.31 24.66
C VAL E 126 11.76 13.68 25.61
N THR E 127 11.37 13.47 26.87
CA THR E 127 12.26 12.89 27.89
C THR E 127 11.71 11.51 28.29
N HIS E 128 12.61 10.67 28.81
CA HIS E 128 12.35 9.22 29.03
C HIS E 128 11.23 8.97 30.04
N ASP E 129 10.88 9.95 30.87
CA ASP E 129 9.75 9.79 31.81
C ASP E 129 8.42 10.07 31.10
N GLY E 130 8.45 10.39 29.80
CA GLY E 130 7.25 10.68 29.04
C GLY E 130 6.92 12.16 29.03
N SER E 131 7.81 13.02 29.53
CA SER E 131 7.52 14.45 29.55
C SER E 131 7.97 15.07 28.22
N VAL E 132 7.20 16.06 27.78
CA VAL E 132 7.43 16.74 26.51
C VAL E 132 7.55 18.24 26.80
N MET E 133 8.57 18.89 26.25
CA MET E 133 8.68 20.34 26.31
C MET E 133 8.70 20.90 24.88
N PHE E 134 7.90 21.94 24.68
CA PHE E 134 7.76 22.63 23.39
C PHE E 134 7.75 24.15 23.65
N ILE E 135 8.67 24.89 23.02
CA ILE E 135 8.87 26.31 23.31
C ILE E 135 8.79 27.14 22.02
N PRO E 136 7.59 27.29 21.45
CA PRO E 136 7.40 28.12 20.25
C PRO E 136 7.60 29.63 20.48
N ALA E 137 8.40 30.26 19.62
CA ALA E 137 8.47 31.72 19.55
C ALA E 137 7.32 32.22 18.67
N GLN E 138 6.67 33.31 19.07
CA GLN E 138 5.46 33.77 18.40
C GLN E 138 5.41 35.30 18.34
N ARG E 139 4.70 35.81 17.33
CA ARG E 139 4.26 37.20 17.30
C ARG E 139 2.73 37.23 17.33
N LEU E 140 2.18 37.96 18.29
CA LEU E 140 0.74 38.00 18.55
C LEU E 140 0.24 39.45 18.46
N SER E 141 -0.83 39.66 17.68
CA SER E 141 -1.62 40.89 17.71
C SER E 141 -2.87 40.62 18.56
N PHE E 142 -3.09 41.45 19.59
CA PHE E 142 -4.23 41.25 20.49
C PHE E 142 -4.83 42.59 20.92
N MET E 143 -6.03 42.51 21.48
CA MET E 143 -6.86 43.67 21.79
C MET E 143 -6.30 44.37 23.05
N CYS E 144 -5.96 45.64 22.89
CA CYS E 144 -5.31 46.41 23.94
C CYS E 144 -5.37 47.91 23.59
N ASP E 145 -5.96 48.70 24.47
CA ASP E 145 -6.05 50.16 24.33
C ASP E 145 -4.75 50.77 24.88
N PRO E 146 -3.91 51.32 23.98
CA PRO E 146 -2.64 51.94 24.39
C PRO E 146 -2.71 53.43 24.75
N THR E 147 -3.91 54.01 24.83
CA THR E 147 -4.06 55.44 25.20
C THR E 147 -3.43 55.68 26.58
N GLY E 148 -2.43 56.56 26.63
CA GLY E 148 -1.75 56.91 27.88
C GLY E 148 -0.40 56.21 28.00
N VAL E 149 0.03 55.50 26.96
CA VAL E 149 1.32 54.81 26.99
C VAL E 149 2.46 55.83 27.04
N ASP E 150 2.21 57.05 26.59
CA ASP E 150 3.25 58.11 26.57
C ASP E 150 3.32 58.83 27.93
N SER E 151 2.60 58.39 28.95
CA SER E 151 2.67 59.01 30.28
C SER E 151 3.59 58.18 31.18
N GLU E 152 3.85 58.67 32.39
CA GLU E 152 4.74 57.98 33.35
C GLU E 152 4.00 56.79 33.99
N GLU E 153 2.68 56.88 34.09
CA GLU E 153 1.86 55.81 34.66
C GLU E 153 1.78 54.63 33.68
N GLY E 154 1.84 54.92 32.39
CA GLY E 154 1.79 53.89 31.36
C GLY E 154 0.39 53.30 31.19
N VAL E 155 0.35 52.07 30.72
CA VAL E 155 -0.90 51.41 30.41
C VAL E 155 -0.76 49.92 30.76
N THR E 156 -1.89 49.28 31.07
CA THR E 156 -1.92 47.87 31.42
C THR E 156 -2.75 47.10 30.37
N CYS E 157 -2.25 45.95 29.94
CA CYS E 157 -2.98 45.11 29.01
C CYS E 157 -2.83 43.63 29.38
N ALA E 158 -3.80 42.84 28.93
CA ALA E 158 -3.92 41.47 29.36
C ALA E 158 -4.43 40.61 28.19
N VAL E 159 -3.95 39.38 28.15
CA VAL E 159 -4.44 38.38 27.21
C VAL E 159 -4.43 37.01 27.89
N LYS E 160 -5.52 36.26 27.72
CA LYS E 160 -5.67 34.95 28.34
C LYS E 160 -5.26 33.86 27.34
N PHE E 161 -4.46 32.91 27.81
CA PHE E 161 -4.02 31.76 27.01
C PHE E 161 -4.58 30.47 27.61
N GLY E 162 -5.35 29.74 26.82
CA GLY E 162 -5.83 28.42 27.24
C GLY E 162 -6.36 27.59 26.10
N SER E 163 -6.77 26.37 26.41
CA SER E 163 -7.33 25.46 25.43
C SER E 163 -8.63 26.06 24.87
N TRP E 164 -8.82 25.91 23.56
CA TRP E 164 -10.02 26.40 22.90
C TRP E 164 -11.18 25.40 23.10
N VAL E 165 -10.89 24.09 23.08
CA VAL E 165 -11.96 23.08 22.95
C VAL E 165 -12.02 22.17 24.19
N TYR E 166 -10.98 22.11 25.01
CA TYR E 166 -11.00 21.25 26.19
C TYR E 166 -11.30 22.06 27.46
N SER E 167 -12.28 21.59 28.23
CA SER E 167 -12.61 22.17 29.53
C SER E 167 -11.61 21.71 30.59
N GLY E 168 -11.81 22.23 31.80
CA GLY E 168 -10.96 21.92 32.96
C GLY E 168 -10.93 20.43 33.29
N PHE E 169 -11.93 19.68 32.84
CA PHE E 169 -11.99 18.25 33.13
C PHE E 169 -11.05 17.44 32.22
N GLU E 170 -10.54 18.03 31.13
CA GLU E 170 -9.58 17.30 30.29
C GLU E 170 -8.20 18.00 30.33
N ILE E 171 -8.18 19.32 30.31
CA ILE E 171 -6.92 20.06 30.36
C ILE E 171 -6.98 21.07 31.51
N ASP E 172 -6.04 20.92 32.44
CA ASP E 172 -5.76 21.91 33.48
C ASP E 172 -4.42 22.59 33.13
N LEU E 173 -4.23 23.80 33.62
CA LEU E 173 -2.99 24.53 33.39
C LEU E 173 -2.35 24.90 34.72
N LYS E 174 -1.07 25.23 34.67
CA LYS E 174 -0.40 25.85 35.80
C LYS E 174 0.87 26.57 35.32
N THR E 175 1.43 27.37 36.21
CA THR E 175 2.71 28.04 36.01
C THR E 175 3.68 27.55 37.09
N ASP E 176 4.98 27.66 36.82
CA ASP E 176 6.01 27.41 37.83
C ASP E 176 6.22 28.67 38.67
N THR E 177 5.93 29.83 38.09
CA THR E 177 6.12 31.11 38.77
C THR E 177 5.10 32.13 38.22
N ASP E 178 4.75 33.09 39.07
CA ASP E 178 3.82 34.16 38.74
C ASP E 178 4.54 35.24 37.91
N GLN E 179 5.87 35.24 37.89
CA GLN E 179 6.63 36.31 37.25
C GLN E 179 7.08 35.89 35.84
N VAL E 180 6.77 36.74 34.87
CA VAL E 180 7.20 36.57 33.50
C VAL E 180 8.71 36.80 33.43
N ASP E 181 9.41 36.00 32.63
CA ASP E 181 10.86 36.14 32.42
C ASP E 181 11.11 37.33 31.48
N LEU E 182 11.75 38.37 32.01
CA LEU E 182 12.09 39.59 31.26
C LEU E 182 13.60 39.68 31.01
N SER E 183 14.34 38.58 31.22
CA SER E 183 15.79 38.64 31.13
C SER E 183 16.26 38.66 29.67
N SER E 184 15.37 38.40 28.71
CA SER E 184 15.70 38.56 27.27
C SER E 184 14.91 39.74 26.67
N TYR E 185 14.41 40.66 27.49
CA TYR E 185 13.63 41.76 26.93
C TYR E 185 14.57 42.72 26.19
N TYR E 186 14.19 43.08 24.97
CA TYR E 186 14.99 43.96 24.12
C TYR E 186 15.19 45.32 24.79
N ALA E 187 16.46 45.66 25.06
CA ALA E 187 16.81 46.83 25.89
C ALA E 187 16.50 48.13 25.15
N SER E 188 16.52 48.13 23.82
CA SER E 188 16.25 49.35 23.04
C SER E 188 14.85 49.32 22.44
N SER E 189 13.94 48.55 23.04
CA SER E 189 12.54 48.60 22.64
C SER E 189 12.00 50.03 22.78
N LYS E 190 10.98 50.35 22.01
CA LYS E 190 10.27 51.63 22.17
C LYS E 190 9.57 51.66 23.53
N TYR E 191 9.31 50.50 24.12
CA TYR E 191 8.50 50.41 25.32
C TYR E 191 9.30 49.71 26.42
N GLU E 192 9.19 50.21 27.65
CA GLU E 192 9.79 49.52 28.78
C GLU E 192 8.67 48.91 29.62
N ILE E 193 8.99 47.77 30.22
CA ILE E 193 8.06 46.99 31.02
C ILE E 193 8.14 47.48 32.47
N LEU E 194 6.98 47.75 33.05
CA LEU E 194 6.88 48.13 34.45
C LEU E 194 6.53 46.89 35.30
N SER E 195 5.69 46.00 34.78
CA SER E 195 5.51 44.68 35.38
C SER E 195 4.97 43.69 34.34
N ALA E 196 5.16 42.41 34.60
CA ALA E 196 4.64 41.34 33.74
C ALA E 196 4.42 40.07 34.58
N THR E 197 3.16 39.66 34.69
CA THR E 197 2.79 38.48 35.47
C THR E 197 2.01 37.48 34.59
N GLN E 198 2.01 36.23 35.05
CA GLN E 198 1.34 35.12 34.40
C GLN E 198 0.61 34.31 35.50
N THR E 199 -0.72 34.29 35.43
CA THR E 199 -1.53 33.83 36.54
C THR E 199 -2.63 32.88 36.05
N ARG E 200 -2.70 31.70 36.65
CA ARG E 200 -3.77 30.74 36.40
C ARG E 200 -5.11 31.35 36.83
N GLN E 201 -6.13 31.27 35.98
CA GLN E 201 -7.50 31.58 36.39
C GLN E 201 -8.48 30.56 35.77
N VAL E 202 -9.69 30.59 36.31
CA VAL E 202 -10.78 29.72 35.89
C VAL E 202 -11.87 30.60 35.29
N GLN E 203 -12.34 30.20 34.11
CA GLN E 203 -13.29 31.00 33.33
C GLN E 203 -14.57 30.20 33.13
N HIS E 204 -15.70 30.90 33.19
CA HIS E 204 -17.02 30.31 32.89
C HIS E 204 -17.67 31.13 31.77
N TYR E 205 -17.67 30.57 30.56
CA TYR E 205 -18.19 31.27 29.38
C TYR E 205 -19.68 30.99 29.22
N SER E 206 -20.41 31.93 28.60
CA SER E 206 -21.87 31.83 28.48
C SER E 206 -22.29 30.72 27.52
N CYS E 207 -21.42 30.36 26.57
CA CYS E 207 -21.69 29.24 25.64
C CYS E 207 -21.85 27.93 26.41
N CYS E 208 -20.95 27.72 27.37
CA CYS E 208 -20.57 26.38 27.81
C CYS E 208 -20.55 26.33 29.35
N PRO E 209 -21.22 25.34 29.96
CA PRO E 209 -21.37 25.33 31.45
C PRO E 209 -20.21 24.76 32.28
N GLU E 210 -19.16 24.21 31.64
CA GLU E 210 -18.01 23.68 32.40
C GLU E 210 -16.97 24.79 32.55
N PRO E 211 -16.11 24.70 33.59
CA PRO E 211 -15.00 25.64 33.74
C PRO E 211 -13.89 25.44 32.68
N TYR E 212 -13.33 26.53 32.19
CA TYR E 212 -12.17 26.48 31.31
C TYR E 212 -10.99 27.16 32.01
N ILE E 213 -9.80 26.58 31.90
CA ILE E 213 -8.62 27.11 32.57
C ILE E 213 -7.82 27.96 31.58
N ASP E 214 -7.26 29.08 32.05
CA ASP E 214 -6.37 29.90 31.24
C ASP E 214 -5.23 30.42 32.12
N VAL E 215 -4.15 30.85 31.48
CA VAL E 215 -3.10 31.62 32.12
C VAL E 215 -3.17 33.05 31.57
N ASN E 216 -3.37 33.99 32.48
CA ASN E 216 -3.57 35.39 32.14
C ASN E 216 -2.21 36.11 32.16
N LEU E 217 -1.78 36.57 30.98
CA LEU E 217 -0.55 37.35 30.84
C LEU E 217 -0.89 38.83 30.99
N VAL E 218 -0.39 39.47 32.06
CA VAL E 218 -0.71 40.88 32.34
C VAL E 218 0.59 41.69 32.26
N VAL E 219 0.61 42.68 31.37
CA VAL E 219 1.82 43.45 31.10
C VAL E 219 1.49 44.94 31.25
N LYS E 220 2.24 45.62 32.10
CA LYS E 220 2.13 47.05 32.29
C LYS E 220 3.38 47.70 31.68
N PHE E 221 3.20 48.68 30.78
CA PHE E 221 4.31 49.25 30.04
C PHE E 221 4.05 50.73 29.67
N ARG E 222 5.13 51.42 29.32
CA ARG E 222 5.07 52.82 28.85
C ARG E 222 6.18 53.05 27.83
N GLU E 223 6.14 54.18 27.13
CA GLU E 223 7.23 54.57 26.20
C GLU E 223 8.51 54.80 26.98
N ARG E 224 9.65 54.38 26.43
CA ARG E 224 10.93 54.36 27.17
C ARG E 224 11.36 55.79 27.52
N GLN F 20 4.58 -11.64 23.76
CA GLN F 20 4.60 -10.41 24.61
C GLN F 20 5.48 -9.33 23.97
N ALA F 21 5.47 -8.17 24.62
CA ALA F 21 5.94 -6.90 24.06
C ALA F 21 7.40 -7.00 23.60
N ASN F 22 8.28 -7.55 24.44
CA ASN F 22 9.71 -7.54 24.14
C ASN F 22 9.99 -8.42 22.91
N LEU F 23 9.35 -9.60 22.83
CA LEU F 23 9.60 -10.52 21.71
C LEU F 23 9.07 -9.90 20.40
N MET F 24 7.90 -9.26 20.45
CA MET F 24 7.32 -8.63 19.26
C MET F 24 8.24 -7.49 18.78
N ARG F 25 8.85 -6.76 19.72
CA ARG F 25 9.82 -5.71 19.38
C ARG F 25 11.03 -6.33 18.67
N LEU F 26 11.55 -7.40 19.24
CA LEU F 26 12.78 -8.03 18.72
C LEU F 26 12.54 -8.56 17.31
N LYS F 27 11.40 -9.20 17.07
CA LYS F 27 11.12 -9.79 15.76
C LYS F 27 10.93 -8.68 14.72
N SER F 28 10.25 -7.60 15.10
CA SER F 28 10.09 -6.44 14.20
C SER F 28 11.45 -5.82 13.86
N ASP F 29 12.34 -5.71 14.84
CA ASP F 29 13.66 -5.09 14.61
C ASP F 29 14.55 -6.00 13.74
N LEU F 30 14.41 -7.32 13.86
CA LEU F 30 15.28 -8.25 13.11
C LEU F 30 14.78 -8.44 11.66
N PHE F 31 13.47 -8.48 11.45
CA PHE F 31 12.92 -8.93 10.15
C PHE F 31 12.34 -7.76 9.34
N ASN F 32 11.56 -6.89 9.97
CA ASN F 32 10.77 -5.88 9.23
C ASN F 32 11.64 -4.72 8.75
N ARG F 33 12.80 -4.49 9.35
CA ARG F 33 13.62 -3.29 9.01
C ARG F 33 14.40 -3.54 7.72
N SER F 34 15.34 -4.47 7.75
CA SER F 34 16.22 -4.72 6.61
C SER F 34 15.56 -5.70 5.64
N PRO F 35 16.03 -5.75 4.38
CA PRO F 35 15.64 -6.82 3.44
C PRO F 35 16.16 -8.19 3.89
N MET F 36 15.54 -9.27 3.40
CA MET F 36 15.90 -10.63 3.82
C MET F 36 17.34 -10.94 3.39
N TYR F 37 18.01 -11.74 4.21
CA TYR F 37 19.37 -12.24 3.91
C TYR F 37 19.35 -12.94 2.55
N PRO F 38 20.25 -12.53 1.64
CA PRO F 38 20.29 -13.10 0.28
C PRO F 38 21.12 -14.39 0.14
N GLY F 39 21.42 -15.05 1.26
CA GLY F 39 22.26 -16.24 1.26
C GLY F 39 23.73 -15.89 1.24
N PRO F 40 24.60 -16.91 1.35
CA PRO F 40 26.05 -16.75 1.42
C PRO F 40 26.70 -16.34 0.09
N THR F 41 27.93 -15.85 0.18
CA THR F 41 28.71 -15.39 -0.97
C THR F 41 30.18 -15.79 -0.75
N LYS F 42 31.03 -15.53 -1.75
CA LYS F 42 32.44 -15.86 -1.64
C LYS F 42 33.13 -14.96 -0.60
N ASP F 43 32.66 -13.72 -0.48
CA ASP F 43 33.24 -12.77 0.47
C ASP F 43 32.76 -13.07 1.89
N ASP F 44 31.54 -13.62 2.02
CA ASP F 44 30.94 -13.89 3.33
C ASP F 44 30.38 -15.33 3.33
N PRO F 45 31.28 -16.32 3.32
CA PRO F 45 30.86 -17.72 3.28
C PRO F 45 30.22 -18.17 4.61
N LEU F 46 29.66 -19.36 4.60
CA LEU F 46 28.83 -19.87 5.69
C LEU F 46 29.18 -21.34 5.94
N THR F 47 29.36 -21.72 7.20
CA THR F 47 29.49 -23.13 7.57
C THR F 47 28.18 -23.62 8.20
N VAL F 48 27.66 -24.74 7.68
CA VAL F 48 26.44 -25.36 8.24
C VAL F 48 26.85 -26.65 8.95
N THR F 49 26.50 -26.78 10.22
CA THR F 49 26.70 -28.02 10.96
C THR F 49 25.49 -28.94 10.72
N LEU F 50 25.74 -30.16 10.25
CA LEU F 50 24.67 -31.16 10.08
C LEU F 50 24.87 -32.31 11.07
N GLY F 51 23.75 -32.90 11.47
CA GLY F 51 23.75 -34.16 12.22
C GLY F 51 22.43 -34.89 12.01
N PHE F 52 22.48 -36.22 11.98
CA PHE F 52 21.29 -37.02 11.74
C PHE F 52 20.90 -37.81 12.99
N THR F 53 19.58 -37.92 13.18
CA THR F 53 18.98 -38.78 14.18
C THR F 53 18.06 -39.78 13.45
N LEU F 54 18.53 -41.01 13.30
CA LEU F 54 17.81 -42.03 12.54
C LEU F 54 16.74 -42.67 13.42
N GLN F 55 15.50 -42.62 12.94
CA GLN F 55 14.36 -43.09 13.72
C GLN F 55 13.91 -44.49 13.25
N ASP F 56 13.97 -44.76 11.94
CA ASP F 56 13.43 -45.99 11.41
C ASP F 56 13.88 -46.19 9.96
N ILE F 57 14.30 -47.41 9.66
CA ILE F 57 14.28 -47.89 8.28
C ILE F 57 12.92 -48.56 8.07
N VAL F 58 12.05 -47.89 7.33
CA VAL F 58 10.64 -48.26 7.26
C VAL F 58 10.45 -49.39 6.26
N LYS F 59 11.12 -49.30 5.13
CA LYS F 59 10.78 -50.11 3.97
C LYS F 59 12.00 -50.31 3.10
N VAL F 60 12.08 -51.49 2.51
CA VAL F 60 13.08 -51.84 1.52
C VAL F 60 12.35 -52.40 0.31
N ASP F 61 12.74 -51.98 -0.90
CA ASP F 61 12.13 -52.48 -2.14
C ASP F 61 13.24 -53.10 -3.00
N SER F 62 13.32 -54.42 -2.97
CA SER F 62 14.34 -55.18 -3.70
C SER F 62 14.11 -55.09 -5.21
N SER F 63 12.89 -54.81 -5.66
CA SER F 63 12.60 -54.78 -7.11
C SER F 63 13.08 -53.46 -7.74
N THR F 64 13.17 -52.37 -6.97
CA THR F 64 13.59 -51.06 -7.52
C THR F 64 14.89 -50.55 -6.88
N ASN F 65 15.40 -51.23 -5.86
CA ASN F 65 16.58 -50.78 -5.10
C ASN F 65 16.33 -49.38 -4.53
N GLU F 66 15.18 -49.21 -3.87
CA GLU F 66 14.88 -47.99 -3.10
C GLU F 66 14.79 -48.36 -1.61
N VAL F 67 15.29 -47.49 -0.73
CA VAL F 67 15.11 -47.67 0.71
C VAL F 67 14.53 -46.39 1.30
N ASP F 68 13.65 -46.56 2.29
CA ASP F 68 12.91 -45.47 2.92
C ASP F 68 13.39 -45.29 4.37
N LEU F 69 13.91 -44.09 4.70
CA LEU F 69 14.31 -43.75 6.07
C LEU F 69 13.38 -42.68 6.64
N VAL F 70 13.16 -42.75 7.95
CA VAL F 70 12.61 -41.65 8.72
C VAL F 70 13.69 -41.20 9.71
N TYR F 71 13.95 -39.90 9.71
CA TYR F 71 14.99 -39.33 10.53
C TYR F 71 14.66 -37.85 10.76
N TYR F 72 15.39 -37.21 11.69
CA TYR F 72 15.43 -35.76 11.68
C TYR F 72 16.88 -35.28 11.57
N GLU F 73 17.02 -34.08 11.04
CA GLU F 73 18.29 -33.54 10.57
C GLU F 73 18.53 -32.20 11.27
N GLN F 74 19.51 -32.17 12.18
CA GLN F 74 19.83 -30.95 12.89
C GLN F 74 20.71 -30.07 11.99
N GLN F 75 20.21 -28.88 11.67
CA GLN F 75 20.93 -27.92 10.85
C GLN F 75 21.26 -26.69 11.69
N ARG F 76 22.50 -26.20 11.62
CA ARG F 76 22.94 -25.08 12.46
C ARG F 76 23.89 -24.18 11.66
N TRP F 77 23.62 -22.88 11.71
CA TRP F 77 24.49 -21.88 11.10
C TRP F 77 24.40 -20.56 11.88
N LYS F 78 25.26 -19.60 11.57
CA LYS F 78 25.31 -18.34 12.33
C LYS F 78 25.40 -17.15 11.38
N LEU F 79 24.60 -16.12 11.65
CA LEU F 79 24.59 -14.88 10.85
C LEU F 79 24.73 -13.66 11.77
N ASN F 80 25.58 -12.71 11.38
CA ASN F 80 25.73 -11.45 12.13
C ASN F 80 24.42 -10.65 12.10
N SER F 81 23.65 -10.76 11.03
CA SER F 81 22.42 -9.96 10.88
C SER F 81 21.30 -10.45 11.82
N LEU F 82 21.50 -11.53 12.58
CA LEU F 82 20.48 -12.00 13.53
C LEU F 82 20.95 -11.83 14.99
N MET F 83 22.04 -11.08 15.20
CA MET F 83 22.56 -10.85 16.56
C MET F 83 21.73 -9.77 17.27
N TRP F 84 21.58 -9.91 18.58
CA TRP F 84 20.97 -8.86 19.40
C TRP F 84 21.52 -8.93 20.83
N ASP F 85 21.40 -7.81 21.53
CA ASP F 85 21.80 -7.71 22.94
C ASP F 85 20.58 -8.05 23.80
N PRO F 86 20.65 -9.15 24.58
CA PRO F 86 19.52 -9.53 25.42
C PRO F 86 19.00 -8.40 26.33
N ASN F 87 19.88 -7.52 26.78
CA ASN F 87 19.50 -6.49 27.77
C ASN F 87 18.54 -5.47 27.14
N GLU F 88 18.58 -5.31 25.83
CA GLU F 88 17.73 -4.35 25.11
C GLU F 88 16.35 -4.95 24.82
N TYR F 89 16.15 -6.24 25.13
CA TYR F 89 14.86 -6.90 24.85
C TYR F 89 14.46 -7.81 26.02
N GLY F 90 14.61 -7.30 27.25
CA GLY F 90 14.09 -7.96 28.45
C GLY F 90 14.78 -9.29 28.74
N ASN F 91 16.05 -9.42 28.37
CA ASN F 91 16.86 -10.64 28.62
C ASN F 91 16.31 -11.84 27.83
N ILE F 92 15.72 -11.61 26.66
CA ILE F 92 15.42 -12.71 25.74
C ILE F 92 16.74 -13.21 25.13
N THR F 93 17.02 -14.51 25.27
CA THR F 93 18.26 -15.11 24.77
C THR F 93 18.00 -15.87 23.46
N ASP F 94 16.76 -16.30 23.22
CA ASP F 94 16.43 -17.01 21.98
C ASP F 94 14.92 -16.97 21.74
N PHE F 95 14.50 -17.30 20.51
CA PHE F 95 13.08 -17.38 20.18
C PHE F 95 12.84 -18.33 19.02
N ARG F 96 11.61 -18.86 19.00
CA ARG F 96 11.11 -19.70 17.94
C ARG F 96 10.51 -18.81 16.84
N THR F 97 10.69 -19.20 15.58
CA THR F 97 10.12 -18.45 14.47
C THR F 97 9.87 -19.39 13.28
N SER F 98 8.83 -19.09 12.53
CA SER F 98 8.55 -19.76 11.25
C SER F 98 9.80 -19.74 10.37
N ALA F 99 10.09 -20.88 9.72
CA ALA F 99 11.22 -21.01 8.79
C ALA F 99 11.01 -20.16 7.53
N ALA F 100 9.80 -19.68 7.28
CA ALA F 100 9.51 -18.74 6.18
C ALA F 100 10.06 -17.34 6.47
N ASP F 101 10.22 -16.98 7.75
CA ASP F 101 10.72 -15.64 8.13
C ASP F 101 12.23 -15.52 7.87
N ILE F 102 12.93 -16.64 7.65
CA ILE F 102 14.39 -16.61 7.56
C ILE F 102 14.86 -17.42 6.35
N TRP F 103 16.09 -17.14 5.93
CA TRP F 103 16.82 -17.98 5.00
C TRP F 103 17.15 -19.31 5.67
N THR F 104 17.07 -20.40 4.91
CA THR F 104 17.52 -21.72 5.38
C THR F 104 18.35 -22.39 4.28
N PRO F 105 19.34 -23.20 4.66
CA PRO F 105 20.20 -23.83 3.65
C PRO F 105 19.47 -24.88 2.79
N ASP F 106 19.88 -24.95 1.53
CA ASP F 106 19.27 -25.82 0.51
C ASP F 106 19.91 -27.22 0.54
N ILE F 107 19.89 -27.86 1.70
CA ILE F 107 20.54 -29.15 1.88
C ILE F 107 19.69 -30.23 1.20
N THR F 108 20.32 -31.03 0.36
CA THR F 108 19.62 -31.91 -0.57
C THR F 108 20.27 -33.29 -0.52
N ALA F 109 19.44 -34.34 -0.55
CA ALA F 109 19.91 -35.71 -0.73
C ALA F 109 20.24 -35.93 -2.22
N TYR F 110 21.45 -36.41 -2.51
CA TYR F 110 21.94 -36.48 -3.89
C TYR F 110 21.45 -37.75 -4.59
N SER F 111 20.86 -38.71 -3.88
CA SER F 111 20.44 -39.95 -4.53
C SER F 111 18.98 -40.28 -4.20
N SER F 112 18.18 -39.25 -3.94
CA SER F 112 16.75 -39.43 -3.69
C SER F 112 16.04 -39.87 -4.98
N THR F 113 14.92 -40.60 -4.82
CA THR F 113 14.10 -41.05 -5.94
C THR F 113 12.65 -40.54 -5.82
N ARG F 114 12.34 -39.81 -4.75
CA ARG F 114 11.04 -39.19 -4.55
C ARG F 114 11.25 -37.88 -3.80
N PRO F 115 10.29 -36.95 -3.89
CA PRO F 115 10.37 -35.75 -3.04
C PRO F 115 10.39 -36.12 -1.55
N VAL F 116 11.19 -35.40 -0.77
CA VAL F 116 11.24 -35.61 0.68
C VAL F 116 9.88 -35.22 1.27
N GLN F 117 9.35 -36.04 2.17
CA GLN F 117 8.12 -35.73 2.89
C GLN F 117 8.47 -35.13 4.26
N VAL F 118 7.85 -34.01 4.59
CA VAL F 118 8.12 -33.26 5.81
C VAL F 118 7.21 -33.79 6.93
N LEU F 119 7.80 -34.11 8.08
CA LEU F 119 7.04 -34.74 9.15
C LEU F 119 6.97 -33.84 10.39
N SER F 120 7.51 -32.62 10.33
CA SER F 120 7.52 -31.77 11.51
C SER F 120 7.27 -30.30 11.14
N PRO F 121 6.78 -29.50 12.10
CA PRO F 121 6.48 -28.08 11.86
C PRO F 121 7.72 -27.32 11.39
N GLN F 122 7.53 -26.41 10.44
CA GLN F 122 8.64 -25.65 9.86
C GLN F 122 8.92 -24.44 10.76
N ILE F 123 9.56 -24.70 11.90
CA ILE F 123 9.89 -23.68 12.88
C ILE F 123 11.35 -23.87 13.28
N ALA F 124 12.10 -22.77 13.32
CA ALA F 124 13.50 -22.79 13.75
C ALA F 124 13.65 -21.98 15.04
N VAL F 125 14.80 -22.11 15.69
CA VAL F 125 15.11 -21.35 16.88
C VAL F 125 16.33 -20.47 16.60
N VAL F 126 16.18 -19.17 16.90
CA VAL F 126 17.25 -18.19 16.73
C VAL F 126 17.76 -17.78 18.11
N THR F 127 19.07 -17.71 18.26
CA THR F 127 19.74 -17.39 19.53
C THR F 127 20.45 -16.05 19.38
N HIS F 128 20.65 -15.35 20.51
CA HIS F 128 21.07 -13.94 20.53
C HIS F 128 22.44 -13.74 19.87
N ASP F 129 23.28 -14.78 19.81
CA ASP F 129 24.58 -14.66 19.17
C ASP F 129 24.46 -14.76 17.65
N GLY F 130 23.24 -14.90 17.14
CA GLY F 130 23.01 -14.95 15.69
C GLY F 130 22.99 -16.37 15.16
N SER F 131 23.08 -17.38 16.02
CA SER F 131 23.05 -18.77 15.56
C SER F 131 21.59 -19.22 15.37
N VAL F 132 21.38 -20.02 14.34
CA VAL F 132 20.06 -20.55 14.00
C VAL F 132 20.13 -22.08 14.03
N MET F 133 19.11 -22.69 14.61
CA MET F 133 19.00 -24.14 14.60
C MET F 133 17.63 -24.52 14.04
N PHE F 134 17.66 -25.45 13.07
CA PHE F 134 16.46 -25.93 12.39
C PHE F 134 16.55 -27.46 12.27
N ILE F 135 15.52 -28.18 12.72
CA ILE F 135 15.60 -29.64 12.87
C ILE F 135 14.39 -30.31 12.21
N PRO F 136 14.32 -30.28 10.87
CA PRO F 136 13.23 -30.93 10.13
C PRO F 136 13.24 -32.48 10.22
N ALA F 137 12.09 -33.06 10.54
CA ALA F 137 11.89 -34.50 10.43
C ALA F 137 11.40 -34.83 9.02
N GLN F 138 11.95 -35.89 8.42
CA GLN F 138 11.79 -36.16 7.01
C GLN F 138 11.63 -37.67 6.76
N ARG F 139 10.92 -38.00 5.69
CA ARG F 139 10.97 -39.34 5.10
C ARG F 139 11.59 -39.26 3.70
N LEU F 140 12.57 -40.13 3.47
CA LEU F 140 13.39 -40.10 2.26
C LEU F 140 13.38 -41.48 1.60
N SER F 141 13.08 -41.50 0.30
CA SER F 141 13.33 -42.66 -0.56
C SER F 141 14.63 -42.42 -1.35
N PHE F 142 15.60 -43.33 -1.25
CA PHE F 142 16.87 -43.14 -1.94
C PHE F 142 17.39 -44.48 -2.49
N MET F 143 18.39 -44.37 -3.36
CA MET F 143 18.91 -45.48 -4.13
C MET F 143 19.80 -46.35 -3.24
N CYS F 144 19.41 -47.62 -3.09
CA CYS F 144 20.13 -48.54 -2.22
C CYS F 144 19.76 -49.99 -2.58
N ASP F 145 20.79 -50.81 -2.81
CA ASP F 145 20.60 -52.25 -3.11
C ASP F 145 20.56 -53.04 -1.79
N PRO F 146 19.40 -53.61 -1.45
CA PRO F 146 19.23 -54.35 -0.19
C PRO F 146 19.53 -55.86 -0.27
N THR F 147 20.13 -56.33 -1.35
CA THR F 147 20.53 -57.75 -1.46
C THR F 147 21.49 -58.11 -0.33
N GLY F 148 21.12 -59.12 0.46
CA GLY F 148 21.95 -59.59 1.59
C GLY F 148 21.48 -59.03 2.93
N VAL F 149 20.36 -58.32 2.94
CA VAL F 149 19.84 -57.71 4.18
C VAL F 149 19.39 -58.82 5.14
N ASP F 150 18.98 -59.96 4.59
CA ASP F 150 18.50 -61.09 5.39
C ASP F 150 19.68 -61.97 5.86
N SER F 151 20.92 -61.50 5.75
CA SER F 151 22.07 -62.26 6.25
C SER F 151 22.60 -61.66 7.55
N GLU F 152 23.52 -62.36 8.18
CA GLU F 152 24.11 -61.95 9.46
C GLU F 152 24.96 -60.70 9.27
N GLU F 153 25.66 -60.62 8.14
CA GLU F 153 26.57 -59.53 7.84
C GLU F 153 25.77 -58.25 7.49
N GLY F 154 24.60 -58.44 6.90
CA GLY F 154 23.71 -57.34 6.55
C GLY F 154 24.15 -56.63 5.28
N VAL F 155 23.76 -55.37 5.16
CA VAL F 155 24.03 -54.59 3.96
C VAL F 155 24.38 -53.16 4.38
N THR F 156 25.26 -52.54 3.60
CA THR F 156 25.63 -51.14 3.80
C THR F 156 24.97 -50.30 2.69
N CYS F 157 24.49 -49.13 3.06
CA CYS F 157 24.01 -48.17 2.08
C CYS F 157 24.38 -46.75 2.49
N ALA F 158 24.39 -45.85 1.52
CA ALA F 158 24.94 -44.51 1.70
C ALA F 158 24.15 -43.49 0.88
N VAL F 159 24.01 -42.29 1.44
CA VAL F 159 23.42 -41.16 0.73
C VAL F 159 24.14 -39.87 1.17
N LYS F 160 24.42 -39.02 0.19
CA LYS F 160 25.14 -37.79 0.43
C LYS F 160 24.15 -36.62 0.58
N PHE F 161 24.41 -35.79 1.59
CA PHE F 161 23.62 -34.60 1.82
C PHE F 161 24.52 -33.37 1.62
N GLY F 162 24.08 -32.44 0.79
CA GLY F 162 24.81 -31.21 0.57
C GLY F 162 23.97 -30.16 -0.13
N SER F 163 24.54 -28.98 -0.30
CA SER F 163 23.91 -27.91 -1.07
C SER F 163 23.83 -28.35 -2.54
N TRP F 164 22.68 -28.07 -3.14
CA TRP F 164 22.47 -28.32 -4.55
C TRP F 164 23.14 -27.25 -5.40
N VAL F 165 23.14 -25.99 -4.95
CA VAL F 165 23.56 -24.87 -5.84
C VAL F 165 24.83 -24.17 -5.32
N TYR F 166 25.16 -24.23 -4.03
CA TYR F 166 26.34 -23.52 -3.52
C TYR F 166 27.53 -24.49 -3.48
N SER F 167 28.66 -24.03 -4.04
CA SER F 167 29.92 -24.77 -3.99
C SER F 167 30.60 -24.56 -2.62
N GLY F 168 31.77 -25.16 -2.47
CA GLY F 168 32.58 -25.06 -1.25
C GLY F 168 33.06 -23.64 -0.96
N PHE F 169 32.99 -22.76 -1.96
CA PHE F 169 33.40 -21.36 -1.79
C PHE F 169 32.30 -20.54 -1.10
N GLU F 170 31.05 -21.00 -1.10
CA GLU F 170 29.96 -20.25 -0.41
C GLU F 170 29.45 -21.03 0.81
N ILE F 171 29.36 -22.35 0.73
CA ILE F 171 28.88 -23.16 1.85
C ILE F 171 29.88 -24.27 2.13
N ASP F 172 30.39 -24.29 3.37
CA ASP F 172 31.12 -25.42 3.90
C ASP F 172 30.19 -26.19 4.85
N LEU F 173 30.47 -27.47 5.04
CA LEU F 173 29.72 -28.31 5.98
C LEU F 173 30.67 -28.88 7.03
N LYS F 174 30.10 -29.24 8.19
CA LYS F 174 30.85 -29.98 9.19
C LYS F 174 29.88 -30.73 10.10
N THR F 175 30.46 -31.62 10.92
CA THR F 175 29.71 -32.39 11.90
C THR F 175 30.35 -32.18 13.28
N ASP F 176 29.57 -32.37 14.34
CA ASP F 176 30.09 -32.28 15.71
C ASP F 176 30.65 -33.65 16.10
N THR F 177 29.94 -34.71 15.72
CA THR F 177 30.43 -36.10 15.85
C THR F 177 30.15 -36.82 14.53
N ASP F 178 30.94 -37.87 14.25
CA ASP F 178 30.70 -38.69 13.06
C ASP F 178 29.76 -39.87 13.41
N GLN F 179 29.24 -39.94 14.63
CA GLN F 179 28.33 -41.01 15.05
C GLN F 179 26.88 -40.53 14.97
N VAL F 180 26.10 -41.14 14.08
CA VAL F 180 24.68 -40.85 13.92
C VAL F 180 23.97 -41.16 15.26
N ASP F 181 23.02 -40.30 15.64
CA ASP F 181 22.27 -40.52 16.87
C ASP F 181 21.25 -41.63 16.64
N LEU F 182 21.43 -42.76 17.33
CA LEU F 182 20.56 -43.92 17.23
C LEU F 182 19.77 -44.10 18.53
N SER F 183 19.76 -43.11 19.42
CA SER F 183 19.10 -43.28 20.73
C SER F 183 17.57 -43.20 20.60
N SER F 184 17.06 -42.79 19.44
CA SER F 184 15.61 -42.75 19.22
C SER F 184 15.21 -43.81 18.18
N TYR F 185 16.08 -44.77 17.87
CA TYR F 185 15.76 -45.72 16.81
C TYR F 185 14.66 -46.68 17.28
N TYR F 186 13.69 -46.92 16.41
CA TYR F 186 12.51 -47.73 16.76
C TYR F 186 12.92 -49.19 17.00
N ALA F 187 12.66 -49.67 18.22
CA ALA F 187 13.16 -50.96 18.71
C ALA F 187 12.45 -52.14 18.02
N SER F 188 11.23 -51.92 17.48
CA SER F 188 10.49 -53.00 16.84
C SER F 188 10.48 -52.83 15.32
N SER F 189 11.48 -52.12 14.79
CA SER F 189 11.66 -51.97 13.34
C SER F 189 11.89 -53.34 12.71
N LYS F 190 11.52 -53.46 11.44
CA LYS F 190 11.87 -54.64 10.65
C LYS F 190 13.38 -54.78 10.55
N TYR F 191 14.11 -53.67 10.62
CA TYR F 191 15.56 -53.69 10.43
C TYR F 191 16.26 -53.20 11.70
N GLU F 192 17.31 -53.89 12.11
CA GLU F 192 18.13 -53.41 13.21
C GLU F 192 19.41 -52.79 12.63
N ILE F 193 19.83 -51.66 13.23
CA ILE F 193 21.03 -50.96 12.79
C ILE F 193 22.25 -51.58 13.47
N LEU F 194 23.28 -51.83 12.67
CA LEU F 194 24.55 -52.30 13.20
C LEU F 194 25.43 -51.07 13.49
N SER F 195 25.53 -50.16 12.53
CA SER F 195 26.27 -48.91 12.71
C SER F 195 25.76 -47.84 11.73
N ALA F 196 25.98 -46.57 12.07
CA ALA F 196 25.61 -45.45 11.21
C ALA F 196 26.57 -44.28 11.46
N THR F 197 27.20 -43.78 10.39
CA THR F 197 28.19 -42.71 10.51
C THR F 197 27.83 -41.53 9.59
N GLN F 198 28.32 -40.35 9.94
CA GLN F 198 28.08 -39.11 9.19
C GLN F 198 29.42 -38.39 9.00
N THR F 199 29.91 -38.32 7.77
CA THR F 199 31.30 -37.91 7.51
C THR F 199 31.36 -36.87 6.39
N ARG F 200 32.05 -35.76 6.67
CA ARG F 200 32.25 -34.70 5.69
C ARG F 200 33.15 -35.24 4.56
N GLN F 201 32.82 -34.91 3.30
CA GLN F 201 33.71 -35.23 2.18
C GLN F 201 33.59 -34.14 1.10
N VAL F 202 34.66 -34.05 0.31
CA VAL F 202 34.78 -33.11 -0.79
C VAL F 202 34.50 -33.87 -2.08
N GLN F 203 33.68 -33.28 -2.95
CA GLN F 203 33.23 -33.94 -4.17
C GLN F 203 33.56 -33.04 -5.38
N HIS F 204 33.86 -33.69 -6.51
CA HIS F 204 34.01 -33.01 -7.81
C HIS F 204 33.05 -33.65 -8.82
N TYR F 205 32.13 -32.87 -9.36
CA TYR F 205 31.14 -33.35 -10.31
C TYR F 205 31.55 -32.91 -11.73
N SER F 206 31.15 -33.68 -12.74
CA SER F 206 31.54 -33.42 -14.13
C SER F 206 30.85 -32.16 -14.68
N CYS F 207 29.72 -31.76 -14.09
CA CYS F 207 29.02 -30.52 -14.51
C CYS F 207 29.88 -29.28 -14.25
N CYS F 208 30.66 -29.32 -13.18
CA CYS F 208 31.06 -28.10 -12.50
C CYS F 208 32.51 -28.24 -12.02
N PRO F 209 33.36 -27.21 -12.27
CA PRO F 209 34.80 -27.31 -11.92
C PRO F 209 35.12 -27.06 -10.43
N GLU F 210 34.17 -26.49 -9.69
CA GLU F 210 34.38 -26.09 -8.29
C GLU F 210 34.05 -27.28 -7.36
N PRO F 211 34.70 -27.36 -6.20
CA PRO F 211 34.42 -28.43 -5.24
C PRO F 211 33.07 -28.24 -4.50
N TYR F 212 32.37 -29.34 -4.27
CA TYR F 212 31.10 -29.31 -3.51
C TYR F 212 31.27 -30.18 -2.25
N ILE F 213 30.77 -29.67 -1.12
CA ILE F 213 30.89 -30.37 0.17
C ILE F 213 29.60 -31.12 0.46
N ASP F 214 29.72 -32.34 0.95
CA ASP F 214 28.56 -33.10 1.43
C ASP F 214 28.90 -33.80 2.75
N VAL F 215 27.85 -34.22 3.44
CA VAL F 215 27.97 -35.14 4.56
C VAL F 215 27.41 -36.49 4.10
N ASN F 216 28.23 -37.52 4.19
CA ASN F 216 27.89 -38.85 3.72
C ASN F 216 27.27 -39.65 4.87
N LEU F 217 25.99 -39.97 4.77
CA LEU F 217 25.30 -40.80 5.75
C LEU F 217 25.48 -42.26 5.33
N VAL F 218 26.22 -43.05 6.13
CA VAL F 218 26.46 -44.46 5.85
C VAL F 218 25.78 -45.29 6.93
N VAL F 219 24.88 -46.18 6.52
CA VAL F 219 24.10 -46.99 7.46
C VAL F 219 24.28 -48.48 7.11
N LYS F 220 24.64 -49.25 8.13
CA LYS F 220 24.81 -50.70 8.01
C LYS F 220 23.69 -51.37 8.83
N PHE F 221 22.88 -52.21 8.17
CA PHE F 221 21.70 -52.78 8.82
C PHE F 221 21.40 -54.18 8.27
N ARG F 222 20.52 -54.90 8.97
CA ARG F 222 20.04 -56.23 8.54
C ARG F 222 18.63 -56.46 9.10
N GLU F 223 17.97 -57.54 8.66
CA GLU F 223 16.64 -57.89 9.18
C GLU F 223 16.77 -58.34 10.64
N ARG F 224 15.82 -57.90 11.47
CA ARG F 224 15.86 -58.09 12.93
C ARG F 224 15.69 -59.58 13.27
N GLN G 20 24.61 -9.93 2.40
CA GLN G 20 25.43 -8.70 2.68
C GLN G 20 25.16 -7.63 1.61
N ALA G 21 25.69 -6.44 1.88
CA ALA G 21 25.18 -5.17 1.35
C ALA G 21 25.19 -5.15 -0.18
N ASN G 22 26.31 -5.52 -0.79
CA ASN G 22 26.49 -5.40 -2.23
C ASN G 22 25.49 -6.30 -2.99
N LEU G 23 25.29 -7.52 -2.52
CA LEU G 23 24.37 -8.45 -3.21
C LEU G 23 22.93 -7.96 -3.06
N MET G 24 22.58 -7.39 -1.91
CA MET G 24 21.22 -6.90 -1.69
C MET G 24 20.91 -5.73 -2.63
N ARG G 25 21.89 -4.86 -2.90
CA ARG G 25 21.73 -3.74 -3.86
C ARG G 25 21.48 -4.30 -5.28
N LEU G 26 22.33 -5.22 -5.69
CA LEU G 26 22.28 -5.80 -7.04
C LEU G 26 20.90 -6.43 -7.28
N LYS G 27 20.44 -7.23 -6.33
CA LYS G 27 19.14 -7.91 -6.47
C LYS G 27 18.00 -6.88 -6.48
N SER G 28 18.06 -5.89 -5.59
CA SER G 28 17.08 -4.81 -5.60
C SER G 28 17.07 -4.11 -6.96
N ASP G 29 18.25 -3.79 -7.48
CA ASP G 29 18.38 -3.07 -8.75
C ASP G 29 17.88 -3.93 -9.92
N LEU G 30 18.09 -5.25 -9.88
CA LEU G 30 17.69 -6.11 -11.02
C LEU G 30 16.19 -6.42 -10.99
N PHE G 31 15.59 -6.65 -9.81
CA PHE G 31 14.26 -7.27 -9.75
C PHE G 31 13.17 -6.31 -9.25
N ASN G 32 13.52 -5.17 -8.64
CA ASN G 32 12.50 -4.30 -8.02
C ASN G 32 12.23 -3.04 -8.86
N ARG G 33 13.11 -2.71 -9.81
CA ARG G 33 12.96 -1.47 -10.60
C ARG G 33 12.03 -1.72 -11.80
N SER G 34 12.29 -2.79 -12.55
CA SER G 34 11.54 -3.11 -13.77
C SER G 34 10.48 -4.17 -13.47
N PRO G 35 9.45 -4.26 -14.34
CA PRO G 35 8.55 -5.44 -14.35
C PRO G 35 9.32 -6.70 -14.79
N MET G 36 8.76 -7.88 -14.50
CA MET G 36 9.46 -9.14 -14.81
C MET G 36 9.57 -9.29 -16.33
N TYR G 37 10.62 -10.00 -16.76
CA TYR G 37 10.79 -10.37 -18.16
C TYR G 37 9.54 -11.13 -18.61
N PRO G 38 8.90 -10.67 -19.70
CA PRO G 38 7.63 -11.24 -20.16
C PRO G 38 7.77 -12.49 -21.07
N GLY G 39 8.99 -12.97 -21.24
CA GLY G 39 9.25 -14.13 -22.10
C GLY G 39 9.72 -13.71 -23.48
N PRO G 40 10.25 -14.66 -24.26
CA PRO G 40 10.75 -14.35 -25.60
C PRO G 40 9.63 -13.95 -26.57
N THR G 41 10.03 -13.30 -27.66
CA THR G 41 9.13 -12.88 -28.75
C THR G 41 9.80 -13.17 -30.10
N LYS G 42 9.05 -13.00 -31.18
CA LYS G 42 9.57 -13.22 -32.52
C LYS G 42 10.73 -12.25 -32.81
N ASP G 43 10.61 -11.01 -32.33
CA ASP G 43 11.63 -9.97 -32.58
C ASP G 43 12.80 -10.14 -31.61
N ASP G 44 12.59 -10.81 -30.47
CA ASP G 44 13.64 -11.02 -29.46
C ASP G 44 13.65 -12.50 -29.05
N PRO G 45 14.02 -13.40 -29.97
CA PRO G 45 13.97 -14.84 -29.71
C PRO G 45 15.06 -15.29 -28.74
N LEU G 46 14.90 -16.48 -28.16
CA LEU G 46 15.78 -16.98 -27.12
C LEU G 46 16.21 -18.41 -27.45
N THR G 47 17.49 -18.70 -27.19
CA THR G 47 18.02 -20.06 -27.34
C THR G 47 18.35 -20.65 -25.96
N VAL G 48 17.67 -21.75 -25.62
CA VAL G 48 17.91 -22.49 -24.38
C VAL G 48 18.81 -23.69 -24.71
N THR G 49 19.93 -23.80 -23.98
CA THR G 49 20.77 -24.98 -24.07
C THR G 49 20.27 -26.00 -23.04
N LEU G 50 20.06 -27.25 -23.48
CA LEU G 50 19.64 -28.35 -22.61
C LEU G 50 20.72 -29.43 -22.60
N GLY G 51 20.89 -30.06 -21.45
CA GLY G 51 21.72 -31.26 -21.30
C GLY G 51 21.24 -32.13 -20.15
N PHE G 52 21.39 -33.45 -20.28
CA PHE G 52 20.85 -34.37 -19.31
C PHE G 52 21.97 -35.14 -18.61
N THR G 53 21.74 -35.38 -17.33
CA THR G 53 22.56 -36.26 -16.52
C THR G 53 21.64 -37.32 -15.92
N LEU G 54 21.75 -38.54 -16.43
CA LEU G 54 20.87 -39.63 -16.03
C LEU G 54 21.44 -40.32 -14.78
N GLN G 55 20.62 -40.41 -13.73
CA GLN G 55 21.07 -40.99 -12.46
C GLN G 55 20.57 -42.44 -12.32
N ASP G 56 19.35 -42.74 -12.75
CA ASP G 56 18.80 -44.08 -12.52
C ASP G 56 17.56 -44.31 -13.38
N ILE G 57 17.47 -45.50 -13.95
CA ILE G 57 16.19 -46.04 -14.35
C ILE G 57 15.65 -46.80 -13.15
N VAL G 58 14.66 -46.20 -12.49
CA VAL G 58 14.22 -46.67 -11.18
C VAL G 58 13.27 -47.86 -11.36
N LYS G 59 12.34 -47.72 -12.30
CA LYS G 59 11.20 -48.61 -12.37
C LYS G 59 10.77 -48.78 -13.84
N VAL G 60 10.31 -49.98 -14.13
CA VAL G 60 9.72 -50.34 -15.41
C VAL G 60 8.36 -51.00 -15.12
N ASP G 61 7.30 -50.62 -15.84
CA ASP G 61 5.97 -51.22 -15.65
C ASP G 61 5.51 -51.79 -17.00
N SER G 62 5.60 -53.12 -17.14
CA SER G 62 5.34 -53.77 -18.42
C SER G 62 3.85 -53.94 -18.67
N SER G 63 2.99 -53.69 -17.68
CA SER G 63 1.54 -53.81 -17.87
C SER G 63 0.92 -52.48 -18.34
N THR G 64 1.62 -51.35 -18.17
CA THR G 64 1.10 -50.04 -18.60
C THR G 64 2.04 -49.36 -19.59
N ASN G 65 3.18 -49.98 -19.88
CA ASN G 65 4.20 -49.38 -20.76
C ASN G 65 4.56 -47.98 -20.24
N GLU G 66 4.94 -47.93 -18.96
CA GLU G 66 5.45 -46.72 -18.31
C GLU G 66 6.86 -47.01 -17.78
N VAL G 67 7.79 -46.06 -17.97
CA VAL G 67 9.14 -46.17 -17.40
C VAL G 67 9.45 -44.89 -16.59
N ASP G 68 10.11 -45.07 -15.44
CA ASP G 68 10.43 -44.00 -14.52
C ASP G 68 11.94 -43.72 -14.52
N LEU G 69 12.31 -42.46 -14.82
CA LEU G 69 13.70 -41.99 -14.85
C LEU G 69 13.92 -40.97 -13.72
N VAL G 70 15.11 -41.02 -13.12
CA VAL G 70 15.60 -39.94 -12.29
C VAL G 70 16.85 -39.35 -12.98
N TYR G 71 16.86 -38.03 -13.10
CA TYR G 71 17.92 -37.31 -13.80
C TYR G 71 17.92 -35.85 -13.34
N TYR G 72 18.98 -35.13 -13.66
CA TYR G 72 18.88 -33.68 -13.64
C TYR G 72 19.18 -33.12 -15.03
N GLU G 73 18.59 -31.96 -15.28
CA GLU G 73 18.46 -31.36 -16.58
C GLU G 73 19.03 -29.94 -16.51
N GLN G 74 20.19 -29.76 -17.13
CA GLN G 74 20.87 -28.48 -17.17
C GLN G 74 20.21 -27.58 -18.22
N GLN G 75 19.64 -26.46 -17.77
CA GLN G 75 19.01 -25.45 -18.64
C GLN G 75 19.83 -24.16 -18.59
N ARG G 76 20.09 -23.56 -19.75
CA ARG G 76 20.93 -22.36 -19.81
C ARG G 76 20.39 -21.40 -20.88
N TRP G 77 20.24 -20.11 -20.51
CA TRP G 77 19.81 -19.06 -21.46
C TRP G 77 20.43 -17.73 -21.04
N LYS G 78 20.25 -16.68 -21.85
CA LYS G 78 20.91 -15.40 -21.60
C LYS G 78 19.96 -14.24 -21.94
N LEU G 79 19.86 -13.28 -21.02
CA LEU G 79 19.03 -12.07 -21.21
C LEU G 79 19.88 -10.81 -21.00
N ASN G 80 19.61 -9.78 -21.80
CA ASN G 80 20.24 -8.46 -21.62
C ASN G 80 19.75 -7.83 -20.31
N SER G 81 18.51 -8.05 -19.92
CA SER G 81 17.93 -7.38 -18.74
C SER G 81 18.51 -7.90 -17.41
N LEU G 82 19.36 -8.94 -17.44
CA LEU G 82 20.00 -9.43 -16.21
C LEU G 82 21.49 -9.11 -16.19
N MET G 83 21.97 -8.25 -17.10
CA MET G 83 23.38 -7.86 -17.13
C MET G 83 23.66 -6.83 -16.04
N TRP G 84 24.89 -6.85 -15.52
CA TRP G 84 25.38 -5.80 -14.63
C TRP G 84 26.90 -5.72 -14.74
N ASP G 85 27.42 -4.58 -14.29
CA ASP G 85 28.86 -4.32 -14.22
C ASP G 85 29.35 -4.70 -12.82
N PRO G 86 30.23 -5.71 -12.72
CA PRO G 86 30.77 -6.16 -11.43
C PRO G 86 31.38 -5.06 -10.56
N ASN G 87 32.01 -4.06 -11.16
CA ASN G 87 32.72 -3.00 -10.42
C ASN G 87 31.74 -2.14 -9.61
N GLU G 88 30.49 -2.07 -10.06
CA GLU G 88 29.46 -1.27 -9.37
C GLU G 88 28.85 -2.06 -8.21
N TYR G 89 29.18 -3.34 -8.06
CA TYR G 89 28.57 -4.17 -7.01
C TYR G 89 29.63 -5.04 -6.33
N GLY G 90 30.75 -4.44 -5.96
CA GLY G 90 31.76 -5.08 -5.13
C GLY G 90 32.38 -6.33 -5.77
N ASN G 91 32.49 -6.32 -7.10
CA ASN G 91 33.17 -7.38 -7.86
C ASN G 91 32.39 -8.71 -7.80
N ILE G 92 31.08 -8.65 -7.61
CA ILE G 92 30.22 -9.84 -7.68
C ILE G 92 30.08 -10.26 -9.15
N THR G 93 30.43 -11.51 -9.46
CA THR G 93 30.37 -12.03 -10.85
C THR G 93 29.13 -12.91 -11.07
N ASP G 94 28.56 -13.47 -9.99
CA ASP G 94 27.36 -14.30 -10.11
C ASP G 94 26.63 -14.35 -8.76
N PHE G 95 25.40 -14.84 -8.76
CA PHE G 95 24.64 -14.98 -7.51
C PHE G 95 23.53 -16.03 -7.67
N ARG G 96 23.17 -16.65 -6.55
CA ARG G 96 22.09 -17.63 -6.47
C ARG G 96 20.78 -16.90 -6.17
N THR G 97 19.69 -17.35 -6.79
CA THR G 97 18.40 -16.72 -6.58
C THR G 97 17.28 -17.74 -6.82
N SER G 98 16.19 -17.54 -6.11
CA SER G 98 14.99 -18.34 -6.27
C SER G 98 14.50 -18.28 -7.73
N ALA G 99 14.06 -19.42 -8.24
CA ALA G 99 13.56 -19.56 -9.60
C ALA G 99 12.21 -18.83 -9.77
N ALA G 100 11.55 -18.48 -8.66
CA ALA G 100 10.30 -17.71 -8.69
C ALA G 100 10.58 -16.22 -8.95
N ASP G 101 11.81 -15.77 -8.68
CA ASP G 101 12.19 -14.36 -8.88
C ASP G 101 12.37 -14.06 -10.38
N ILE G 102 12.66 -15.08 -11.19
CA ILE G 102 13.00 -14.89 -12.62
C ILE G 102 12.05 -15.70 -13.50
N TRP G 103 12.03 -15.35 -14.78
CA TRP G 103 11.42 -16.18 -15.81
C TRP G 103 12.27 -17.44 -16.01
N THR G 104 11.60 -18.57 -16.24
CA THR G 104 12.29 -19.82 -16.63
C THR G 104 11.55 -20.45 -17.82
N PRO G 105 12.29 -21.18 -18.67
CA PRO G 105 11.65 -21.80 -19.83
C PRO G 105 10.67 -22.92 -19.45
N ASP G 106 9.61 -23.06 -20.24
CA ASP G 106 8.51 -24.00 -19.98
C ASP G 106 8.83 -25.35 -20.64
N ILE G 107 9.99 -25.92 -20.32
CA ILE G 107 10.44 -27.17 -20.95
C ILE G 107 9.56 -28.30 -20.42
N THR G 108 8.98 -29.06 -21.34
CA THR G 108 7.97 -30.08 -21.05
C THR G 108 8.35 -31.39 -21.74
N ALA G 109 8.23 -32.51 -21.02
CA ALA G 109 8.31 -33.84 -21.63
C ALA G 109 7.00 -34.14 -22.37
N TYR G 110 7.10 -34.53 -23.64
CA TYR G 110 5.92 -34.62 -24.52
C TYR G 110 5.17 -35.95 -24.35
N SER G 111 5.75 -36.95 -23.68
CA SER G 111 5.07 -38.26 -23.54
C SER G 111 5.05 -38.71 -22.07
N SER G 112 4.97 -37.75 -21.16
CA SER G 112 4.81 -38.03 -19.73
C SER G 112 3.42 -38.61 -19.45
N THR G 113 3.33 -39.44 -18.41
CA THR G 113 2.05 -40.04 -17.97
C THR G 113 1.67 -39.58 -16.57
N ARG G 114 2.59 -38.93 -15.86
CA ARG G 114 2.32 -38.33 -14.55
C ARG G 114 2.97 -36.94 -14.51
N PRO G 115 2.50 -36.07 -13.59
CA PRO G 115 3.22 -34.84 -13.34
C PRO G 115 4.67 -35.14 -12.92
N VAL G 116 5.61 -34.32 -13.37
CA VAL G 116 7.03 -34.50 -13.02
C VAL G 116 7.21 -34.15 -11.54
N GLN G 117 8.06 -34.92 -10.85
CA GLN G 117 8.34 -34.67 -9.43
C GLN G 117 9.70 -33.99 -9.30
N VAL G 118 9.74 -32.91 -8.51
CA VAL G 118 10.95 -32.10 -8.34
C VAL G 118 11.76 -32.67 -7.17
N LEU G 119 13.06 -32.85 -7.38
CA LEU G 119 13.92 -33.49 -6.36
C LEU G 119 15.02 -32.53 -5.90
N SER G 120 15.05 -31.31 -6.40
CA SER G 120 16.09 -30.35 -6.02
C SER G 120 15.45 -28.98 -5.73
N PRO G 121 16.14 -28.12 -4.97
CA PRO G 121 15.60 -26.79 -4.64
C PRO G 121 15.46 -25.92 -5.89
N GLN G 122 14.41 -25.13 -5.95
CA GLN G 122 14.12 -24.30 -7.12
C GLN G 122 14.98 -23.03 -7.05
N ILE G 123 16.27 -23.18 -7.33
CA ILE G 123 17.24 -22.09 -7.23
C ILE G 123 18.13 -22.11 -8.48
N ALA G 124 18.27 -20.93 -9.09
CA ALA G 124 19.09 -20.72 -10.29
C ALA G 124 20.34 -19.88 -9.94
N VAL G 125 21.29 -19.85 -10.86
CA VAL G 125 22.48 -19.03 -10.73
C VAL G 125 22.53 -18.05 -11.92
N VAL G 126 22.66 -16.75 -11.62
CA VAL G 126 22.72 -15.69 -12.63
C VAL G 126 24.14 -15.14 -12.66
N THR G 127 24.71 -14.98 -13.86
CA THR G 127 26.08 -14.47 -14.06
C THR G 127 26.00 -13.05 -14.65
N HIS G 128 27.08 -12.28 -14.49
CA HIS G 128 27.07 -10.82 -14.77
C HIS G 128 26.81 -10.51 -16.25
N ASP G 129 27.07 -11.47 -17.15
CA ASP G 129 26.82 -11.28 -18.59
C ASP G 129 25.33 -11.49 -18.91
N GLY G 130 24.52 -11.83 -17.92
CA GLY G 130 23.09 -12.02 -18.11
C GLY G 130 22.71 -13.47 -18.36
N SER G 131 23.66 -14.39 -18.28
CA SER G 131 23.37 -15.80 -18.49
C SER G 131 22.79 -16.41 -17.22
N VAL G 132 21.81 -17.30 -17.40
CA VAL G 132 21.12 -17.97 -16.29
C VAL G 132 21.32 -19.48 -16.45
N MET G 133 21.60 -20.14 -15.34
CA MET G 133 21.73 -21.59 -15.28
C MET G 133 20.80 -22.16 -14.20
N PHE G 134 19.90 -23.04 -14.61
CA PHE G 134 18.96 -23.71 -13.73
C PHE G 134 19.08 -25.21 -13.98
N ILE G 135 19.29 -26.02 -12.91
CA ILE G 135 19.58 -27.45 -13.08
C ILE G 135 18.66 -28.28 -12.16
N PRO G 136 17.36 -28.36 -12.47
CA PRO G 136 16.43 -29.13 -11.64
C PRO G 136 16.65 -30.65 -11.75
N ALA G 137 16.65 -31.35 -10.60
CA ALA G 137 16.57 -32.80 -10.55
C ALA G 137 15.10 -33.20 -10.60
N GLN G 138 14.78 -34.24 -11.37
CA GLN G 138 13.40 -34.60 -11.66
C GLN G 138 13.24 -36.13 -11.66
N ARG G 139 12.04 -36.58 -11.30
CA ARG G 139 11.60 -37.93 -11.62
C ARG G 139 10.42 -37.86 -12.59
N LEU G 140 10.53 -38.63 -13.66
CA LEU G 140 9.58 -38.61 -14.78
C LEU G 140 9.09 -40.03 -15.08
N SER G 141 7.77 -40.20 -15.10
CA SER G 141 7.12 -41.35 -15.70
C SER G 141 6.77 -41.02 -17.16
N PHE G 142 7.17 -41.85 -18.11
CA PHE G 142 6.85 -41.60 -19.52
C PHE G 142 6.56 -42.91 -20.28
N MET G 143 5.97 -42.75 -21.46
CA MET G 143 5.50 -43.86 -22.27
C MET G 143 6.69 -44.59 -22.90
N CYS G 144 6.76 -45.89 -22.67
CA CYS G 144 7.90 -46.70 -23.09
C CYS G 144 7.57 -48.18 -22.90
N ASP G 145 7.81 -48.98 -23.95
CA ASP G 145 7.52 -50.41 -23.93
C ASP G 145 8.79 -51.17 -23.52
N PRO G 146 8.82 -51.70 -22.29
CA PRO G 146 10.01 -52.36 -21.77
C PRO G 146 10.15 -53.86 -22.14
N THR G 147 9.28 -54.39 -22.98
CA THR G 147 9.32 -55.82 -23.37
C THR G 147 10.66 -56.12 -24.04
N GLY G 148 11.40 -57.09 -23.51
CA GLY G 148 12.70 -57.49 -24.05
C GLY G 148 13.87 -56.87 -23.30
N VAL G 149 13.59 -56.24 -22.16
CA VAL G 149 14.62 -55.55 -21.39
C VAL G 149 15.56 -56.59 -20.77
N ASP G 150 15.05 -57.78 -20.50
CA ASP G 150 15.83 -58.88 -19.89
C ASP G 150 16.68 -59.62 -20.93
N SER G 151 16.82 -59.09 -22.14
CA SER G 151 17.63 -59.74 -23.17
C SER G 151 18.99 -59.03 -23.26
N GLU G 152 19.88 -59.59 -24.08
CA GLU G 152 21.19 -58.99 -24.34
C GLU G 152 21.03 -57.79 -25.28
N GLU G 153 20.08 -57.89 -26.21
CA GLU G 153 19.80 -56.79 -27.16
C GLU G 153 19.29 -55.57 -26.39
N GLY G 154 18.47 -55.83 -25.36
CA GLY G 154 17.92 -54.78 -24.53
C GLY G 154 16.72 -54.12 -25.21
N VAL G 155 16.45 -52.88 -24.83
CA VAL G 155 15.32 -52.15 -25.37
C VAL G 155 15.68 -50.66 -25.47
N THR G 156 15.06 -49.98 -26.43
CA THR G 156 15.26 -48.55 -26.65
C THR G 156 13.98 -47.81 -26.26
N CYS G 157 14.15 -46.57 -25.80
CA CYS G 157 13.02 -45.70 -25.51
C CYS G 157 13.43 -44.24 -25.64
N ALA G 158 12.44 -43.41 -25.98
CA ALA G 158 12.70 -42.03 -26.33
C ALA G 158 11.60 -41.13 -25.74
N VAL G 159 12.01 -39.93 -25.36
CA VAL G 159 11.08 -38.90 -24.90
C VAL G 159 11.60 -37.55 -25.38
N LYS G 160 10.69 -36.71 -25.87
CA LYS G 160 11.05 -35.41 -26.41
C LYS G 160 10.82 -34.33 -25.34
N PHE G 161 11.81 -33.45 -25.18
CA PHE G 161 11.70 -32.31 -24.27
C PHE G 161 11.69 -31.01 -25.07
N GLY G 162 10.64 -30.21 -24.91
CA GLY G 162 10.59 -28.91 -25.57
C GLY G 162 9.58 -27.98 -24.94
N SER G 163 9.56 -26.73 -25.40
CA SER G 163 8.56 -25.78 -24.97
C SER G 163 7.17 -26.29 -25.37
N TRP G 164 6.20 -26.07 -24.50
CA TRP G 164 4.82 -26.47 -24.75
C TRP G 164 4.11 -25.42 -25.61
N VAL G 165 4.41 -24.14 -25.39
CA VAL G 165 3.59 -23.05 -25.95
C VAL G 165 4.38 -22.18 -26.94
N TYR G 166 5.71 -22.26 -26.96
CA TYR G 166 6.52 -21.39 -27.83
C TYR G 166 7.04 -22.20 -29.03
N SER G 167 6.79 -21.66 -30.23
CA SER G 167 7.30 -22.24 -31.46
C SER G 167 8.79 -21.89 -31.62
N GLY G 168 9.39 -22.37 -32.70
CA GLY G 168 10.79 -22.08 -33.03
C GLY G 168 11.04 -20.63 -33.40
N PHE G 169 9.99 -19.85 -33.59
CA PHE G 169 10.14 -18.41 -33.85
C PHE G 169 10.40 -17.64 -32.54
N GLU G 170 10.15 -18.26 -31.38
CA GLU G 170 10.39 -17.62 -30.08
C GLU G 170 11.45 -18.37 -29.27
N ILE G 171 11.39 -19.70 -29.25
CA ILE G 171 12.37 -20.49 -28.51
C ILE G 171 13.00 -21.53 -29.43
N ASP G 172 14.32 -21.46 -29.54
CA ASP G 172 15.13 -22.47 -30.17
C ASP G 172 15.87 -23.23 -29.05
N LEU G 173 16.20 -24.50 -29.30
CA LEU G 173 16.99 -25.30 -28.35
C LEU G 173 18.31 -25.71 -29.00
N LYS G 174 19.28 -26.08 -28.17
CA LYS G 174 20.48 -26.75 -28.65
C LYS G 174 21.13 -27.52 -27.49
N THR G 175 22.09 -28.37 -27.84
CA THR G 175 22.91 -29.08 -26.86
C THR G 175 24.38 -28.72 -27.09
N ASP G 176 25.20 -28.81 -26.05
CA ASP G 176 26.66 -28.63 -26.16
C ASP G 176 27.32 -29.95 -26.57
N THR G 177 26.69 -31.07 -26.24
CA THR G 177 27.12 -32.40 -26.69
C THR G 177 25.87 -33.25 -26.93
N ASP G 178 26.01 -34.30 -27.74
CA ASP G 178 24.90 -35.22 -28.00
C ASP G 178 24.98 -36.44 -27.07
N GLN G 179 26.03 -36.53 -26.26
CA GLN G 179 26.19 -37.64 -25.31
C GLN G 179 25.59 -37.24 -23.95
N VAL G 180 24.60 -38.01 -23.50
CA VAL G 180 24.07 -37.87 -22.14
C VAL G 180 25.18 -38.24 -21.15
N ASP G 181 25.27 -37.47 -20.07
CA ASP G 181 26.29 -37.69 -19.05
C ASP G 181 25.88 -38.88 -18.17
N LEU G 182 26.74 -39.89 -18.09
CA LEU G 182 26.46 -41.15 -17.36
C LEU G 182 27.39 -41.30 -16.15
N SER G 183 28.17 -40.28 -15.81
CA SER G 183 29.21 -40.42 -14.78
C SER G 183 28.60 -40.45 -13.37
N SER G 184 27.34 -40.06 -13.22
CA SER G 184 26.64 -40.19 -11.93
C SER G 184 25.61 -41.34 -11.97
N TYR G 185 25.71 -42.23 -12.95
CA TYR G 185 24.68 -43.26 -13.07
C TYR G 185 24.84 -44.27 -11.92
N TYR G 186 23.71 -44.63 -11.31
CA TYR G 186 23.68 -45.53 -10.16
C TYR G 186 24.24 -46.90 -10.55
N ALA G 187 25.36 -47.27 -9.95
CA ALA G 187 26.11 -48.49 -10.29
C ALA G 187 25.37 -49.76 -9.86
N SER G 188 24.43 -49.68 -8.93
CA SER G 188 23.67 -50.86 -8.52
C SER G 188 22.21 -50.77 -9.01
N SER G 189 21.95 -49.94 -10.02
CA SER G 189 20.66 -49.95 -10.70
C SER G 189 20.34 -51.35 -11.22
N LYS G 190 19.06 -51.69 -11.29
CA LYS G 190 18.62 -52.94 -11.93
C LYS G 190 18.94 -52.91 -13.43
N TYR G 191 19.18 -51.73 -14.01
CA TYR G 191 19.39 -51.61 -15.45
C TYR G 191 20.75 -50.96 -15.74
N GLU G 192 21.41 -51.44 -16.79
CA GLU G 192 22.62 -50.81 -17.29
C GLU G 192 22.30 -50.09 -18.60
N ILE G 193 23.03 -49.01 -18.86
CA ILE G 193 22.83 -48.19 -20.05
C ILE G 193 23.78 -48.67 -21.14
N LEU G 194 23.25 -48.93 -22.33
CA LEU G 194 24.06 -49.32 -23.49
C LEU G 194 24.41 -48.07 -24.31
N SER G 195 23.47 -47.14 -24.41
CA SER G 195 23.75 -45.82 -24.97
C SER G 195 22.71 -44.81 -24.48
N ALA G 196 23.08 -43.53 -24.53
CA ALA G 196 22.18 -42.46 -24.10
C ALA G 196 22.57 -41.17 -24.83
N THR G 197 21.68 -40.69 -25.70
CA THR G 197 21.96 -39.53 -26.54
C THR G 197 20.90 -38.44 -26.35
N GLN G 198 21.26 -37.22 -26.73
CA GLN G 198 20.38 -36.04 -26.63
C GLN G 198 20.57 -35.21 -27.90
N THR G 199 19.51 -35.09 -28.70
CA THR G 199 19.63 -34.56 -30.06
C THR G 199 18.48 -33.59 -30.34
N ARG G 200 18.84 -32.45 -30.94
CA ARG G 200 17.88 -31.44 -31.38
C ARG G 200 17.10 -31.96 -32.59
N GLN G 201 15.80 -31.73 -32.62
CA GLN G 201 15.02 -32.01 -33.81
C GLN G 201 13.88 -30.99 -33.95
N VAL G 202 13.42 -30.85 -35.19
CA VAL G 202 12.31 -29.97 -35.54
C VAL G 202 11.06 -30.84 -35.69
N GLN G 203 9.94 -30.36 -35.17
CA GLN G 203 8.70 -31.12 -35.19
C GLN G 203 7.58 -30.23 -35.76
N HIS G 204 6.64 -30.87 -36.45
CA HIS G 204 5.40 -30.22 -36.89
C HIS G 204 4.22 -31.01 -36.32
N TYR G 205 3.38 -30.37 -35.53
CA TYR G 205 2.20 -30.99 -34.95
C TYR G 205 0.96 -30.55 -35.73
N SER G 206 -0.03 -31.42 -35.79
CA SER G 206 -1.22 -31.17 -36.62
C SER G 206 -2.08 -30.05 -36.02
N CYS G 207 -1.89 -29.71 -34.75
CA CYS G 207 -2.59 -28.57 -34.10
C CYS G 207 -2.17 -27.24 -34.74
N CYS G 208 -0.92 -27.17 -35.19
CA CYS G 208 -0.19 -25.91 -35.22
C CYS G 208 0.64 -25.81 -36.51
N PRO G 209 0.58 -24.68 -37.23
CA PRO G 209 1.33 -24.55 -38.49
C PRO G 209 2.85 -24.32 -38.35
N GLU G 210 3.31 -23.81 -37.21
CA GLU G 210 4.73 -23.46 -37.05
C GLU G 210 5.55 -24.68 -36.59
N PRO G 211 6.87 -24.64 -36.83
CA PRO G 211 7.79 -25.65 -36.29
C PRO G 211 8.07 -25.46 -34.78
N TYR G 212 8.14 -26.58 -34.06
CA TYR G 212 8.49 -26.60 -32.65
C TYR G 212 9.79 -27.38 -32.47
N ILE G 213 10.67 -26.88 -31.61
CA ILE G 213 11.97 -27.52 -31.40
C ILE G 213 11.90 -28.36 -30.11
N ASP G 214 12.53 -29.53 -30.16
CA ASP G 214 12.68 -30.37 -28.97
C ASP G 214 14.09 -30.94 -28.92
N VAL G 215 14.46 -31.44 -27.74
CA VAL G 215 15.62 -32.29 -27.57
C VAL G 215 15.12 -33.70 -27.27
N ASN G 216 15.54 -34.65 -28.11
CA ASN G 216 15.07 -36.01 -28.03
C ASN G 216 16.04 -36.83 -27.17
N LEU G 217 15.57 -37.29 -26.01
CA LEU G 217 16.38 -38.13 -25.15
C LEU G 217 16.13 -39.60 -25.52
N VAL G 218 17.17 -40.25 -26.02
CA VAL G 218 17.08 -41.65 -26.47
C VAL G 218 18.02 -42.50 -25.60
N VAL G 219 17.43 -43.43 -24.85
CA VAL G 219 18.19 -44.28 -23.93
C VAL G 219 17.98 -45.74 -24.31
N LYS G 220 19.08 -46.45 -24.51
CA LYS G 220 19.05 -47.88 -24.76
C LYS G 220 19.59 -48.59 -23.51
N PHE G 221 18.82 -49.52 -22.97
CA PHE G 221 19.18 -50.13 -21.67
C PHE G 221 18.71 -51.58 -21.59
N ARG G 222 19.27 -52.32 -20.64
CA ARG G 222 18.87 -53.70 -20.37
C ARG G 222 19.09 -54.03 -18.89
N GLU G 223 18.50 -55.13 -18.43
CA GLU G 223 18.70 -55.62 -17.07
C GLU G 223 20.19 -55.94 -16.87
N ARG G 224 20.77 -55.45 -15.77
CA ARG G 224 22.10 -55.87 -15.35
C ARG G 224 22.04 -57.37 -15.03
N ARG G 225 21.04 -57.72 -14.21
CA ARG G 225 20.51 -59.09 -14.08
C ARG G 225 19.25 -59.04 -13.19
N GLN H 20 10.48 -7.83 -23.76
CA GLN H 20 10.95 -6.48 -24.20
C GLN H 20 9.86 -5.43 -24.01
N ALA H 21 10.20 -4.19 -24.34
CA ALA H 21 9.49 -3.00 -23.89
C ALA H 21 8.02 -3.04 -24.32
N ASN H 22 7.76 -3.29 -25.60
CA ASN H 22 6.41 -3.18 -26.14
C ASN H 22 5.49 -4.22 -25.49
N LEU H 23 5.97 -5.45 -25.30
CA LEU H 23 5.13 -6.50 -24.71
C LEU H 23 4.82 -6.15 -23.25
N MET H 24 5.81 -5.61 -22.53
CA MET H 24 5.61 -5.22 -21.14
C MET H 24 4.54 -4.11 -21.05
N ARG H 25 4.55 -3.16 -21.98
CA ARG H 25 3.51 -2.11 -22.04
C ARG H 25 2.14 -2.76 -22.27
N LEU H 26 2.07 -3.69 -23.20
CA LEU H 26 0.81 -4.31 -23.62
C LEU H 26 0.18 -5.07 -22.44
N LYS H 27 0.98 -5.89 -21.76
CA LYS H 27 0.46 -6.69 -20.65
C LYS H 27 0.05 -5.78 -19.49
N SER H 28 0.87 -4.77 -19.20
CA SER H 28 0.54 -3.76 -18.20
C SER H 28 -0.82 -3.13 -18.52
N ASP H 29 -1.02 -2.70 -19.76
CA ASP H 29 -2.25 -2.01 -20.16
C ASP H 29 -3.45 -2.96 -20.14
N LEU H 30 -3.25 -4.23 -20.49
CA LEU H 30 -4.38 -5.19 -20.55
C LEU H 30 -4.81 -5.61 -19.15
N PHE H 31 -3.87 -5.80 -18.21
CA PHE H 31 -4.17 -6.53 -16.96
C PHE H 31 -4.19 -5.59 -15.75
N ASN H 32 -3.27 -4.63 -15.67
CA ASN H 32 -3.07 -3.84 -14.44
C ASN H 32 -4.13 -2.74 -14.30
N ARG H 33 -4.60 -2.18 -15.41
CA ARG H 33 -5.52 -1.04 -15.37
C ARG H 33 -6.94 -1.49 -14.99
N SER H 34 -7.45 -2.49 -15.71
CA SER H 34 -8.85 -2.93 -15.58
C SER H 34 -8.96 -4.06 -14.56
N PRO H 35 -10.16 -4.26 -13.95
CA PRO H 35 -10.45 -5.47 -13.16
C PRO H 35 -10.57 -6.70 -14.07
N MET H 36 -10.42 -7.90 -13.51
CA MET H 36 -10.45 -9.13 -14.32
C MET H 36 -11.87 -9.35 -14.86
N TYR H 37 -11.94 -10.01 -16.02
CA TYR H 37 -13.20 -10.41 -16.64
C TYR H 37 -13.97 -11.33 -15.67
N PRO H 38 -15.23 -11.00 -15.36
CA PRO H 38 -16.01 -11.75 -14.38
C PRO H 38 -16.77 -12.95 -14.94
N GLY H 39 -16.40 -13.42 -16.13
CA GLY H 39 -17.05 -14.57 -16.75
C GLY H 39 -18.28 -14.17 -17.56
N PRO H 40 -18.82 -15.11 -18.35
CA PRO H 40 -19.96 -14.84 -19.22
C PRO H 40 -21.28 -14.64 -18.47
N THR H 41 -22.25 -14.05 -19.18
CA THR H 41 -23.57 -13.74 -18.64
C THR H 41 -24.64 -14.03 -19.71
N LYS H 42 -25.91 -13.88 -19.35
CA LYS H 42 -27.03 -14.09 -20.30
C LYS H 42 -27.00 -13.02 -21.40
N ASP H 43 -26.67 -11.78 -21.05
CA ASP H 43 -26.58 -10.68 -22.02
C ASP H 43 -25.36 -10.87 -22.93
N ASP H 44 -24.27 -11.39 -22.37
CA ASP H 44 -23.00 -11.50 -23.08
C ASP H 44 -22.49 -12.94 -22.96
N PRO H 45 -23.15 -13.88 -23.67
CA PRO H 45 -22.75 -15.28 -23.62
C PRO H 45 -21.41 -15.50 -24.36
N LEU H 46 -20.87 -16.71 -24.24
CA LEU H 46 -19.58 -17.05 -24.78
C LEU H 46 -19.66 -18.43 -25.43
N THR H 47 -18.98 -18.61 -26.55
CA THR H 47 -18.87 -19.92 -27.20
C THR H 47 -17.42 -20.42 -27.06
N VAL H 48 -17.25 -21.58 -26.44
CA VAL H 48 -15.95 -22.22 -26.32
C VAL H 48 -15.86 -23.35 -27.35
N THR H 49 -14.79 -23.32 -28.15
CA THR H 49 -14.49 -24.42 -29.07
C THR H 49 -13.58 -25.43 -28.36
N LEU H 50 -13.97 -26.71 -28.38
CA LEU H 50 -13.19 -27.79 -27.74
C LEU H 50 -12.73 -28.79 -28.81
N GLY H 51 -11.55 -29.37 -28.59
CA GLY H 51 -11.02 -30.44 -29.44
C GLY H 51 -10.03 -31.30 -28.67
N PHE H 52 -10.01 -32.60 -28.95
CA PHE H 52 -9.19 -33.53 -28.18
C PHE H 52 -8.13 -34.17 -29.09
N THR H 53 -6.93 -34.31 -28.52
CA THR H 53 -5.85 -35.10 -29.08
C THR H 53 -5.50 -36.21 -28.08
N LEU H 54 -5.84 -37.45 -28.42
CA LEU H 54 -5.65 -38.60 -27.53
C LEU H 54 -4.23 -39.16 -27.70
N GLN H 55 -3.48 -39.24 -26.61
CA GLN H 55 -2.10 -39.71 -26.66
C GLN H 55 -1.99 -41.18 -26.22
N ASP H 56 -2.77 -41.61 -25.24
CA ASP H 56 -2.57 -42.95 -24.69
C ASP H 56 -3.74 -43.34 -23.76
N ILE H 57 -4.23 -44.56 -23.93
CA ILE H 57 -4.99 -45.23 -22.88
C ILE H 57 -3.96 -45.98 -22.02
N VAL H 58 -3.68 -45.43 -20.84
CA VAL H 58 -2.52 -45.85 -20.07
C VAL H 58 -2.86 -47.13 -19.30
N LYS H 59 -4.09 -47.21 -18.81
CA LYS H 59 -4.41 -48.18 -17.78
C LYS H 59 -5.92 -48.43 -17.77
N VAL H 60 -6.25 -49.67 -17.45
CA VAL H 60 -7.62 -50.15 -17.29
C VAL H 60 -7.69 -50.85 -15.93
N ASP H 61 -8.76 -50.63 -15.18
CA ASP H 61 -8.98 -51.34 -13.92
C ASP H 61 -10.34 -52.03 -13.97
N SER H 62 -10.32 -53.33 -14.23
CA SER H 62 -11.54 -54.10 -14.40
C SER H 62 -12.21 -54.40 -13.05
N SER H 63 -11.49 -54.19 -11.94
CA SER H 63 -12.06 -54.44 -10.63
C SER H 63 -12.89 -53.24 -10.15
N THR H 64 -12.59 -52.03 -10.65
CA THR H 64 -13.32 -50.81 -10.24
C THR H 64 -14.00 -50.12 -11.43
N ASN H 65 -13.85 -50.64 -12.64
CA ASN H 65 -14.40 -50.00 -13.86
C ASN H 65 -13.93 -48.54 -13.96
N GLU H 66 -12.62 -48.35 -13.90
CA GLU H 66 -11.99 -47.06 -14.11
C GLU H 66 -11.00 -47.19 -15.28
N VAL H 67 -10.96 -46.21 -16.17
CA VAL H 67 -9.97 -46.16 -17.26
C VAL H 67 -9.21 -44.82 -17.18
N ASP H 68 -7.92 -44.85 -17.49
CA ASP H 68 -7.04 -43.67 -17.45
C ASP H 68 -6.64 -43.25 -18.87
N LEU H 69 -6.91 -41.99 -19.23
CA LEU H 69 -6.53 -41.41 -20.53
C LEU H 69 -5.48 -40.31 -20.33
N VAL H 70 -4.53 -40.24 -21.26
CA VAL H 70 -3.64 -39.09 -21.42
C VAL H 70 -3.99 -38.42 -22.77
N TYR H 71 -4.22 -37.11 -22.72
CA TYR H 71 -4.68 -36.34 -23.89
C TYR H 71 -4.36 -34.86 -23.69
N TYR H 72 -4.42 -34.06 -24.75
CA TYR H 72 -4.52 -32.61 -24.57
C TYR H 72 -5.78 -32.06 -25.26
N GLU H 73 -6.33 -31.05 -24.61
CA GLU H 73 -7.65 -30.50 -24.86
C GLU H 73 -7.50 -29.05 -25.32
N GLN H 74 -7.78 -28.79 -26.59
CA GLN H 74 -7.67 -27.44 -27.13
C GLN H 74 -8.92 -26.63 -26.76
N GLN H 75 -8.74 -25.52 -26.06
CA GLN H 75 -9.85 -24.65 -25.67
C GLN H 75 -9.66 -23.29 -26.34
N ARG H 76 -10.72 -22.76 -26.94
CA ARG H 76 -10.64 -21.49 -27.66
C ARG H 76 -11.90 -20.66 -27.38
N TRP H 77 -11.70 -19.39 -27.02
CA TRP H 77 -12.79 -18.44 -26.82
C TRP H 77 -12.33 -17.04 -27.20
N LYS H 78 -13.23 -16.06 -27.14
CA LYS H 78 -12.98 -14.70 -27.66
C LYS H 78 -13.66 -13.65 -26.76
N LEU H 79 -12.90 -12.66 -26.33
CA LEU H 79 -13.41 -11.58 -25.47
C LEU H 79 -13.02 -10.21 -26.05
N ASN H 80 -13.96 -9.28 -26.03
CA ASN H 80 -13.71 -7.91 -26.49
C ASN H 80 -12.65 -7.24 -25.59
N SER H 81 -12.61 -7.60 -24.30
CA SER H 81 -11.74 -6.90 -23.33
C SER H 81 -10.26 -7.29 -23.48
N LEU H 82 -9.92 -8.23 -24.35
CA LEU H 82 -8.50 -8.60 -24.58
C LEU H 82 -8.06 -8.13 -25.97
N MET H 83 -8.80 -7.22 -26.59
CA MET H 83 -8.45 -6.70 -27.92
C MET H 83 -7.37 -5.63 -27.79
N TRP H 84 -6.52 -5.49 -28.82
CA TRP H 84 -5.62 -4.36 -28.92
C TRP H 84 -5.26 -4.11 -30.39
N ASP H 85 -4.67 -2.93 -30.62
CA ASP H 85 -4.22 -2.48 -31.92
C ASP H 85 -2.71 -2.74 -32.05
N PRO H 86 -2.32 -3.70 -32.91
CA PRO H 86 -0.90 -4.05 -33.06
C PRO H 86 0.03 -2.86 -33.32
N ASN H 87 -0.46 -1.83 -34.01
CA ASN H 87 0.38 -0.68 -34.40
C ASN H 87 0.84 0.09 -33.15
N GLU H 88 0.01 0.10 -32.11
CA GLU H 88 0.32 0.84 -30.88
C GLU H 88 1.28 0.04 -29.98
N TYR H 89 1.58 -1.21 -30.32
CA TYR H 89 2.42 -2.05 -29.48
C TYR H 89 3.46 -2.80 -30.32
N GLY H 90 4.10 -2.09 -31.24
CA GLY H 90 5.24 -2.62 -31.99
C GLY H 90 4.86 -3.82 -32.87
N ASN H 91 3.63 -3.85 -33.37
CA ASN H 91 3.15 -4.88 -34.33
C ASN H 91 3.11 -6.28 -33.68
N ILE H 92 2.87 -6.35 -32.37
CA ILE H 92 2.66 -7.63 -31.69
C ILE H 92 1.25 -8.14 -32.04
N THR H 93 1.17 -9.36 -32.55
CA THR H 93 -0.11 -9.97 -32.97
C THR H 93 -0.65 -10.90 -31.87
N ASP H 94 0.24 -11.49 -31.07
CA ASP H 94 -0.19 -12.38 -29.98
C ASP H 94 0.91 -12.45 -28.90
N PHE H 95 0.60 -13.08 -27.78
CA PHE H 95 1.58 -13.24 -26.70
C PHE H 95 1.17 -14.39 -25.76
N ARG H 96 2.20 -15.03 -25.20
CA ARG H 96 2.05 -16.08 -24.21
C ARG H 96 1.87 -15.44 -22.83
N THR H 97 0.96 -15.98 -22.04
CA THR H 97 0.72 -15.46 -20.70
C THR H 97 0.24 -16.58 -19.77
N SER H 98 0.65 -16.49 -18.50
CA SER H 98 0.19 -17.37 -17.44
C SER H 98 -1.35 -17.38 -17.39
N ALA H 99 -1.92 -18.58 -17.27
CA ALA H 99 -3.37 -18.77 -17.28
C ALA H 99 -4.03 -18.18 -16.02
N ALA H 100 -3.24 -17.93 -14.99
CA ALA H 100 -3.73 -17.27 -13.77
C ALA H 100 -4.05 -15.78 -14.04
N ASP H 101 -3.39 -15.19 -15.04
CA ASP H 101 -3.60 -13.79 -15.40
C ASP H 101 -4.97 -13.57 -16.05
N ILE H 102 -5.58 -14.63 -16.62
CA ILE H 102 -6.82 -14.47 -17.38
C ILE H 102 -7.90 -15.40 -16.81
N TRP H 103 -9.13 -15.13 -17.22
CA TRP H 103 -10.24 -16.07 -16.99
C TRP H 103 -10.07 -17.27 -17.93
N THR H 104 -10.41 -18.45 -17.44
CA THR H 104 -10.47 -19.65 -18.28
C THR H 104 -11.78 -20.39 -17.99
N PRO H 105 -12.33 -21.09 -18.99
CA PRO H 105 -13.60 -21.79 -18.79
C PRO H 105 -13.47 -22.99 -17.85
N ASP H 106 -14.56 -23.29 -17.13
CA ASP H 106 -14.58 -24.31 -16.06
C ASP H 106 -14.96 -25.69 -16.63
N ILE H 107 -14.23 -26.13 -17.66
CA ILE H 107 -14.58 -27.34 -18.38
C ILE H 107 -14.26 -28.55 -17.50
N THR H 108 -15.26 -29.39 -17.30
CA THR H 108 -15.22 -30.47 -16.32
C THR H 108 -15.67 -31.79 -16.99
N ALA H 109 -14.92 -32.85 -16.76
CA ALA H 109 -15.37 -34.21 -17.08
C ALA H 109 -16.45 -34.61 -16.07
N TYR H 110 -17.59 -35.13 -16.55
CA TYR H 110 -18.76 -35.34 -15.68
C TYR H 110 -18.75 -36.73 -15.02
N SER H 111 -17.85 -37.61 -15.43
CA SER H 111 -17.81 -38.97 -14.87
C SER H 111 -16.40 -39.30 -14.39
N SER H 112 -15.66 -38.29 -13.94
CA SER H 112 -14.31 -38.49 -13.40
C SER H 112 -14.39 -39.17 -12.02
N THR H 113 -13.37 -39.95 -11.68
CA THR H 113 -13.30 -40.67 -10.40
C THR H 113 -12.13 -40.17 -9.55
N ARG H 114 -11.26 -39.33 -10.14
CA ARG H 114 -10.11 -38.74 -9.45
C ARG H 114 -9.96 -37.29 -9.95
N PRO H 115 -9.26 -36.43 -9.18
CA PRO H 115 -8.87 -35.14 -9.73
C PRO H 115 -8.00 -35.30 -10.99
N VAL H 116 -8.23 -34.45 -11.98
CA VAL H 116 -7.41 -34.45 -13.18
C VAL H 116 -5.99 -34.02 -12.80
N GLN H 117 -4.99 -34.72 -13.34
CA GLN H 117 -3.60 -34.34 -13.16
C GLN H 117 -3.15 -33.49 -14.36
N VAL H 118 -2.37 -32.45 -14.11
CA VAL H 118 -1.94 -31.49 -15.14
C VAL H 118 -0.53 -31.89 -15.60
N LEU H 119 -0.34 -32.03 -16.90
CA LEU H 119 0.94 -32.51 -17.45
C LEU H 119 1.62 -31.44 -18.30
N SER H 120 1.03 -30.25 -18.42
CA SER H 120 1.64 -29.19 -19.21
C SER H 120 1.60 -27.86 -18.45
N PRO H 121 2.52 -26.93 -18.77
CA PRO H 121 2.56 -25.61 -18.15
C PRO H 121 1.25 -24.85 -18.39
N GLN H 122 0.82 -24.10 -17.38
CA GLN H 122 -0.47 -23.43 -17.42
C GLN H 122 -0.30 -22.05 -18.08
N ILE H 123 -0.04 -22.07 -19.38
CA ILE H 123 0.23 -20.87 -20.17
C ILE H 123 -0.74 -20.88 -21.37
N ALA H 124 -1.40 -19.76 -21.61
CA ALA H 124 -2.30 -19.58 -22.76
C ALA H 124 -1.69 -18.60 -23.76
N VAL H 125 -2.30 -18.49 -24.94
CA VAL H 125 -1.86 -17.55 -25.97
C VAL H 125 -3.03 -16.64 -26.32
N VAL H 126 -2.81 -15.33 -26.24
CA VAL H 126 -3.85 -14.34 -26.55
C VAL H 126 -3.50 -13.67 -27.88
N THR H 127 -4.50 -13.47 -28.74
CA THR H 127 -4.29 -12.83 -30.06
C THR H 127 -4.98 -11.45 -30.06
N HIS H 128 -4.52 -10.56 -30.94
CA HIS H 128 -4.91 -9.12 -30.93
C HIS H 128 -6.41 -8.92 -31.14
N ASP H 129 -7.10 -9.87 -31.78
CA ASP H 129 -8.55 -9.77 -31.98
C ASP H 129 -9.30 -10.17 -30.71
N GLY H 130 -8.60 -10.57 -29.65
CA GLY H 130 -9.22 -10.90 -28.37
C GLY H 130 -9.45 -12.40 -28.20
N SER H 131 -8.96 -13.21 -29.14
CA SER H 131 -9.15 -14.65 -29.05
C SER H 131 -8.06 -15.25 -28.13
N VAL H 132 -8.46 -16.26 -27.37
CA VAL H 132 -7.57 -16.95 -26.44
C VAL H 132 -7.50 -18.43 -26.83
N MET H 133 -6.32 -19.02 -26.78
CA MET H 133 -6.18 -20.46 -26.93
C MET H 133 -5.40 -21.03 -25.74
N PHE H 134 -5.97 -22.04 -25.10
CA PHE H 134 -5.37 -22.73 -23.96
C PHE H 134 -5.43 -24.25 -24.21
N ILE H 135 -4.29 -24.95 -24.15
CA ILE H 135 -4.24 -26.36 -24.55
C ILE H 135 -3.60 -27.21 -23.43
N PRO H 136 -4.34 -27.41 -22.33
CA PRO H 136 -3.84 -28.24 -21.20
C PRO H 136 -3.72 -29.74 -21.55
N ALA H 137 -2.54 -30.32 -21.29
CA ALA H 137 -2.36 -31.77 -21.30
C ALA H 137 -2.79 -32.34 -19.94
N GLN H 138 -3.57 -33.42 -19.94
CA GLN H 138 -4.22 -33.92 -18.74
C GLN H 138 -4.16 -35.46 -18.69
N ARG H 139 -4.16 -36.00 -17.46
CA ARG H 139 -4.47 -37.40 -17.22
C ARG H 139 -5.78 -37.48 -16.43
N LEU H 140 -6.72 -38.27 -16.95
CA LEU H 140 -8.07 -38.40 -16.40
C LEU H 140 -8.38 -39.87 -16.10
N SER H 141 -8.84 -40.15 -14.88
CA SER H 141 -9.50 -41.41 -14.54
C SER H 141 -11.01 -41.20 -14.60
N PHE H 142 -11.74 -42.06 -15.31
CA PHE H 142 -13.20 -41.90 -15.45
C PHE H 142 -13.90 -43.27 -15.51
N MET H 143 -15.22 -43.23 -15.35
CA MET H 143 -16.04 -44.45 -15.23
C MET H 143 -16.17 -45.12 -16.60
N CYS H 144 -15.78 -46.39 -16.65
CA CYS H 144 -15.69 -47.13 -17.90
C CYS H 144 -15.52 -48.63 -17.60
N ASP H 145 -16.47 -49.43 -18.06
CA ASP H 145 -16.41 -50.88 -17.91
C ASP H 145 -15.55 -51.45 -19.04
N PRO H 146 -14.36 -51.97 -18.72
CA PRO H 146 -13.44 -52.50 -19.73
C PRO H 146 -13.63 -53.99 -20.07
N THR H 147 -14.69 -54.61 -19.57
CA THR H 147 -14.97 -56.03 -19.87
C THR H 147 -15.17 -56.21 -21.37
N GLY H 148 -14.32 -57.04 -21.97
CA GLY H 148 -14.38 -57.32 -23.41
C GLY H 148 -13.29 -56.62 -24.19
N VAL H 149 -12.40 -55.90 -23.50
CA VAL H 149 -11.34 -55.15 -24.16
C VAL H 149 -10.38 -56.13 -24.85
N ASP H 150 -10.28 -57.36 -24.36
CA ASP H 150 -9.34 -58.35 -24.92
C ASP H 150 -9.98 -59.12 -26.09
N SER H 151 -11.20 -58.79 -26.47
CA SER H 151 -11.85 -59.46 -27.60
C SER H 151 -11.65 -58.65 -28.88
N GLU H 152 -12.10 -59.20 -30.00
CA GLU H 152 -11.97 -58.56 -31.29
C GLU H 152 -12.96 -57.38 -31.39
N GLU H 153 -14.14 -57.55 -30.79
CA GLU H 153 -15.18 -56.51 -30.81
C GLU H 153 -14.74 -55.28 -30.01
N GLY H 154 -13.93 -55.50 -28.97
CA GLY H 154 -13.43 -54.42 -28.13
C GLY H 154 -14.51 -53.86 -27.21
N VAL H 155 -14.32 -52.64 -26.76
CA VAL H 155 -15.28 -52.02 -25.84
C VAL H 155 -15.35 -50.50 -26.15
N THR H 156 -16.50 -49.92 -25.86
CA THR H 156 -16.73 -48.50 -26.07
C THR H 156 -16.94 -47.82 -24.72
N CYS H 157 -16.39 -46.61 -24.59
CA CYS H 157 -16.54 -45.83 -23.39
C CYS H 157 -16.71 -44.35 -23.75
N ALA H 158 -17.37 -43.62 -22.85
CA ALA H 158 -17.79 -42.24 -23.13
C ALA H 158 -17.58 -41.37 -21.89
N VAL H 159 -17.17 -40.13 -22.12
CA VAL H 159 -17.10 -39.15 -21.04
C VAL H 159 -17.50 -37.78 -21.61
N LYS H 160 -18.38 -37.09 -20.89
CA LYS H 160 -18.89 -35.77 -21.31
C LYS H 160 -18.02 -34.68 -20.68
N PHE H 161 -17.65 -33.70 -21.49
CA PHE H 161 -16.89 -32.54 -21.03
C PHE H 161 -17.74 -31.27 -21.18
N GLY H 162 -17.88 -30.53 -20.10
CA GLY H 162 -18.66 -29.30 -20.16
C GLY H 162 -18.53 -28.46 -18.91
N SER H 163 -19.12 -27.27 -18.98
CA SER H 163 -19.14 -26.36 -17.85
C SER H 163 -19.91 -27.00 -16.69
N TRP H 164 -19.36 -26.87 -15.50
CA TRP H 164 -20.00 -27.38 -14.30
C TRP H 164 -21.10 -26.42 -13.83
N VAL H 165 -20.88 -25.10 -13.94
CA VAL H 165 -21.78 -24.13 -13.26
C VAL H 165 -22.57 -23.28 -14.27
N TYR H 166 -22.13 -23.19 -15.53
CA TYR H 166 -22.80 -22.33 -16.52
C TYR H 166 -23.72 -23.15 -17.43
N SER H 167 -24.98 -22.74 -17.52
CA SER H 167 -25.93 -23.34 -18.45
C SER H 167 -25.63 -22.87 -19.88
N GLY H 168 -26.40 -23.39 -20.84
CA GLY H 168 -26.30 -23.01 -22.25
C GLY H 168 -26.60 -21.55 -22.51
N PHE H 169 -27.26 -20.87 -21.56
CA PHE H 169 -27.57 -19.44 -21.71
C PHE H 169 -26.32 -18.58 -21.46
N GLU H 170 -25.27 -19.13 -20.86
CA GLU H 170 -24.03 -18.38 -20.63
C GLU H 170 -22.88 -18.99 -21.43
N ILE H 171 -22.72 -20.32 -21.41
CA ILE H 171 -21.64 -20.96 -22.17
C ILE H 171 -22.24 -21.99 -23.13
N ASP H 172 -21.92 -21.81 -24.40
CA ASP H 172 -22.21 -22.79 -25.44
C ASP H 172 -20.87 -23.41 -25.89
N LEU H 173 -20.91 -24.64 -26.40
CA LEU H 173 -19.72 -25.32 -26.90
C LEU H 173 -19.94 -25.69 -28.38
N LYS H 174 -18.83 -25.86 -29.09
CA LYS H 174 -18.87 -26.47 -30.41
C LYS H 174 -17.53 -27.17 -30.66
N THR H 175 -17.51 -28.02 -31.69
CA THR H 175 -16.27 -28.62 -32.16
C THR H 175 -16.01 -28.11 -33.59
N ASP H 176 -14.74 -28.10 -33.99
CA ASP H 176 -14.35 -27.77 -35.37
C ASP H 176 -14.43 -29.04 -36.23
N THR H 177 -14.28 -30.20 -35.60
CA THR H 177 -14.41 -31.49 -36.25
C THR H 177 -15.00 -32.49 -35.25
N ASP H 178 -15.66 -33.51 -35.74
CA ASP H 178 -16.22 -34.55 -34.87
C ASP H 178 -15.22 -35.70 -34.71
N GLN H 179 -14.07 -35.63 -35.39
CA GLN H 179 -13.04 -36.67 -35.29
C GLN H 179 -11.96 -36.24 -34.29
N VAL H 180 -11.70 -37.09 -33.32
CA VAL H 180 -10.60 -36.90 -32.36
C VAL H 180 -9.28 -37.08 -33.10
N ASP H 181 -8.28 -36.26 -32.76
CA ASP H 181 -6.96 -36.32 -33.39
C ASP H 181 -6.16 -37.48 -32.78
N LEU H 182 -5.81 -38.47 -33.62
CA LEU H 182 -5.09 -39.66 -33.19
C LEU H 182 -3.67 -39.68 -33.77
N SER H 183 -3.18 -38.55 -34.28
CA SER H 183 -1.89 -38.53 -35.00
C SER H 183 -0.71 -38.51 -34.01
N SER H 184 -0.97 -38.28 -32.73
CA SER H 184 0.04 -38.34 -31.67
C SER H 184 -0.15 -39.60 -30.79
N TYR H 185 -1.06 -40.50 -31.16
CA TYR H 185 -1.36 -41.62 -30.28
C TYR H 185 -0.13 -42.54 -30.19
N TYR H 186 0.15 -43.01 -28.99
CA TYR H 186 1.35 -43.79 -28.69
C TYR H 186 1.28 -45.13 -29.44
N ALA H 187 2.29 -45.40 -30.26
CA ALA H 187 2.27 -46.56 -31.18
C ALA H 187 2.42 -47.88 -30.41
N SER H 188 3.09 -47.86 -29.25
CA SER H 188 3.32 -49.09 -28.47
C SER H 188 2.39 -49.15 -27.26
N SER H 189 1.25 -48.46 -27.30
CA SER H 189 0.25 -48.57 -26.25
C SER H 189 -0.24 -50.03 -26.15
N LYS H 190 -0.75 -50.40 -24.98
CA LYS H 190 -1.37 -51.71 -24.79
C LYS H 190 -2.71 -51.78 -25.52
N TYR H 191 -3.27 -50.62 -25.88
CA TYR H 191 -4.59 -50.57 -26.50
C TYR H 191 -4.51 -49.82 -27.84
N GLU H 192 -5.19 -50.37 -28.84
CA GLU H 192 -5.36 -49.70 -30.14
C GLU H 192 -6.73 -49.04 -30.17
N ILE H 193 -6.80 -47.88 -30.83
CA ILE H 193 -8.06 -47.13 -30.97
C ILE H 193 -8.73 -47.55 -32.27
N LEU H 194 -10.01 -47.97 -32.18
CA LEU H 194 -10.80 -48.35 -33.35
C LEU H 194 -11.59 -47.15 -33.86
N SER H 195 -12.11 -46.32 -32.95
CA SER H 195 -12.71 -45.04 -33.34
C SER H 195 -12.72 -44.08 -32.15
N ALA H 196 -12.68 -42.79 -32.46
CA ALA H 196 -12.67 -41.75 -31.44
C ALA H 196 -13.36 -40.49 -32.00
N THR H 197 -14.51 -40.15 -31.41
CA THR H 197 -15.31 -39.00 -31.84
C THR H 197 -15.55 -38.05 -30.67
N GLN H 198 -15.83 -36.79 -31.04
CA GLN H 198 -16.12 -35.71 -30.10
C GLN H 198 -17.33 -34.92 -30.63
N THR H 199 -18.47 -35.02 -29.94
CA THR H 199 -19.75 -34.54 -30.48
C THR H 199 -20.46 -33.64 -29.46
N ARG H 200 -20.95 -32.49 -29.93
CA ARG H 200 -21.74 -31.58 -29.10
C ARG H 200 -23.08 -32.24 -28.78
N GLN H 201 -23.57 -32.06 -27.55
CA GLN H 201 -24.92 -32.50 -27.21
C GLN H 201 -25.49 -31.62 -26.07
N VAL H 202 -26.81 -31.66 -25.97
CA VAL H 202 -27.56 -30.90 -24.99
C VAL H 202 -28.05 -31.88 -23.91
N GLN H 203 -27.98 -31.43 -22.66
CA GLN H 203 -28.29 -32.29 -21.52
C GLN H 203 -29.29 -31.54 -20.62
N HIS H 204 -30.20 -32.31 -20.02
CA HIS H 204 -31.11 -31.79 -18.99
C HIS H 204 -30.93 -32.61 -17.72
N TYR H 205 -30.42 -31.97 -16.67
CA TYR H 205 -30.16 -32.66 -15.41
C TYR H 205 -31.34 -32.42 -14.47
N SER H 206 -31.63 -33.39 -13.60
CA SER H 206 -32.80 -33.29 -12.72
C SER H 206 -32.57 -32.25 -11.62
N CYS H 207 -31.32 -31.83 -11.40
CA CYS H 207 -31.04 -30.75 -10.45
C CYS H 207 -31.64 -29.42 -10.91
N CYS H 208 -31.62 -29.20 -12.22
CA CYS H 208 -31.58 -27.85 -12.77
C CYS H 208 -32.46 -27.75 -14.03
N PRO H 209 -33.34 -26.73 -14.10
CA PRO H 209 -34.31 -26.62 -15.22
C PRO H 209 -33.74 -26.14 -16.57
N GLU H 210 -32.57 -25.51 -16.59
CA GLU H 210 -31.98 -25.00 -17.85
C GLU H 210 -31.13 -26.09 -18.51
N PRO H 211 -30.98 -26.03 -19.85
CA PRO H 211 -30.12 -26.94 -20.60
C PRO H 211 -28.62 -26.69 -20.39
N TYR H 212 -27.83 -27.77 -20.39
CA TYR H 212 -26.38 -27.67 -20.26
C TYR H 212 -25.73 -28.31 -21.50
N ILE H 213 -24.63 -27.73 -21.95
CA ILE H 213 -23.98 -28.18 -23.17
C ILE H 213 -22.71 -28.96 -22.80
N ASP H 214 -22.42 -30.02 -23.55
CA ASP H 214 -21.18 -30.77 -23.37
C ASP H 214 -20.67 -31.25 -24.73
N VAL H 215 -19.40 -31.65 -24.73
CA VAL H 215 -18.81 -32.40 -25.82
C VAL H 215 -18.57 -33.83 -25.33
N ASN H 216 -19.18 -34.78 -26.04
CA ASN H 216 -19.14 -36.18 -25.64
C ASN H 216 -17.97 -36.87 -26.36
N LEU H 217 -16.97 -37.29 -25.58
CA LEU H 217 -15.82 -38.02 -26.11
C LEU H 217 -16.15 -39.51 -26.05
N VAL H 218 -16.30 -40.13 -27.23
CA VAL H 218 -16.65 -41.56 -27.32
C VAL H 218 -15.45 -42.28 -27.95
N VAL H 219 -14.92 -43.28 -27.27
CA VAL H 219 -13.71 -43.96 -27.73
C VAL H 219 -13.94 -45.47 -27.71
N LYS H 220 -13.72 -46.09 -28.86
CA LYS H 220 -13.76 -47.55 -29.00
C LYS H 220 -12.33 -48.07 -29.10
N PHE H 221 -11.99 -49.04 -28.25
CA PHE H 221 -10.61 -49.53 -28.17
C PHE H 221 -10.59 -51.01 -27.79
N ARG H 222 -9.45 -51.65 -28.02
CA ARG H 222 -9.24 -53.04 -27.64
C ARG H 222 -7.75 -53.30 -27.44
N GLU H 223 -7.41 -54.43 -26.83
CA GLU H 223 -6.02 -54.81 -26.61
C GLU H 223 -5.30 -54.92 -27.96
N ARG H 224 -4.05 -54.50 -28.00
CA ARG H 224 -3.27 -54.45 -29.25
C ARG H 224 -2.90 -55.86 -29.71
N ARG H 225 -3.11 -56.87 -28.86
CA ARG H 225 -2.89 -58.29 -29.21
C ARG H 225 -4.07 -58.81 -30.05
N GLN I 20 -18.44 -8.02 -17.82
CA GLN I 20 -19.10 -6.80 -18.33
C GLN I 20 -19.52 -5.90 -17.16
N ALA I 21 -19.86 -4.65 -17.50
CA ALA I 21 -19.77 -3.51 -16.61
C ALA I 21 -20.66 -3.70 -15.36
N ASN I 22 -21.91 -4.07 -15.58
CA ASN I 22 -22.88 -4.15 -14.49
C ASN I 22 -22.47 -5.23 -13.49
N LEU I 23 -22.01 -6.39 -13.97
CA LEU I 23 -21.62 -7.48 -13.08
C LEU I 23 -20.36 -7.08 -12.29
N MET I 24 -19.41 -6.39 -12.93
CA MET I 24 -18.19 -5.96 -12.24
C MET I 24 -18.53 -4.96 -11.12
N ARG I 25 -19.45 -4.03 -11.37
CA ARG I 25 -19.94 -3.10 -10.33
C ARG I 25 -20.54 -3.89 -9.17
N LEU I 26 -21.38 -4.86 -9.49
CA LEU I 26 -22.10 -5.62 -8.47
C LEU I 26 -21.11 -6.38 -7.57
N LYS I 27 -20.14 -7.05 -8.17
CA LYS I 27 -19.18 -7.86 -7.41
C LYS I 27 -18.32 -6.94 -6.53
N SER I 28 -17.90 -5.82 -7.11
CA SER I 28 -17.12 -4.82 -6.36
C SER I 28 -17.94 -4.30 -5.17
N ASP I 29 -19.22 -4.04 -5.37
CA ASP I 29 -20.08 -3.49 -4.30
C ASP I 29 -20.33 -4.55 -3.22
N LEU I 30 -20.35 -5.83 -3.57
CA LEU I 30 -20.65 -6.90 -2.61
C LEU I 30 -19.38 -7.31 -1.84
N PHE I 31 -18.21 -7.30 -2.48
CA PHE I 31 -17.03 -7.98 -1.92
C PHE I 31 -15.89 -7.02 -1.58
N ASN I 32 -15.95 -5.75 -1.98
CA ASN I 32 -14.84 -4.81 -1.68
C ASN I 32 -15.30 -3.72 -0.69
N ARG I 33 -16.60 -3.45 -0.59
CA ARG I 33 -17.09 -2.35 0.27
C ARG I 33 -17.02 -2.73 1.76
N SER I 34 -17.16 -4.02 2.08
CA SER I 34 -17.36 -4.45 3.47
C SER I 34 -16.42 -5.61 3.81
N PRO I 35 -16.22 -5.89 5.11
CA PRO I 35 -15.52 -7.12 5.53
C PRO I 35 -16.40 -8.35 5.24
N MET I 36 -15.76 -9.52 5.14
CA MET I 36 -16.48 -10.74 4.79
C MET I 36 -17.39 -11.15 5.95
N TYR I 37 -18.53 -11.73 5.58
CA TYR I 37 -19.45 -12.36 6.52
C TYR I 37 -18.65 -13.31 7.43
N PRO I 38 -18.74 -13.12 8.75
CA PRO I 38 -17.97 -13.89 9.75
C PRO I 38 -18.61 -15.24 10.14
N GLY I 39 -19.63 -15.67 9.41
CA GLY I 39 -20.31 -16.92 9.71
C GLY I 39 -21.48 -16.71 10.65
N PRO I 40 -22.30 -17.75 10.82
CA PRO I 40 -23.51 -17.65 11.63
C PRO I 40 -23.23 -17.54 13.13
N THR I 41 -24.25 -17.08 13.85
CA THR I 41 -24.19 -16.83 15.29
C THR I 41 -25.50 -17.30 15.92
N LYS I 42 -25.58 -17.24 17.26
CA LYS I 42 -26.79 -17.63 17.97
C LYS I 42 -27.91 -16.62 17.71
N ASP I 43 -27.54 -15.35 17.59
CA ASP I 43 -28.52 -14.26 17.37
C ASP I 43 -29.02 -14.30 15.92
N ASP I 44 -28.16 -14.73 14.99
CA ASP I 44 -28.54 -14.83 13.57
C ASP I 44 -28.11 -16.21 13.05
N PRO I 45 -28.90 -17.26 13.38
CA PRO I 45 -28.61 -18.63 12.94
C PRO I 45 -28.90 -18.82 11.44
N LEU I 46 -28.53 -19.98 10.91
CA LEU I 46 -28.54 -20.24 9.48
C LEU I 46 -29.01 -21.67 9.21
N THR I 47 -29.90 -21.84 8.25
CA THR I 47 -30.34 -23.17 7.81
C THR I 47 -29.69 -23.49 6.46
N VAL I 48 -28.98 -24.62 6.42
CA VAL I 48 -28.36 -25.10 5.18
C VAL I 48 -29.17 -26.30 4.68
N THR I 49 -29.68 -26.21 3.46
CA THR I 49 -30.34 -27.34 2.81
C THR I 49 -29.27 -28.20 2.13
N LEU I 50 -29.34 -29.51 2.35
CA LEU I 50 -28.41 -30.48 1.74
C LEU I 50 -29.19 -31.48 0.88
N GLY I 51 -28.54 -31.95 -0.17
CA GLY I 51 -29.07 -33.02 -1.01
C GLY I 51 -27.95 -33.70 -1.80
N PHE I 52 -28.07 -35.01 -1.99
CA PHE I 52 -27.02 -35.79 -2.62
C PHE I 52 -27.50 -36.35 -3.95
N THR I 53 -26.59 -36.38 -4.92
CA THR I 53 -26.74 -37.09 -6.18
C THR I 53 -25.61 -38.12 -6.30
N LEU I 54 -25.94 -39.40 -6.09
CA LEU I 54 -24.92 -40.46 -6.04
C LEU I 54 -24.59 -40.91 -7.48
N GLN I 55 -23.30 -40.86 -7.85
CA GLN I 55 -22.88 -41.18 -9.21
C GLN I 55 -22.32 -42.62 -9.30
N ASP I 56 -21.58 -43.06 -8.28
CA ASP I 56 -20.91 -44.35 -8.37
C ASP I 56 -20.40 -44.78 -6.98
N ILE I 57 -20.53 -46.08 -6.70
CA ILE I 57 -19.74 -46.71 -5.68
C ILE I 57 -18.52 -47.31 -6.39
N VAL I 58 -17.39 -46.60 -6.32
CA VAL I 58 -16.24 -46.91 -7.16
C VAL I 58 -15.51 -48.14 -6.63
N LYS I 59 -15.38 -48.25 -5.31
CA LYS I 59 -14.44 -49.19 -4.74
C LYS I 59 -14.90 -49.63 -3.34
N VAL I 60 -14.66 -50.90 -3.07
CA VAL I 60 -14.92 -51.52 -1.77
C VAL I 60 -13.64 -52.22 -1.32
N ASP I 61 -13.21 -52.01 -0.08
CA ASP I 61 -12.00 -52.65 0.46
C ASP I 61 -12.39 -53.48 1.68
N SER I 62 -12.49 -54.80 1.48
CA SER I 62 -12.95 -55.73 2.50
C SER I 62 -11.86 -55.95 3.57
N SER I 63 -10.62 -55.56 3.30
CA SER I 63 -9.54 -55.78 4.27
C SER I 63 -9.43 -54.59 5.25
N THR I 64 -9.89 -53.39 4.87
CA THR I 64 -9.81 -52.23 5.77
C THR I 64 -11.21 -51.69 6.12
N ASN I 65 -12.28 -52.28 5.58
CA ASN I 65 -13.66 -51.80 5.78
C ASN I 65 -13.75 -50.31 5.42
N GLU I 66 -13.28 -49.97 4.22
CA GLU I 66 -13.42 -48.63 3.63
C GLU I 66 -14.24 -48.76 2.33
N VAL I 67 -15.15 -47.82 2.08
CA VAL I 67 -15.90 -47.77 0.82
C VAL I 67 -15.76 -46.37 0.21
N ASP I 68 -15.64 -46.30 -1.12
CA ASP I 68 -15.40 -45.05 -1.86
C ASP I 68 -16.64 -44.69 -2.68
N LEU I 69 -17.20 -43.49 -2.46
CA LEU I 69 -18.34 -42.96 -3.24
C LEU I 69 -17.89 -41.76 -4.08
N VAL I 70 -18.50 -41.61 -5.24
CA VAL I 70 -18.47 -40.39 -6.01
C VAL I 70 -19.90 -39.85 -6.07
N TYR I 71 -20.05 -38.56 -5.81
CA TYR I 71 -21.36 -37.92 -5.71
C TYR I 71 -21.20 -36.41 -5.87
N TYR I 72 -22.29 -35.68 -6.05
CA TYR I 72 -22.25 -34.24 -5.82
C TYR I 72 -23.36 -33.85 -4.84
N GLU I 73 -23.02 -32.85 -4.05
CA GLU I 73 -23.76 -32.49 -2.87
C GLU I 73 -24.28 -31.06 -3.06
N GLN I 74 -25.60 -30.89 -3.09
CA GLN I 74 -26.21 -29.57 -3.27
C GLN I 74 -26.29 -28.89 -1.90
N GLN I 75 -25.60 -27.74 -1.77
CA GLN I 75 -25.64 -26.92 -0.55
C GLN I 75 -26.34 -25.61 -0.85
N ARG I 76 -27.29 -25.21 0.00
CA ARG I 76 -28.04 -23.99 -0.23
C ARG I 76 -28.26 -23.26 1.11
N TRP I 77 -28.03 -21.96 1.11
CA TRP I 77 -28.30 -21.11 2.28
C TRP I 77 -28.61 -19.68 1.81
N LYS I 78 -28.97 -18.79 2.74
CA LYS I 78 -29.42 -17.43 2.40
C LYS I 78 -28.85 -16.41 3.39
N LEU I 79 -28.21 -15.36 2.87
CA LEU I 79 -27.66 -14.27 3.70
C LEU I 79 -28.25 -12.92 3.26
N ASN I 80 -28.60 -12.08 4.22
CA ASN I 80 -29.09 -10.73 3.93
C ASN I 80 -27.96 -9.87 3.34
N SER I 81 -26.71 -10.13 3.72
CA SER I 81 -25.57 -9.33 3.28
C SER I 81 -25.20 -9.58 1.81
N LEU I 82 -25.91 -10.47 1.11
CA LEU I 82 -25.65 -10.70 -0.32
C LEU I 82 -26.85 -10.30 -1.17
N MET I 83 -27.81 -9.57 -0.58
CA MET I 83 -28.99 -9.09 -1.33
C MET I 83 -28.59 -7.91 -2.22
N TRP I 84 -29.33 -7.72 -3.30
CA TRP I 84 -29.22 -6.52 -4.14
C TRP I 84 -30.49 -6.34 -4.95
N ASP I 85 -30.73 -5.10 -5.38
CA ASP I 85 -31.85 -4.75 -6.25
C ASP I 85 -31.41 -4.90 -7.71
N PRO I 86 -32.02 -5.86 -8.45
CA PRO I 86 -31.64 -6.11 -9.85
C PRO I 86 -31.70 -4.88 -10.77
N ASN I 87 -32.61 -3.94 -10.48
CA ASN I 87 -32.83 -2.78 -11.39
C ASN I 87 -31.66 -1.79 -11.27
N GLU I 88 -30.88 -1.86 -10.19
CA GLU I 88 -29.71 -1.01 -10.03
C GLU I 88 -28.47 -1.63 -10.70
N TYR I 89 -28.57 -2.86 -11.21
CA TYR I 89 -27.40 -3.53 -11.79
C TYR I 89 -27.80 -4.26 -13.09
N GLY I 90 -28.52 -3.56 -13.96
CA GLY I 90 -28.79 -4.03 -15.34
C GLY I 90 -29.63 -5.30 -15.39
N ASN I 91 -30.49 -5.51 -14.41
CA ASN I 91 -31.44 -6.64 -14.36
C ASN I 91 -30.70 -7.98 -14.17
N ILE I 92 -29.54 -7.95 -13.50
CA ILE I 92 -28.84 -9.19 -13.14
C ILE I 92 -29.58 -9.83 -11.96
N THR I 93 -30.03 -11.07 -12.13
CA THR I 93 -30.76 -11.78 -11.06
C THR I 93 -29.82 -12.75 -10.33
N ASP I 94 -28.70 -13.14 -10.94
CA ASP I 94 -27.74 -14.04 -10.28
C ASP I 94 -26.38 -13.95 -10.98
N PHE I 95 -25.34 -14.47 -10.32
CA PHE I 95 -24.02 -14.57 -10.94
C PHE I 95 -23.23 -15.74 -10.36
N ARG I 96 -22.24 -16.17 -11.14
CA ARG I 96 -21.28 -17.20 -10.74
C ARG I 96 -20.08 -16.53 -10.07
N THR I 97 -19.57 -17.13 -9.01
CA THR I 97 -18.42 -16.56 -8.30
C THR I 97 -17.59 -17.66 -7.64
N SER I 98 -16.28 -17.44 -7.62
CA SER I 98 -15.33 -18.29 -6.90
C SER I 98 -15.79 -18.47 -5.45
N ALA I 99 -15.69 -19.70 -4.94
CA ALA I 99 -16.15 -20.01 -3.58
C ALA I 99 -15.22 -19.36 -2.52
N ALA I 100 -14.01 -18.98 -2.92
CA ALA I 100 -13.09 -18.26 -2.02
C ALA I 100 -13.59 -16.84 -1.74
N ASP I 101 -14.46 -16.29 -2.59
CA ASP I 101 -14.95 -14.91 -2.45
C ASP I 101 -16.01 -14.83 -1.34
N ILE I 102 -16.61 -15.95 -0.97
CA ILE I 102 -17.74 -15.95 -0.03
C ILE I 102 -17.47 -16.96 1.10
N TRP I 103 -18.25 -16.82 2.16
CA TRP I 103 -18.30 -17.83 3.21
C TRP I 103 -19.02 -19.07 2.66
N THR I 104 -18.51 -20.25 3.01
CA THR I 104 -19.20 -21.52 2.72
C THR I 104 -19.30 -22.35 4.00
N PRO I 105 -20.40 -23.11 4.15
CA PRO I 105 -20.58 -23.93 5.36
C PRO I 105 -19.57 -25.09 5.43
N ASP I 106 -19.14 -25.43 6.63
CA ASP I 106 -18.07 -26.41 6.88
C ASP I 106 -18.69 -27.81 7.01
N ILE I 107 -19.35 -28.28 5.95
CA ILE I 107 -20.03 -29.58 6.02
C ILE I 107 -18.96 -30.67 5.93
N THR I 108 -18.95 -31.57 6.92
CA THR I 108 -17.92 -32.59 7.06
C THR I 108 -18.57 -33.98 7.16
N ALA I 109 -17.96 -34.97 6.50
CA ALA I 109 -18.31 -36.37 6.69
C ALA I 109 -17.69 -36.88 7.99
N TYR I 110 -18.51 -37.46 8.88
CA TYR I 110 -18.05 -37.75 10.24
C TYR I 110 -17.34 -39.10 10.35
N SER I 111 -17.30 -39.89 9.28
CA SER I 111 -16.60 -41.19 9.34
C SER I 111 -15.70 -41.37 8.11
N SER I 112 -15.16 -40.27 7.61
CA SER I 112 -14.21 -40.31 6.50
C SER I 112 -12.88 -40.89 6.99
N THR I 113 -12.18 -41.60 6.10
CA THR I 113 -10.87 -42.19 6.41
C THR I 113 -9.76 -41.53 5.60
N ARG I 114 -10.12 -40.71 4.61
CA ARG I 114 -9.17 -39.94 3.81
C ARG I 114 -9.75 -38.54 3.60
N PRO I 115 -8.89 -37.56 3.27
CA PRO I 115 -9.38 -36.24 2.88
C PRO I 115 -10.26 -36.34 1.63
N VAL I 116 -11.33 -35.57 1.59
CA VAL I 116 -12.25 -35.57 0.45
C VAL I 116 -11.50 -35.03 -0.78
N GLN I 117 -11.68 -35.67 -1.93
CA GLN I 117 -11.06 -35.22 -3.17
C GLN I 117 -12.08 -34.39 -3.97
N VAL I 118 -11.64 -33.23 -4.45
CA VAL I 118 -12.49 -32.27 -5.14
C VAL I 118 -12.51 -32.60 -6.63
N LEU I 119 -13.69 -32.85 -7.19
CA LEU I 119 -13.81 -33.26 -8.62
C LEU I 119 -14.50 -32.18 -9.47
N SER I 120 -14.89 -31.04 -8.90
CA SER I 120 -15.51 -29.99 -9.70
C SER I 120 -14.91 -28.62 -9.32
N PRO I 121 -15.03 -27.64 -10.23
CA PRO I 121 -14.55 -26.27 -9.99
C PRO I 121 -15.22 -25.62 -8.77
N GLN I 122 -14.44 -24.89 -7.98
CA GLN I 122 -14.91 -24.30 -6.73
C GLN I 122 -15.65 -22.99 -7.01
N ILE I 123 -16.83 -23.09 -7.59
CA ILE I 123 -17.62 -21.94 -8.02
C ILE I 123 -19.06 -22.12 -7.52
N ALA I 124 -19.62 -21.05 -6.95
CA ALA I 124 -20.99 -21.04 -6.45
C ALA I 124 -21.83 -20.04 -7.26
N VAL I 125 -23.15 -20.08 -7.04
CA VAL I 125 -24.07 -19.19 -7.73
C VAL I 125 -24.85 -18.38 -6.67
N VAL I 126 -24.77 -17.05 -6.75
CA VAL I 126 -25.48 -16.16 -5.82
C VAL I 126 -26.68 -15.54 -6.54
N THR I 127 -27.83 -15.53 -5.87
CA THR I 127 -29.08 -14.94 -6.41
C THR I 127 -29.41 -13.65 -5.64
N HIS I 128 -30.17 -12.76 -6.29
CA HIS I 128 -30.44 -11.39 -5.81
C HIS I 128 -31.11 -11.37 -4.43
N ASP I 129 -31.87 -12.40 -4.07
CA ASP I 129 -32.51 -12.48 -2.75
C ASP I 129 -31.49 -12.88 -1.67
N GLY I 130 -30.21 -13.06 -2.03
CA GLY I 130 -29.18 -13.41 -1.05
C GLY I 130 -28.99 -14.91 -0.90
N SER I 131 -29.69 -15.70 -1.71
CA SER I 131 -29.55 -17.15 -1.61
C SER I 131 -28.29 -17.59 -2.37
N VAL I 132 -27.61 -18.61 -1.86
CA VAL I 132 -26.39 -19.12 -2.47
C VAL I 132 -26.56 -20.63 -2.71
N MET I 133 -26.05 -21.10 -3.84
CA MET I 133 -26.03 -22.52 -4.12
C MET I 133 -24.62 -22.93 -4.53
N PHE I 134 -24.14 -24.03 -3.95
CA PHE I 134 -22.82 -24.57 -4.20
C PHE I 134 -22.95 -26.10 -4.32
N ILE I 135 -22.45 -26.68 -5.42
CA ILE I 135 -22.71 -28.10 -5.71
C ILE I 135 -21.39 -28.81 -6.03
N PRO I 136 -20.55 -29.01 -5.02
CA PRO I 136 -19.25 -29.66 -5.24
C PRO I 136 -19.38 -31.17 -5.52
N ALA I 137 -18.72 -31.65 -6.57
CA ALA I 137 -18.56 -33.09 -6.79
C ALA I 137 -17.36 -33.58 -5.98
N GLN I 138 -17.50 -34.74 -5.33
CA GLN I 138 -16.51 -35.21 -4.35
C GLN I 138 -16.31 -36.73 -4.48
N ARG I 139 -15.11 -37.18 -4.13
CA ARG I 139 -14.86 -38.60 -3.86
C ARG I 139 -14.52 -38.77 -2.37
N LEU I 140 -15.26 -39.67 -1.72
CA LEU I 140 -15.19 -39.88 -0.28
C LEU I 140 -14.87 -41.35 0.03
N SER I 141 -13.84 -41.59 0.84
CA SER I 141 -13.59 -42.88 1.48
C SER I 141 -14.13 -42.83 2.92
N PHE I 142 -14.97 -43.78 3.31
CA PHE I 142 -15.55 -43.75 4.66
C PHE I 142 -15.70 -45.18 5.21
N MET I 143 -15.91 -45.24 6.52
CA MET I 143 -15.94 -46.51 7.26
C MET I 143 -17.22 -47.28 6.93
N CYS I 144 -17.04 -48.51 6.45
CA CYS I 144 -18.15 -49.32 5.98
C CYS I 144 -17.68 -50.77 5.83
N ASP I 145 -18.40 -51.71 6.45
CA ASP I 145 -18.12 -53.14 6.33
C ASP I 145 -18.88 -53.71 5.13
N PRO I 146 -18.16 -54.10 4.06
CA PRO I 146 -18.79 -54.62 2.84
C PRO I 146 -19.07 -56.14 2.83
N THR I 147 -18.86 -56.82 3.97
CA THR I 147 -19.13 -58.26 4.07
C THR I 147 -20.61 -58.51 3.75
N GLY I 148 -20.85 -59.35 2.75
CA GLY I 148 -22.22 -59.71 2.33
C GLY I 148 -22.68 -58.95 1.10
N VAL I 149 -21.82 -58.15 0.49
CA VAL I 149 -22.21 -57.34 -0.68
C VAL I 149 -22.44 -58.26 -1.88
N ASP I 150 -21.80 -59.42 -1.90
CA ASP I 150 -21.93 -60.37 -3.02
C ASP I 150 -23.17 -61.25 -2.85
N SER I 151 -24.02 -60.97 -1.86
CA SER I 151 -25.25 -61.74 -1.65
C SER I 151 -26.45 -60.99 -2.26
N GLU I 152 -27.63 -61.61 -2.17
CA GLU I 152 -28.87 -61.07 -2.72
C GLU I 152 -29.43 -59.96 -1.81
N GLU I 153 -29.25 -60.11 -0.51
CA GLU I 153 -29.77 -59.15 0.47
C GLU I 153 -28.90 -57.89 0.50
N GLY I 154 -27.61 -58.05 0.17
CA GLY I 154 -26.69 -56.91 0.05
C GLY I 154 -26.21 -56.42 1.40
N VAL I 155 -25.73 -55.19 1.42
CA VAL I 155 -25.15 -54.59 2.61
C VAL I 155 -25.64 -53.15 2.74
N THR I 156 -25.78 -52.67 3.97
CA THR I 156 -26.21 -51.30 4.25
C THR I 156 -25.04 -50.53 4.86
N CYS I 157 -24.89 -49.27 4.46
CA CYS I 157 -23.84 -48.42 5.01
C CYS I 157 -24.34 -46.98 5.14
N ALA I 158 -23.70 -46.25 6.06
CA ALA I 158 -24.18 -44.95 6.48
C ALA I 158 -23.00 -44.02 6.76
N VAL I 159 -23.22 -42.74 6.48
CA VAL I 159 -22.24 -41.71 6.78
C VAL I 159 -22.99 -40.41 7.08
N LYS I 160 -22.59 -39.73 8.16
CA LYS I 160 -23.26 -38.49 8.59
C LYS I 160 -22.51 -37.28 8.04
N PHE I 161 -23.27 -36.35 7.47
CA PHE I 161 -22.73 -35.08 7.00
C PHE I 161 -23.29 -33.95 7.87
N GLY I 162 -22.39 -33.15 8.44
CA GLY I 162 -22.83 -31.98 9.20
C GLY I 162 -21.67 -31.07 9.54
N SER I 163 -22.00 -29.95 10.19
CA SER I 163 -21.01 -29.00 10.63
C SER I 163 -20.09 -29.64 11.67
N TRP I 164 -18.80 -29.35 11.54
CA TRP I 164 -17.81 -29.84 12.47
C TRP I 164 -17.79 -28.97 13.73
N VAL I 165 -17.94 -27.65 13.57
CA VAL I 165 -17.65 -26.70 14.67
C VAL I 165 -18.91 -25.97 15.13
N TYR I 166 -20.00 -25.99 14.36
CA TYR I 166 -21.20 -25.23 14.73
C TYR I 166 -22.28 -26.17 15.26
N SER I 167 -22.79 -25.87 16.46
CA SER I 167 -23.89 -26.61 17.05
C SER I 167 -25.20 -26.25 16.34
N GLY I 168 -26.29 -26.87 16.78
CA GLY I 168 -27.63 -26.63 16.21
C GLY I 168 -28.14 -25.23 16.48
N PHE I 169 -27.54 -24.53 17.46
CA PHE I 169 -27.94 -23.17 17.77
C PHE I 169 -27.40 -22.18 16.72
N GLU I 170 -26.39 -22.56 15.94
CA GLU I 170 -25.83 -21.68 14.91
C GLU I 170 -26.16 -22.20 13.51
N ILE I 171 -26.05 -23.51 13.28
CA ILE I 171 -26.36 -24.11 11.98
C ILE I 171 -27.35 -25.26 12.16
N ASP I 172 -28.52 -25.10 11.53
CA ASP I 172 -29.49 -26.16 11.36
C ASP I 172 -29.38 -26.68 9.92
N LEU I 173 -29.75 -27.94 9.71
CA LEU I 173 -29.76 -28.54 8.37
C LEU I 173 -31.18 -29.00 8.04
N LYS I 174 -31.47 -29.17 6.75
CA LYS I 174 -32.69 -29.84 6.32
C LYS I 174 -32.50 -30.38 4.91
N THR I 175 -33.47 -31.20 4.47
CA THR I 175 -33.51 -31.75 3.12
C THR I 175 -34.86 -31.39 2.47
N ASP I 176 -34.85 -31.26 1.15
CA ASP I 176 -36.09 -31.04 0.38
C ASP I 176 -36.80 -32.38 0.16
N THR I 177 -36.00 -33.45 0.05
CA THR I 177 -36.52 -34.81 -0.08
C THR I 177 -35.60 -35.77 0.68
N ASP I 178 -36.15 -36.89 1.12
CA ASP I 178 -35.37 -37.91 1.82
C ASP I 178 -34.83 -38.93 0.82
N GLN I 179 -35.14 -38.77 -0.46
CA GLN I 179 -34.67 -39.69 -1.50
C GLN I 179 -33.44 -39.09 -2.20
N VAL I 180 -32.35 -39.85 -2.17
CA VAL I 180 -31.13 -39.50 -2.88
C VAL I 180 -31.42 -39.56 -4.38
N ASP I 181 -30.86 -38.63 -5.16
CA ASP I 181 -31.03 -38.62 -6.61
C ASP I 181 -30.13 -39.71 -7.21
N LEU I 182 -30.75 -40.69 -7.88
CA LEU I 182 -30.03 -41.82 -8.47
C LEU I 182 -30.12 -41.79 -10.00
N SER I 183 -30.58 -40.68 -10.58
CA SER I 183 -30.79 -40.61 -12.04
C SER I 183 -29.46 -40.46 -12.78
N SER I 184 -28.39 -40.08 -12.08
CA SER I 184 -27.05 -40.01 -12.68
C SER I 184 -26.20 -41.24 -12.30
N TYR I 185 -26.79 -42.27 -11.69
CA TYR I 185 -25.96 -43.37 -11.19
C TYR I 185 -25.43 -44.20 -12.37
N TYR I 186 -24.13 -44.43 -12.36
CA TYR I 186 -23.41 -45.15 -13.43
C TYR I 186 -23.99 -46.54 -13.63
N ALA I 187 -24.47 -46.81 -14.84
CA ALA I 187 -25.26 -48.00 -15.14
C ALA I 187 -24.38 -49.26 -15.22
N SER I 188 -23.08 -49.11 -15.47
CA SER I 188 -22.15 -50.24 -15.56
C SER I 188 -21.27 -50.35 -14.31
N SER I 189 -21.72 -49.77 -13.20
CA SER I 189 -21.05 -49.90 -11.91
C SER I 189 -20.98 -51.37 -11.50
N LYS I 190 -19.98 -51.71 -10.71
CA LYS I 190 -19.87 -53.04 -10.10
C LYS I 190 -21.02 -53.28 -9.12
N TYR I 191 -21.59 -52.21 -8.56
CA TYR I 191 -22.64 -52.34 -7.53
C TYR I 191 -23.93 -51.67 -8.01
N GLU I 192 -25.07 -52.24 -7.64
CA GLU I 192 -26.37 -51.61 -7.86
C GLU I 192 -26.96 -51.15 -6.52
N ILE I 193 -27.78 -50.11 -6.57
CA ILE I 193 -28.37 -49.49 -5.39
C ILE I 193 -29.75 -50.09 -5.15
N LEU I 194 -29.97 -50.65 -3.96
CA LEU I 194 -31.27 -51.17 -3.55
C LEU I 194 -32.10 -50.05 -2.90
N SER I 195 -31.43 -49.18 -2.14
CA SER I 195 -32.07 -47.97 -1.59
C SER I 195 -31.00 -46.94 -1.21
N ALA I 196 -31.41 -45.68 -1.19
CA ALA I 196 -30.51 -44.58 -0.83
C ALA I 196 -31.33 -43.41 -0.26
N THR I 197 -31.18 -43.16 1.04
CA THR I 197 -31.95 -42.11 1.72
C THR I 197 -31.01 -41.08 2.37
N GLN I 198 -31.55 -39.89 2.58
CA GLN I 198 -30.83 -38.77 3.21
C GLN I 198 -31.77 -38.15 4.25
N THR I 199 -31.41 -38.23 5.53
CA THR I 199 -32.34 -37.89 6.62
C THR I 199 -31.66 -37.01 7.66
N ARG I 200 -32.35 -35.94 8.06
CA ARG I 200 -31.92 -35.07 9.16
C ARG I 200 -31.98 -35.85 10.48
N GLN I 201 -30.98 -35.65 11.35
CA GLN I 201 -31.05 -36.18 12.71
C GLN I 201 -30.24 -35.28 13.66
N VAL I 202 -30.51 -35.46 14.96
CA VAL I 202 -29.89 -34.69 16.03
C VAL I 202 -28.91 -35.61 16.77
N GLN I 203 -27.70 -35.13 17.01
CA GLN I 203 -26.67 -35.91 17.69
C GLN I 203 -26.23 -35.18 18.97
N HIS I 204 -25.83 -35.99 19.96
CA HIS I 204 -25.14 -35.51 21.14
C HIS I 204 -23.80 -36.24 21.23
N TYR I 205 -22.70 -35.49 21.14
CA TYR I 205 -21.37 -36.07 21.23
C TYR I 205 -20.83 -35.89 22.66
N SER I 206 -19.99 -36.82 23.10
CA SER I 206 -19.56 -36.85 24.51
C SER I 206 -18.62 -35.67 24.83
N CYS I 207 -18.00 -35.09 23.81
CA CYS I 207 -17.14 -33.90 23.98
C CYS I 207 -17.96 -32.68 24.45
N CYS I 208 -19.22 -32.61 24.04
CA CYS I 208 -19.88 -31.33 23.84
C CYS I 208 -21.35 -31.40 24.30
N PRO I 209 -21.80 -30.45 25.15
CA PRO I 209 -23.17 -30.51 25.71
C PRO I 209 -24.30 -30.13 24.73
N GLU I 210 -23.98 -29.41 23.66
CA GLU I 210 -24.99 -28.85 22.74
C GLU I 210 -25.36 -29.91 21.69
N PRO I 211 -26.59 -29.84 21.15
CA PRO I 211 -26.98 -30.71 20.03
C PRO I 211 -26.31 -30.29 18.69
N TYR I 212 -25.89 -31.29 17.92
CA TYR I 212 -25.31 -31.08 16.59
C TYR I 212 -26.23 -31.72 15.54
N ILE I 213 -26.37 -31.07 14.39
CA ILE I 213 -27.28 -31.54 13.35
C ILE I 213 -26.47 -32.16 12.21
N ASP I 214 -26.99 -33.26 11.65
CA ASP I 214 -26.38 -33.87 10.48
C ASP I 214 -27.48 -34.40 9.55
N VAL I 215 -27.08 -34.68 8.32
CA VAL I 215 -27.87 -35.45 7.37
C VAL I 215 -27.20 -36.82 7.22
N ASN I 216 -27.93 -37.86 7.60
CA ASN I 216 -27.45 -39.23 7.55
C ASN I 216 -27.71 -39.79 6.15
N LEU I 217 -26.64 -40.07 5.41
CA LEU I 217 -26.74 -40.69 4.09
C LEU I 217 -26.68 -42.21 4.26
N VAL I 218 -27.78 -42.90 3.98
CA VAL I 218 -27.86 -44.34 4.14
C VAL I 218 -28.02 -44.98 2.76
N VAL I 219 -27.08 -45.86 2.40
CA VAL I 219 -27.11 -46.50 1.09
C VAL I 219 -27.08 -48.03 1.29
N LYS I 220 -28.02 -48.70 0.65
CA LYS I 220 -28.05 -50.16 0.60
C LYS I 220 -27.71 -50.59 -0.83
N PHE I 221 -26.76 -51.52 -0.97
CA PHE I 221 -26.23 -51.89 -2.28
C PHE I 221 -25.74 -53.34 -2.29
N ARG I 222 -25.63 -53.91 -3.48
CA ARG I 222 -25.06 -55.26 -3.68
C ARG I 222 -24.32 -55.30 -5.03
N GLU I 223 -23.54 -56.36 -5.22
CA GLU I 223 -22.85 -56.59 -6.49
C GLU I 223 -23.89 -56.75 -7.60
N ARG I 224 -23.59 -56.19 -8.78
CA ARG I 224 -24.45 -56.35 -9.94
C ARG I 224 -23.92 -57.52 -10.78
N GLN J 20 -22.28 -10.35 10.98
CA GLN J 20 -23.09 -9.43 11.85
C GLN J 20 -22.16 -8.45 12.57
N ALA J 21 -22.70 -7.26 12.81
CA ALA J 21 -21.90 -6.07 13.16
C ALA J 21 -21.01 -6.32 14.37
N ASN J 22 -21.57 -6.89 15.44
CA ASN J 22 -20.86 -7.00 16.71
C ASN J 22 -19.68 -7.97 16.58
N LEU J 23 -19.89 -9.10 15.89
CA LEU J 23 -18.84 -10.12 15.73
C LEU J 23 -17.74 -9.58 14.80
N MET J 24 -18.12 -8.95 13.70
CA MET J 24 -17.14 -8.35 12.77
C MET J 24 -16.29 -7.31 13.51
N ARG J 25 -16.92 -6.55 14.40
CA ARG J 25 -16.24 -5.52 15.17
C ARG J 25 -15.25 -6.16 16.16
N LEU J 26 -15.67 -7.24 16.82
CA LEU J 26 -14.83 -7.95 17.80
C LEU J 26 -13.63 -8.60 17.12
N LYS J 27 -13.83 -9.23 15.97
CA LYS J 27 -12.74 -9.89 15.26
C LYS J 27 -11.71 -8.84 14.83
N SER J 28 -12.21 -7.72 14.31
CA SER J 28 -11.35 -6.62 13.88
C SER J 28 -10.49 -6.10 15.03
N ASP J 29 -11.06 -6.03 16.24
CA ASP J 29 -10.35 -5.50 17.40
C ASP J 29 -9.28 -6.49 17.89
N LEU J 30 -9.56 -7.79 17.82
CA LEU J 30 -8.61 -8.79 18.32
C LEU J 30 -7.47 -9.00 17.31
N PHE J 31 -7.76 -8.95 16.01
CA PHE J 31 -6.81 -9.47 14.98
C PHE J 31 -6.17 -8.36 14.15
N ASN J 32 -6.90 -7.29 13.82
CA ASN J 32 -6.41 -6.30 12.84
C ASN J 32 -5.67 -5.16 13.56
N ARG J 33 -5.90 -4.95 14.85
CA ARG J 33 -5.27 -3.85 15.59
C ARG J 33 -3.83 -4.23 15.96
N SER J 34 -3.67 -5.39 16.58
CA SER J 34 -2.39 -5.80 17.17
C SER J 34 -1.60 -6.68 16.18
N PRO J 35 -0.26 -6.78 16.37
CA PRO J 35 0.53 -7.83 15.71
C PRO J 35 0.16 -9.20 16.28
N MET J 36 0.38 -10.26 15.49
CA MET J 36 -0.05 -11.60 15.92
C MET J 36 0.80 -12.04 17.13
N TYR J 37 0.19 -12.85 17.98
CA TYR J 37 0.87 -13.48 19.10
C TYR J 37 2.08 -14.25 18.56
N PRO J 38 3.28 -14.02 19.13
CA PRO J 38 4.51 -14.68 18.69
C PRO J 38 4.80 -16.02 19.40
N GLY J 39 3.77 -16.62 20.00
CA GLY J 39 3.93 -17.89 20.72
C GLY J 39 4.40 -17.68 22.16
N PRO J 40 4.44 -18.76 22.94
CA PRO J 40 4.83 -18.67 24.34
C PRO J 40 6.32 -18.46 24.55
N THR J 41 6.68 -18.06 25.77
CA THR J 41 8.06 -17.77 26.16
C THR J 41 8.32 -18.32 27.56
N LYS J 42 9.56 -18.22 28.03
CA LYS J 42 9.92 -18.63 29.40
C LYS J 42 9.21 -17.73 30.42
N ASP J 43 9.07 -16.44 30.09
CA ASP J 43 8.45 -15.47 30.97
C ASP J 43 6.91 -15.63 30.94
N ASP J 44 6.37 -16.07 29.81
CA ASP J 44 4.92 -16.24 29.65
C ASP J 44 4.60 -17.62 29.07
N PRO J 45 4.79 -18.67 29.89
CA PRO J 45 4.57 -20.04 29.44
C PRO J 45 3.07 -20.36 29.26
N LEU J 46 2.80 -21.49 28.60
CA LEU J 46 1.46 -21.86 28.20
C LEU J 46 1.23 -23.32 28.55
N THR J 47 0.05 -23.64 29.09
CA THR J 47 -0.36 -25.03 29.29
C THR J 47 -1.40 -25.38 28.23
N VAL J 48 -1.18 -26.49 27.52
CA VAL J 48 -2.09 -27.00 26.50
C VAL J 48 -2.72 -28.29 27.04
N THR J 49 -4.05 -28.36 27.02
CA THR J 49 -4.76 -29.58 27.41
C THR J 49 -5.02 -30.42 26.16
N LEU J 50 -4.68 -31.71 26.19
CA LEU J 50 -4.90 -32.64 25.07
C LEU J 50 -5.79 -33.80 25.51
N GLY J 51 -6.68 -34.20 24.60
CA GLY J 51 -7.45 -35.42 24.75
C GLY J 51 -7.73 -36.04 23.39
N PHE J 52 -7.80 -37.37 23.33
CA PHE J 52 -8.00 -38.08 22.07
C PHE J 52 -9.35 -38.79 22.06
N THR J 53 -10.00 -38.76 20.90
CA THR J 53 -11.16 -39.58 20.60
C THR J 53 -10.81 -40.47 19.40
N LEU J 54 -10.70 -41.77 19.64
CA LEU J 54 -10.26 -42.73 18.63
C LEU J 54 -11.48 -43.27 17.88
N GLN J 55 -11.47 -43.14 16.56
CA GLN J 55 -12.61 -43.52 15.73
C GLN J 55 -12.38 -44.87 15.05
N ASP J 56 -11.15 -45.15 14.61
CA ASP J 56 -10.88 -46.38 13.88
C ASP J 56 -9.37 -46.63 13.80
N ILE J 57 -8.99 -47.89 14.01
CA ILE J 57 -7.74 -48.41 13.52
C ILE J 57 -8.01 -48.94 12.11
N VAL J 58 -7.62 -48.18 11.10
CA VAL J 58 -8.09 -48.42 9.75
C VAL J 58 -7.30 -49.58 9.12
N LYS J 59 -6.00 -49.63 9.38
CA LYS J 59 -5.11 -50.47 8.59
C LYS J 59 -3.83 -50.81 9.39
N VAL J 60 -3.30 -51.98 9.08
CA VAL J 60 -2.12 -52.54 9.71
C VAL J 60 -1.21 -53.06 8.59
N ASP J 61 0.07 -52.74 8.62
CA ASP J 61 1.03 -53.22 7.62
C ASP J 61 2.14 -54.02 8.32
N SER J 62 2.04 -55.34 8.24
CA SER J 62 2.97 -56.22 8.94
C SER J 62 4.31 -56.28 8.19
N SER J 63 4.38 -55.81 6.95
CA SER J 63 5.64 -55.87 6.21
C SER J 63 6.51 -54.63 6.49
N THR J 64 5.93 -53.52 6.99
CA THR J 64 6.71 -52.29 7.26
C THR J 64 6.59 -51.84 8.73
N ASN J 65 5.77 -52.52 9.54
CA ASN J 65 5.50 -52.13 10.92
C ASN J 65 4.99 -50.68 10.96
N GLU J 66 3.92 -50.44 10.21
CA GLU J 66 3.18 -49.18 10.23
C GLU J 66 1.71 -49.49 10.55
N VAL J 67 1.06 -48.61 11.32
CA VAL J 67 -0.38 -48.72 11.60
C VAL J 67 -1.03 -47.35 11.36
N ASP J 68 -2.29 -47.36 10.95
CA ASP J 68 -3.01 -46.14 10.58
C ASP J 68 -4.21 -45.96 11.54
N LEU J 69 -4.25 -44.82 12.23
CA LEU J 69 -5.38 -44.46 13.11
C LEU J 69 -6.13 -43.26 12.53
N VAL J 70 -7.45 -43.27 12.74
CA VAL J 70 -8.28 -42.11 12.57
C VAL J 70 -8.82 -41.70 13.94
N TYR J 71 -8.65 -40.43 14.28
CA TYR J 71 -9.03 -39.90 15.59
C TYR J 71 -9.28 -38.39 15.47
N TYR J 72 -9.86 -37.79 16.51
CA TYR J 72 -9.76 -36.35 16.65
C TYR J 72 -9.17 -36.02 18.03
N GLU J 73 -8.47 -34.90 18.04
CA GLU J 73 -7.59 -34.51 19.13
C GLU J 73 -8.07 -33.15 19.66
N GLN J 74 -8.62 -33.13 20.87
CA GLN J 74 -9.06 -31.89 21.46
C GLN J 74 -7.84 -31.14 22.01
N GLN J 75 -7.64 -29.91 21.55
CA GLN J 75 -6.56 -29.04 22.01
C GLN J 75 -7.16 -27.78 22.65
N ARG J 76 -6.69 -27.43 23.84
CA ARG J 76 -7.24 -26.28 24.57
C ARG J 76 -6.09 -25.48 25.20
N TRP J 77 -6.13 -24.15 25.04
CA TRP J 77 -5.19 -23.27 25.71
C TRP J 77 -5.86 -21.91 25.97
N LYS J 78 -5.16 -21.01 26.66
CA LYS J 78 -5.73 -19.70 27.00
C LYS J 78 -4.66 -18.59 26.86
N LEU J 79 -5.06 -17.48 26.23
CA LEU J 79 -4.23 -16.27 26.10
C LEU J 79 -4.98 -15.07 26.68
N ASN J 80 -4.23 -14.18 27.33
CA ASN J 80 -4.77 -12.92 27.82
C ASN J 80 -5.13 -12.01 26.64
N SER J 81 -4.37 -12.07 25.55
CA SER J 81 -4.56 -11.17 24.39
C SER J 81 -5.82 -11.51 23.59
N LEU J 82 -6.57 -12.57 23.94
CA LEU J 82 -7.81 -12.90 23.26
C LEU J 82 -9.01 -12.65 24.18
N MET J 83 -8.80 -12.01 25.32
CA MET J 83 -9.88 -11.70 26.26
C MET J 83 -10.73 -10.54 25.72
N TRP J 84 -12.03 -10.57 26.00
CA TRP J 84 -12.88 -9.42 25.75
C TRP J 84 -14.05 -9.40 26.74
N ASP J 85 -14.63 -8.21 26.90
CA ASP J 85 -15.80 -7.99 27.73
C ASP J 85 -17.05 -8.22 26.86
N PRO J 86 -17.87 -9.23 27.17
CA PRO J 86 -19.05 -9.50 26.34
C PRO J 86 -20.04 -8.33 26.23
N ASN J 87 -20.10 -7.45 27.25
CA ASN J 87 -21.09 -6.35 27.26
C ASN J 87 -20.75 -5.33 26.17
N GLU J 88 -19.47 -5.15 25.86
CA GLU J 88 -19.03 -4.20 24.84
C GLU J 88 -19.24 -4.74 23.42
N TYR J 89 -19.69 -6.00 23.29
CA TYR J 89 -19.82 -6.64 21.96
C TYR J 89 -21.11 -7.45 21.88
N GLY J 90 -22.20 -6.91 22.41
CA GLY J 90 -23.55 -7.48 22.22
C GLY J 90 -23.71 -8.86 22.81
N ASN J 91 -23.08 -9.12 23.95
CA ASN J 91 -23.22 -10.38 24.71
C ASN J 91 -22.68 -11.59 23.93
N ILE J 92 -21.71 -11.39 23.05
CA ILE J 92 -21.03 -12.52 22.42
C ILE J 92 -20.08 -13.14 23.45
N THR J 93 -20.25 -14.42 23.73
CA THR J 93 -19.39 -15.13 24.68
C THR J 93 -18.33 -15.97 23.94
N ASP J 94 -18.54 -16.27 22.64
CA ASP J 94 -17.56 -17.04 21.87
C ASP J 94 -17.81 -16.87 20.36
N PHE J 95 -16.83 -17.24 19.55
CA PHE J 95 -17.00 -17.24 18.10
C PHE J 95 -16.09 -18.28 17.45
N ARG J 96 -16.51 -18.72 16.25
CA ARG J 96 -15.72 -19.62 15.41
C ARG J 96 -14.81 -18.77 14.52
N THR J 97 -13.59 -19.23 14.28
CA THR J 97 -12.64 -18.49 13.45
C THR J 97 -11.62 -19.45 12.82
N SER J 98 -11.17 -19.08 11.63
CA SER J 98 -10.15 -19.82 10.91
C SER J 98 -8.90 -19.97 11.80
N ALA J 99 -8.29 -21.16 11.78
CA ALA J 99 -7.08 -21.44 12.56
C ALA J 99 -5.87 -20.66 12.01
N ALA J 100 -5.97 -20.12 10.80
CA ALA J 100 -4.90 -19.27 10.25
C ALA J 100 -4.90 -17.88 10.93
N ASP J 101 -6.03 -17.46 11.50
CA ASP J 101 -6.13 -16.12 12.13
C ASP J 101 -5.42 -16.09 13.49
N ILE J 102 -5.16 -17.26 14.08
CA ILE J 102 -4.61 -17.33 15.44
C ILE J 102 -3.38 -18.24 15.44
N TRP J 103 -2.57 -18.08 16.48
CA TRP J 103 -1.52 -19.03 16.78
C TRP J 103 -2.16 -20.35 17.22
N THR J 104 -1.57 -21.46 16.80
CA THR J 104 -1.94 -22.78 17.29
C THR J 104 -0.67 -23.52 17.71
N PRO J 105 -0.78 -24.40 18.72
CA PRO J 105 0.38 -25.11 19.21
C PRO J 105 0.86 -26.16 18.19
N ASP J 106 2.16 -26.38 18.13
CA ASP J 106 2.80 -27.25 17.13
C ASP J 106 2.87 -28.71 17.62
N ILE J 107 1.71 -29.28 17.98
CA ILE J 107 1.66 -30.63 18.54
C ILE J 107 1.97 -31.63 17.41
N THR J 108 2.99 -32.46 17.62
CA THR J 108 3.52 -33.36 16.60
C THR J 108 3.53 -34.80 17.14
N ALA J 109 3.22 -35.76 16.29
CA ALA J 109 3.43 -37.18 16.61
C ALA J 109 4.91 -37.50 16.40
N TYR J 110 5.54 -38.09 17.41
CA TYR J 110 7.00 -38.24 17.43
C TYR J 110 7.43 -39.50 16.66
N SER J 111 6.50 -40.34 16.24
CA SER J 111 6.88 -41.59 15.53
C SER J 111 6.02 -41.81 14.28
N SER J 112 5.62 -40.72 13.62
CA SER J 112 4.87 -40.81 12.36
C SER J 112 5.83 -41.23 11.23
N THR J 113 5.27 -41.91 10.23
CA THR J 113 6.02 -42.37 9.05
C THR J 113 5.52 -41.68 7.77
N ARG J 114 4.39 -40.96 7.86
CA ARG J 114 3.88 -40.16 6.75
C ARG J 114 3.35 -38.86 7.34
N PRO J 115 3.23 -37.81 6.50
CA PRO J 115 2.54 -36.59 6.93
C PRO J 115 1.10 -36.87 7.38
N VAL J 116 0.68 -36.18 8.43
CA VAL J 116 -0.66 -36.33 8.97
C VAL J 116 -1.67 -35.80 7.95
N GLN J 117 -2.74 -36.54 7.70
CA GLN J 117 -3.80 -36.07 6.80
C GLN J 117 -4.92 -35.43 7.63
N VAL J 118 -5.38 -34.27 7.17
CA VAL J 118 -6.43 -33.49 7.86
C VAL J 118 -7.80 -33.91 7.35
N LEU J 119 -8.72 -34.25 8.26
CA LEU J 119 -10.05 -34.75 7.89
C LEU J 119 -11.15 -33.79 8.38
N SER J 120 -10.80 -32.65 8.96
CA SER J 120 -11.80 -31.69 9.42
C SER J 120 -11.38 -30.24 9.08
N PRO J 121 -12.35 -29.32 9.01
CA PRO J 121 -12.10 -27.90 8.71
C PRO J 121 -11.19 -27.25 9.77
N GLN J 122 -10.24 -26.44 9.32
CA GLN J 122 -9.27 -25.80 10.19
C GLN J 122 -9.89 -24.56 10.83
N ILE J 123 -10.80 -24.81 11.78
CA ILE J 123 -11.57 -23.77 12.46
C ILE J 123 -11.52 -24.06 13.96
N ALA J 124 -11.30 -23.01 14.74
CA ALA J 124 -11.24 -23.10 16.20
C ALA J 124 -12.35 -22.22 16.82
N VAL J 125 -12.59 -22.40 18.12
CA VAL J 125 -13.57 -21.62 18.86
C VAL J 125 -12.86 -20.85 19.97
N VAL J 126 -13.04 -19.53 19.98
CA VAL J 126 -12.45 -18.64 20.99
C VAL J 126 -13.56 -18.20 21.96
N THR J 127 -13.28 -18.29 23.25
CA THR J 127 -14.23 -17.89 24.31
C THR J 127 -13.73 -16.60 24.97
N HIS J 128 -14.66 -15.87 25.60
CA HIS J 128 -14.43 -14.48 26.09
C HIS J 128 -13.36 -14.41 27.18
N ASP J 129 -13.15 -15.50 27.92
CA ASP J 129 -12.08 -15.57 28.93
C ASP J 129 -10.70 -15.72 28.25
N GLY J 130 -10.68 -15.85 26.93
CA GLY J 130 -9.42 -15.94 26.18
C GLY J 130 -9.01 -17.38 25.93
N SER J 131 -9.88 -18.33 26.28
CA SER J 131 -9.59 -19.73 26.04
C SER J 131 -9.90 -20.08 24.59
N VAL J 132 -9.06 -20.89 23.99
CA VAL J 132 -9.21 -21.35 22.62
C VAL J 132 -9.31 -22.87 22.61
N MET J 133 -10.22 -23.39 21.81
CA MET J 133 -10.36 -24.84 21.65
C MET J 133 -10.35 -25.16 20.15
N PHE J 134 -9.68 -26.25 19.82
CA PHE J 134 -9.42 -26.64 18.44
C PHE J 134 -9.37 -28.18 18.37
N ILE J 135 -10.20 -28.77 17.52
CA ILE J 135 -10.40 -30.23 17.56
C ILE J 135 -10.19 -30.81 16.15
N PRO J 136 -8.91 -30.87 15.71
CA PRO J 136 -8.61 -31.43 14.40
C PRO J 136 -8.80 -32.95 14.34
N ALA J 137 -9.56 -33.42 13.35
CA ALA J 137 -9.63 -34.84 13.00
C ALA J 137 -8.48 -35.17 12.04
N GLN J 138 -7.80 -36.29 12.29
CA GLN J 138 -6.56 -36.63 11.59
C GLN J 138 -6.51 -38.13 11.24
N ARG J 139 -5.81 -38.45 10.16
CA ARG J 139 -5.38 -39.83 9.91
C ARG J 139 -3.85 -39.89 10.04
N LEU J 140 -3.38 -40.77 10.93
CA LEU J 140 -1.95 -40.87 11.28
C LEU J 140 -1.43 -42.26 10.92
N SER J 141 -0.32 -42.31 10.18
CA SER J 141 0.49 -43.52 10.03
C SER J 141 1.68 -43.45 11.00
N PHE J 142 1.88 -44.46 11.85
CA PHE J 142 2.98 -44.42 12.83
C PHE J 142 3.60 -45.80 13.06
N MET J 143 4.71 -45.80 13.79
CA MET J 143 5.56 -46.96 13.96
C MET J 143 4.93 -47.91 14.97
N CYS J 144 4.63 -49.13 14.53
CA CYS J 144 3.89 -50.09 15.33
C CYS J 144 4.03 -51.49 14.72
N ASP J 145 4.48 -52.46 15.52
CA ASP J 145 4.63 -53.87 15.09
C ASP J 145 3.34 -54.62 15.43
N PRO J 146 2.55 -54.99 14.41
CA PRO J 146 1.29 -55.69 14.61
C PRO J 146 1.40 -57.23 14.67
N THR J 147 2.61 -57.79 14.72
CA THR J 147 2.77 -59.25 14.89
C THR J 147 2.03 -59.69 16.16
N GLY J 148 1.08 -60.60 16.01
CA GLY J 148 0.31 -61.14 17.12
C GLY J 148 -1.07 -60.49 17.26
N VAL J 149 -1.46 -59.66 16.30
CA VAL J 149 -2.73 -58.93 16.39
C VAL J 149 -3.91 -59.92 16.19
N ASP J 150 -3.64 -61.04 15.52
CA ASP J 150 -4.65 -62.08 15.27
C ASP J 150 -4.79 -63.03 16.48
N SER J 151 -4.08 -62.77 17.58
CA SER J 151 -4.19 -63.64 18.76
C SER J 151 -5.20 -63.06 19.76
N GLU J 152 -5.43 -63.76 20.86
CA GLU J 152 -6.39 -63.33 21.88
C GLU J 152 -5.77 -62.22 22.73
N GLU J 153 -4.47 -62.31 22.96
CA GLU J 153 -3.72 -61.32 23.75
C GLU J 153 -3.68 -59.97 23.00
N GLY J 154 -3.51 -60.05 21.69
CA GLY J 154 -3.46 -58.85 20.85
C GLY J 154 -2.09 -58.21 20.87
N VAL J 155 -2.06 -56.90 20.64
CA VAL J 155 -0.81 -56.17 20.49
C VAL J 155 -0.97 -54.79 21.13
N THR J 156 0.14 -54.28 21.67
CA THR J 156 0.18 -52.94 22.25
C THR J 156 1.05 -52.06 21.36
N CYS J 157 0.62 -50.83 21.14
CA CYS J 157 1.39 -49.84 20.40
C CYS J 157 1.21 -48.45 21.03
N ALA J 158 2.20 -47.59 20.79
CA ALA J 158 2.24 -46.31 21.49
C ALA J 158 2.84 -45.23 20.58
N VAL J 159 2.36 -44.00 20.75
CA VAL J 159 2.91 -42.85 20.04
C VAL J 159 2.81 -41.61 20.93
N LYS J 160 3.89 -40.83 20.97
CA LYS J 160 3.94 -39.60 21.77
C LYS J 160 3.51 -38.39 20.93
N PHE J 161 2.73 -37.50 21.55
CA PHE J 161 2.30 -36.25 20.94
C PHE J 161 2.83 -35.08 21.78
N GLY J 162 3.61 -34.19 21.19
CA GLY J 162 4.12 -33.03 21.92
C GLY J 162 4.60 -31.94 20.98
N SER J 163 4.99 -30.81 21.56
CA SER J 163 5.57 -29.73 20.79
C SER J 163 6.90 -30.22 20.19
N TRP J 164 7.14 -29.83 18.94
CA TRP J 164 8.38 -30.19 18.28
C TRP J 164 9.50 -29.23 18.72
N VAL J 165 9.19 -27.95 18.96
CA VAL J 165 10.27 -26.95 19.12
C VAL J 165 10.23 -26.28 20.50
N TYR J 166 9.14 -26.41 21.26
CA TYR J 166 9.07 -25.77 22.58
C TYR J 166 9.33 -26.80 23.69
N SER J 167 10.27 -26.48 24.57
CA SER J 167 10.52 -27.27 25.77
C SER J 167 9.41 -27.03 26.81
N GLY J 168 9.52 -27.77 27.92
CA GLY J 168 8.59 -27.65 29.04
C GLY J 168 8.58 -26.26 29.68
N PHE J 169 9.62 -25.45 29.44
CA PHE J 169 9.68 -24.10 30.00
C PHE J 169 8.80 -23.12 29.21
N GLU J 170 8.33 -23.51 28.02
CA GLU J 170 7.41 -22.66 27.24
C GLU J 170 6.04 -23.33 27.06
N ILE J 171 6.02 -24.63 26.77
CA ILE J 171 4.74 -25.34 26.61
C ILE J 171 4.72 -26.54 27.56
N ASP J 172 3.74 -26.54 28.46
CA ASP J 172 3.45 -27.70 29.29
C ASP J 172 2.15 -28.33 28.79
N LEU J 173 2.00 -29.63 28.97
CA LEU J 173 0.79 -30.34 28.55
C LEU J 173 0.11 -30.95 29.79
N LYS J 174 -1.18 -31.21 29.66
CA LYS J 174 -1.86 -32.06 30.62
C LYS J 174 -3.09 -32.68 29.96
N THR J 175 -3.67 -33.67 30.63
CA THR J 175 -4.91 -34.30 30.21
C THR J 175 -5.98 -34.07 31.29
N ASP J 176 -7.24 -34.08 30.88
CA ASP J 176 -8.37 -34.00 31.81
C ASP J 176 -8.67 -35.40 32.36
N THR J 177 -8.39 -36.41 31.55
CA THR J 177 -8.55 -37.82 31.94
C THR J 177 -7.48 -38.65 31.23
N ASP J 178 -7.15 -39.80 31.80
CA ASP J 178 -6.12 -40.67 31.22
C ASP J 178 -6.79 -41.73 30.34
N GLN J 179 -8.12 -41.76 30.30
CA GLN J 179 -8.87 -42.69 29.45
C GLN J 179 -9.19 -42.01 28.11
N VAL J 180 -8.75 -42.64 27.02
CA VAL J 180 -9.11 -42.20 25.68
C VAL J 180 -10.61 -42.45 25.47
N ASP J 181 -11.28 -41.51 24.82
CA ASP J 181 -12.71 -41.60 24.54
C ASP J 181 -12.94 -42.61 23.40
N LEU J 182 -13.71 -43.67 23.68
CA LEU J 182 -13.97 -44.76 22.72
C LEU J 182 -15.46 -44.82 22.36
N SER J 183 -16.24 -43.82 22.75
CA SER J 183 -17.69 -43.85 22.51
C SER J 183 -18.02 -43.59 21.03
N SER J 184 -17.06 -43.16 20.22
CA SER J 184 -17.26 -43.00 18.77
C SER J 184 -16.49 -44.08 17.99
N TYR J 185 -15.99 -45.12 18.65
CA TYR J 185 -15.17 -46.10 17.93
C TYR J 185 -16.05 -46.90 16.97
N TYR J 186 -15.56 -47.05 15.74
CA TYR J 186 -16.29 -47.74 14.68
C TYR J 186 -16.52 -49.20 15.10
N ALA J 187 -17.79 -49.57 15.21
CA ALA J 187 -18.21 -50.84 15.79
C ALA J 187 -17.94 -52.00 14.82
N SER J 188 -17.83 -51.75 13.51
CA SER J 188 -17.54 -52.81 12.55
C SER J 188 -16.09 -52.72 12.06
N SER J 189 -15.22 -52.11 12.85
CA SER J 189 -13.78 -52.08 12.57
C SER J 189 -13.22 -53.51 12.48
N LYS J 190 -12.14 -53.67 11.74
CA LYS J 190 -11.42 -54.95 11.73
C LYS J 190 -10.75 -55.20 13.09
N TYR J 191 -10.55 -54.16 13.90
CA TYR J 191 -9.83 -54.31 15.16
C TYR J 191 -10.71 -53.83 16.32
N GLU J 192 -10.65 -54.52 17.45
CA GLU J 192 -11.36 -54.08 18.66
C GLU J 192 -10.33 -53.59 19.69
N ILE J 193 -10.74 -52.60 20.47
CA ILE J 193 -9.87 -51.95 21.44
C ILE J 193 -9.99 -52.70 22.77
N LEU J 194 -8.85 -53.09 23.33
CA LEU J 194 -8.80 -53.74 24.63
C LEU J 194 -8.53 -52.68 25.71
N SER J 195 -7.65 -51.73 25.42
CA SER J 195 -7.51 -50.53 26.25
C SER J 195 -6.89 -49.40 25.43
N ALA J 196 -7.18 -48.18 25.88
CA ALA J 196 -6.65 -46.97 25.25
C ALA J 196 -6.46 -45.89 26.32
N THR J 197 -5.20 -45.51 26.58
CA THR J 197 -4.89 -44.51 27.59
C THR J 197 -4.06 -43.37 26.99
N GLN J 198 -4.10 -42.23 27.68
CA GLN J 198 -3.37 -41.02 27.30
C GLN J 198 -2.73 -40.44 28.57
N THR J 199 -1.40 -40.34 28.59
CA THR J 199 -0.67 -40.05 29.83
C THR J 199 0.45 -39.04 29.57
N ARG J 200 0.45 -37.96 30.35
CA ARG J 200 1.52 -36.96 30.36
C ARG J 200 2.84 -37.65 30.71
N GLN J 201 3.93 -37.26 30.06
CA GLN J 201 5.24 -37.77 30.46
C GLN J 201 6.31 -36.75 30.06
N VAL J 202 7.42 -36.78 30.80
CA VAL J 202 8.56 -35.89 30.60
C VAL J 202 9.64 -36.68 29.84
N GLN J 203 10.36 -35.99 28.96
CA GLN J 203 11.28 -36.65 28.05
C GLN J 203 12.53 -35.76 27.87
N HIS J 204 13.69 -36.39 27.80
CA HIS J 204 14.94 -35.70 27.46
C HIS J 204 15.47 -36.28 26.14
N TYR J 205 16.08 -35.43 25.32
CA TYR J 205 16.60 -35.84 24.02
C TYR J 205 18.07 -35.41 23.89
N SER J 206 18.84 -36.16 23.10
CA SER J 206 20.29 -35.94 22.95
C SER J 206 20.58 -34.57 22.33
N CYS J 207 19.66 -34.07 21.50
CA CYS J 207 19.88 -32.80 20.77
C CYS J 207 19.96 -31.60 21.73
N CYS J 208 19.26 -31.66 22.85
CA CYS J 208 18.78 -30.46 23.51
C CYS J 208 18.83 -30.63 25.04
N PRO J 209 19.11 -29.55 25.78
CA PRO J 209 19.28 -29.61 27.24
C PRO J 209 18.01 -29.50 28.11
N GLU J 210 16.86 -29.20 27.54
CA GLU J 210 15.66 -28.96 28.35
C GLU J 210 14.75 -30.20 28.33
N PRO J 211 13.88 -30.34 29.33
CA PRO J 211 12.86 -31.38 29.30
C PRO J 211 11.73 -31.06 28.31
N TYR J 212 11.26 -32.05 27.57
CA TYR J 212 10.12 -31.90 26.66
C TYR J 212 8.93 -32.70 27.18
N ILE J 213 7.74 -32.11 27.11
CA ILE J 213 6.52 -32.76 27.59
C ILE J 213 5.78 -33.37 26.40
N ASP J 214 5.17 -34.54 26.62
CA ASP J 214 4.31 -35.16 25.61
C ASP J 214 3.14 -35.86 26.29
N VAL J 215 2.13 -36.20 25.49
CA VAL J 215 1.07 -37.09 25.91
C VAL J 215 1.25 -38.41 25.15
N ASN J 216 1.41 -39.48 25.90
CA ASN J 216 1.68 -40.80 25.34
C ASN J 216 0.36 -41.55 25.15
N LEU J 217 -0.02 -41.75 23.89
CA LEU J 217 -1.21 -42.51 23.55
C LEU J 217 -0.82 -43.99 23.42
N VAL J 218 -1.38 -44.84 24.29
CA VAL J 218 -1.06 -46.27 24.32
C VAL J 218 -2.34 -47.04 24.01
N VAL J 219 -2.36 -47.74 22.88
CA VAL J 219 -3.55 -48.47 22.47
C VAL J 219 -3.20 -49.95 22.36
N LYS J 220 -4.07 -50.77 22.93
CA LYS J 220 -3.94 -52.22 22.89
C LYS J 220 -5.17 -52.76 22.14
N PHE J 221 -4.93 -53.59 21.12
CA PHE J 221 -6.00 -53.99 20.21
C PHE J 221 -5.70 -55.35 19.59
N ARG J 222 -6.74 -55.95 19.00
CA ARG J 222 -6.64 -57.23 18.32
C ARG J 222 -7.70 -57.32 17.21
N GLU J 223 -7.60 -58.33 16.36
CA GLU J 223 -8.62 -58.62 15.36
C GLU J 223 -9.93 -58.98 16.06
N ARG J 224 -11.04 -58.51 15.49
CA ARG J 224 -12.35 -58.45 16.18
C ARG J 224 -12.86 -59.85 16.57
N ARG J 225 -12.48 -60.91 15.86
CA ARG J 225 -13.01 -62.27 16.17
C ARG J 225 -12.74 -62.62 17.65
#